data_7U2U
# 
_entry.id   7U2U 
# 
_audit_conform.dict_name       mmcif_pdbx.dic 
_audit_conform.dict_version    5.380 
_audit_conform.dict_location   http://mmcif.pdb.org/dictionaries/ascii/mmcif_pdbx.dic 
# 
loop_
_database_2.database_id 
_database_2.database_code 
_database_2.pdbx_database_accession 
_database_2.pdbx_DOI 
PDB   7U2U         pdb_00007u2u 10.2210/pdb7u2u/pdb 
WWPDB D_1000263443 ?            ?                   
# 
_pdbx_database_status.status_code                     REL 
_pdbx_database_status.status_code_sf                  REL 
_pdbx_database_status.status_code_mr                  ? 
_pdbx_database_status.entry_id                        7U2U 
_pdbx_database_status.recvd_initial_deposition_date   2022-02-24 
_pdbx_database_status.SG_entry                        N 
_pdbx_database_status.deposit_site                    RCSB 
_pdbx_database_status.process_site                    RCSB 
_pdbx_database_status.status_code_cs                  ? 
_pdbx_database_status.status_code_nmr_data            ? 
_pdbx_database_status.methods_development_category    ? 
_pdbx_database_status.pdb_format_compatible           Y 
# 
loop_
_audit_author.name 
_audit_author.pdbx_ordinal 
_audit_author.identifier_ORCID 
'Khan, J.A.' 1 ? 
'lewis, H.'  2 ? 
'Kish, K.'   3 ? 
# 
_citation.abstract                  ? 
_citation.abstract_id_CAS           ? 
_citation.book_id_ISBN              ? 
_citation.book_publisher            ? 
_citation.book_publisher_city       ? 
_citation.book_title                ? 
_citation.coordinate_linkage        ? 
_citation.country                   UK 
_citation.database_id_Medline       ? 
_citation.details                   ? 
_citation.id                        primary 
_citation.journal_abbrev            Bioorg.Med.Chem. 
_citation.journal_id_ASTM           BMECEP 
_citation.journal_id_CSD            1200 
_citation.journal_id_ISSN           1464-3391 
_citation.journal_full              ? 
_citation.journal_issue             ? 
_citation.journal_volume            67 
_citation.language                  ? 
_citation.page_first                116833 
_citation.page_last                 116833 
_citation.title                     
'Scaffold modifications to the 4-(4,4-dimethylpiperidinyl) 2,6-dimethylpyridinyl class of HIV-1 allosteric integrase inhibitors.' 
_citation.year                      2022 
_citation.database_id_CSD           ? 
_citation.pdbx_database_id_DOI      10.1016/j.bmc.2022.116833 
_citation.pdbx_database_id_PubMed   35605346 
_citation.pdbx_database_id_patent   ? 
_citation.unpublished_flag          ? 
# 
loop_
_citation_author.citation_id 
_citation_author.name 
_citation_author.ordinal 
_citation_author.identifier_ORCID 
primary 'Parcella, K.'     1  ? 
primary 'Patel, M.'        2  ? 
primary 'Tu, Y.'           3  ? 
primary 'Eastman, K.'      4  ? 
primary 'Peese, K.'        5  ? 
primary 'Gillis, E.'       6  ? 
primary 'Belema, M.'       7  ? 
primary 'Dicker, I.B.'     8  ? 
primary 'McAuliffe, B.'    9  ? 
primary 'Ding, B.'         10 ? 
primary 'Falk, P.'         11 ? 
primary 'Simmermacher, J.' 12 ? 
primary 'Parker, D.D.'     13 ? 
primary 'Sivaprakasam, P.' 14 ? 
primary 'Khan, J.A.'       15 ? 
primary 'Kish, K.'         16 ? 
primary 'Lewis, H.'        17 ? 
primary 'Hanumegowda, U.'  18 ? 
primary 'Jenkins, S.'      19 ? 
primary 'Kadow, J.F.'      20 ? 
primary 'Krystal, M.'      21 ? 
primary 'Meanwell, N.A.'   22 ? 
primary 'Naidu, B.N.'      23 ? 
# 
_cell.angle_alpha                  90.000 
_cell.angle_alpha_esd              ? 
_cell.angle_beta                   90.000 
_cell.angle_beta_esd               ? 
_cell.angle_gamma                  120.000 
_cell.angle_gamma_esd              ? 
_cell.entry_id                     7U2U 
_cell.details                      ? 
_cell.formula_units_Z              ? 
_cell.length_a                     71.421 
_cell.length_a_esd                 ? 
_cell.length_b                     71.421 
_cell.length_b_esd                 ? 
_cell.length_c                     67.130 
_cell.length_c_esd                 ? 
_cell.volume                       ? 
_cell.volume_esd                   ? 
_cell.Z_PDB                        6 
_cell.reciprocal_angle_alpha       ? 
_cell.reciprocal_angle_beta        ? 
_cell.reciprocal_angle_gamma       ? 
_cell.reciprocal_angle_alpha_esd   ? 
_cell.reciprocal_angle_beta_esd    ? 
_cell.reciprocal_angle_gamma_esd   ? 
_cell.reciprocal_length_a          ? 
_cell.reciprocal_length_b          ? 
_cell.reciprocal_length_c          ? 
_cell.reciprocal_length_a_esd      ? 
_cell.reciprocal_length_b_esd      ? 
_cell.reciprocal_length_c_esd      ? 
_cell.pdbx_unique_axis             ? 
# 
_symmetry.entry_id                         7U2U 
_symmetry.cell_setting                     ? 
_symmetry.Int_Tables_number                152 
_symmetry.space_group_name_Hall            ? 
_symmetry.space_group_name_H-M             'P 31 2 1' 
_symmetry.pdbx_full_space_group_name_H-M   ? 
# 
loop_
_entity.id 
_entity.type 
_entity.src_method 
_entity.pdbx_description 
_entity.formula_weight 
_entity.pdbx_number_of_molecules 
_entity.pdbx_ec 
_entity.pdbx_mutation 
_entity.pdbx_fragment 
_entity.details 
1 polymer     man Integrase 19685.273 1  ? ? ? ? 
2 non-polymer syn 
;(2S)-tert-butoxy[(4S)-7-(4,4-dimethylpiperidin-1-yl)-8-{4-[2-(4-fluorophenyl)ethoxy]phenyl}-2,5-dimethylimidazo[1,2-a]pyridin-6-yl]acetic acid
;
601.751   1  ? ? ? ? 
3 non-polymer syn 'SULFATE ION' 96.063    3  ? ? ? ? 
4 water       nat water 18.015    51 ? ? ? ? 
# 
_entity_poly.entity_id                      1 
_entity_poly.type                           'polypeptide(L)' 
_entity_poly.nstd_linkage                   no 
_entity_poly.nstd_monomer                   no 
_entity_poly.pdbx_seq_one_letter_code       
;MGSSHHHHHHSSGLVPRGSHMHGQVDSSPGIWQLDCTHLEGKVILVAVHVASGYIEAEVIPAETGQETAYFLLKLAGRWP
VKTVHTDNGSNFTSTTVKAACWWAGIKQEDGIPYNPQSQGVIESMNKELKKIIGQVRDQAEHLKTAVQMAVFIHNHKRKG
GIGGYSAGERIVDIIATDIQ
;
_entity_poly.pdbx_seq_one_letter_code_can   
;MGSSHHHHHHSSGLVPRGSHMHGQVDSSPGIWQLDCTHLEGKVILVAVHVASGYIEAEVIPAETGQETAYFLLKLAGRWP
VKTVHTDNGSNFTSTTVKAACWWAGIKQEDGIPYNPQSQGVIESMNKELKKIIGQVRDQAEHLKTAVQMAVFIHNHKRKG
GIGGYSAGERIVDIIATDIQ
;
_entity_poly.pdbx_strand_id                 A 
_entity_poly.pdbx_target_identifier         ? 
# 
loop_
_entity_poly_seq.entity_id 
_entity_poly_seq.num 
_entity_poly_seq.mon_id 
_entity_poly_seq.hetero 
1 1   MET n 
1 2   GLY n 
1 3   SER n 
1 4   SER n 
1 5   HIS n 
1 6   HIS n 
1 7   HIS n 
1 8   HIS n 
1 9   HIS n 
1 10  HIS n 
1 11  SER n 
1 12  SER n 
1 13  GLY n 
1 14  LEU n 
1 15  VAL n 
1 16  PRO n 
1 17  ARG n 
1 18  GLY n 
1 19  SER n 
1 20  HIS n 
1 21  MET n 
1 22  HIS n 
1 23  GLY n 
1 24  GLN n 
1 25  VAL n 
1 26  ASP n 
1 27  SER n 
1 28  SER n 
1 29  PRO n 
1 30  GLY n 
1 31  ILE n 
1 32  TRP n 
1 33  GLN n 
1 34  LEU n 
1 35  ASP n 
1 36  CYS n 
1 37  THR n 
1 38  HIS n 
1 39  LEU n 
1 40  GLU n 
1 41  GLY n 
1 42  LYS n 
1 43  VAL n 
1 44  ILE n 
1 45  LEU n 
1 46  VAL n 
1 47  ALA n 
1 48  VAL n 
1 49  HIS n 
1 50  VAL n 
1 51  ALA n 
1 52  SER n 
1 53  GLY n 
1 54  TYR n 
1 55  ILE n 
1 56  GLU n 
1 57  ALA n 
1 58  GLU n 
1 59  VAL n 
1 60  ILE n 
1 61  PRO n 
1 62  ALA n 
1 63  GLU n 
1 64  THR n 
1 65  GLY n 
1 66  GLN n 
1 67  GLU n 
1 68  THR n 
1 69  ALA n 
1 70  TYR n 
1 71  PHE n 
1 72  LEU n 
1 73  LEU n 
1 74  LYS n 
1 75  LEU n 
1 76  ALA n 
1 77  GLY n 
1 78  ARG n 
1 79  TRP n 
1 80  PRO n 
1 81  VAL n 
1 82  LYS n 
1 83  THR n 
1 84  VAL n 
1 85  HIS n 
1 86  THR n 
1 87  ASP n 
1 88  ASN n 
1 89  GLY n 
1 90  SER n 
1 91  ASN n 
1 92  PHE n 
1 93  THR n 
1 94  SER n 
1 95  THR n 
1 96  THR n 
1 97  VAL n 
1 98  LYS n 
1 99  ALA n 
1 100 ALA n 
1 101 CYS n 
1 102 TRP n 
1 103 TRP n 
1 104 ALA n 
1 105 GLY n 
1 106 ILE n 
1 107 LYS n 
1 108 GLN n 
1 109 GLU n 
1 110 ASP n 
1 111 GLY n 
1 112 ILE n 
1 113 PRO n 
1 114 TYR n 
1 115 ASN n 
1 116 PRO n 
1 117 GLN n 
1 118 SER n 
1 119 GLN n 
1 120 GLY n 
1 121 VAL n 
1 122 ILE n 
1 123 GLU n 
1 124 SER n 
1 125 MET n 
1 126 ASN n 
1 127 LYS n 
1 128 GLU n 
1 129 LEU n 
1 130 LYS n 
1 131 LYS n 
1 132 ILE n 
1 133 ILE n 
1 134 GLY n 
1 135 GLN n 
1 136 VAL n 
1 137 ARG n 
1 138 ASP n 
1 139 GLN n 
1 140 ALA n 
1 141 GLU n 
1 142 HIS n 
1 143 LEU n 
1 144 LYS n 
1 145 THR n 
1 146 ALA n 
1 147 VAL n 
1 148 GLN n 
1 149 MET n 
1 150 ALA n 
1 151 VAL n 
1 152 PHE n 
1 153 ILE n 
1 154 HIS n 
1 155 ASN n 
1 156 HIS n 
1 157 LYS n 
1 158 ARG n 
1 159 LYS n 
1 160 GLY n 
1 161 GLY n 
1 162 ILE n 
1 163 GLY n 
1 164 GLY n 
1 165 TYR n 
1 166 SER n 
1 167 ALA n 
1 168 GLY n 
1 169 GLU n 
1 170 ARG n 
1 171 ILE n 
1 172 VAL n 
1 173 ASP n 
1 174 ILE n 
1 175 ILE n 
1 176 ALA n 
1 177 THR n 
1 178 ASP n 
1 179 ILE n 
1 180 GLN n 
# 
_entity_src_gen.entity_id                          1 
_entity_src_gen.pdbx_src_id                        1 
_entity_src_gen.pdbx_alt_source_flag               sample 
_entity_src_gen.pdbx_seq_type                      'Biological sequence' 
_entity_src_gen.pdbx_beg_seq_num                   1 
_entity_src_gen.pdbx_end_seq_num                   180 
_entity_src_gen.gene_src_common_name               ? 
_entity_src_gen.gene_src_genus                     ? 
_entity_src_gen.pdbx_gene_src_gene                 ? 
_entity_src_gen.gene_src_species                   ? 
_entity_src_gen.gene_src_strain                    ? 
_entity_src_gen.gene_src_tissue                    ? 
_entity_src_gen.gene_src_tissue_fraction           ? 
_entity_src_gen.gene_src_details                   ? 
_entity_src_gen.pdbx_gene_src_fragment             ? 
_entity_src_gen.pdbx_gene_src_scientific_name      'Human immunodeficiency virus 1' 
_entity_src_gen.pdbx_gene_src_ncbi_taxonomy_id     11676 
_entity_src_gen.pdbx_gene_src_variant              ? 
_entity_src_gen.pdbx_gene_src_cell_line            ? 
_entity_src_gen.pdbx_gene_src_atcc                 ? 
_entity_src_gen.pdbx_gene_src_organ                ? 
_entity_src_gen.pdbx_gene_src_organelle            ? 
_entity_src_gen.pdbx_gene_src_cell                 ? 
_entity_src_gen.pdbx_gene_src_cellular_location    ? 
_entity_src_gen.host_org_common_name               ? 
_entity_src_gen.pdbx_host_org_scientific_name      'Escherichia coli BL21' 
_entity_src_gen.pdbx_host_org_ncbi_taxonomy_id     511693 
_entity_src_gen.host_org_genus                     ? 
_entity_src_gen.pdbx_host_org_gene                 ? 
_entity_src_gen.pdbx_host_org_organ                ? 
_entity_src_gen.host_org_species                   ? 
_entity_src_gen.pdbx_host_org_tissue               ? 
_entity_src_gen.pdbx_host_org_tissue_fraction      ? 
_entity_src_gen.pdbx_host_org_strain               ? 
_entity_src_gen.pdbx_host_org_variant              ? 
_entity_src_gen.pdbx_host_org_cell_line            ? 
_entity_src_gen.pdbx_host_org_atcc                 ? 
_entity_src_gen.pdbx_host_org_culture_collection   ? 
_entity_src_gen.pdbx_host_org_cell                 ? 
_entity_src_gen.pdbx_host_org_organelle            ? 
_entity_src_gen.pdbx_host_org_cellular_location    ? 
_entity_src_gen.pdbx_host_org_vector_type          PLASMID 
_entity_src_gen.pdbx_host_org_vector               ? 
_entity_src_gen.host_org_details                   ? 
_entity_src_gen.expression_system_id               ? 
_entity_src_gen.plasmid_name                       pET15b 
_entity_src_gen.plasmid_details                    ? 
_entity_src_gen.pdbx_description                   ? 
# 
_struct_ref.id                         1 
_struct_ref.db_name                    UNP 
_struct_ref.db_code                    Q76353_9HIV1 
_struct_ref.pdbx_db_accession          Q76353 
_struct_ref.pdbx_db_isoform            ? 
_struct_ref.entity_id                  1 
_struct_ref.pdbx_seq_one_letter_code   
;MHGQVDCSPGIWQLDCTHLEGKVILVAVHVASGYIEAEVIPAETGQETAYFLLKLAGRWPVKTVHTDNGSNFTSTTVKAA
CWWAGIKQEFGIPYNPQSQGVIESMNKELKKIIGQVRDQAEHLKTAVQMAVFIHNFKRKGGIGGYSAGERIVDIIATDIQ

;
_struct_ref.pdbx_align_begin           50 
# 
_struct_ref_seq.align_id                      1 
_struct_ref_seq.ref_id                        1 
_struct_ref_seq.pdbx_PDB_id_code              7U2U 
_struct_ref_seq.pdbx_strand_id                A 
_struct_ref_seq.seq_align_beg                 21 
_struct_ref_seq.pdbx_seq_align_beg_ins_code   ? 
_struct_ref_seq.seq_align_end                 180 
_struct_ref_seq.pdbx_seq_align_end_ins_code   ? 
_struct_ref_seq.pdbx_db_accession             Q76353 
_struct_ref_seq.db_align_beg                  50 
_struct_ref_seq.pdbx_db_align_beg_ins_code    ? 
_struct_ref_seq.db_align_end                  209 
_struct_ref_seq.pdbx_db_align_end_ins_code    ? 
_struct_ref_seq.pdbx_auth_seq_align_beg       50 
_struct_ref_seq.pdbx_auth_seq_align_end       209 
# 
loop_
_struct_ref_seq_dif.align_id 
_struct_ref_seq_dif.pdbx_pdb_id_code 
_struct_ref_seq_dif.mon_id 
_struct_ref_seq_dif.pdbx_pdb_strand_id 
_struct_ref_seq_dif.seq_num 
_struct_ref_seq_dif.pdbx_pdb_ins_code 
_struct_ref_seq_dif.pdbx_seq_db_name 
_struct_ref_seq_dif.pdbx_seq_db_accession_code 
_struct_ref_seq_dif.db_mon_id 
_struct_ref_seq_dif.pdbx_seq_db_seq_num 
_struct_ref_seq_dif.details 
_struct_ref_seq_dif.pdbx_auth_seq_num 
_struct_ref_seq_dif.pdbx_ordinal 
1 7U2U MET A 1   ? UNP Q76353 ?   ?   'expression tag' 30  1  
1 7U2U GLY A 2   ? UNP Q76353 ?   ?   'expression tag' 31  2  
1 7U2U SER A 3   ? UNP Q76353 ?   ?   'expression tag' 32  3  
1 7U2U SER A 4   ? UNP Q76353 ?   ?   'expression tag' 33  4  
1 7U2U HIS A 5   ? UNP Q76353 ?   ?   'expression tag' 34  5  
1 7U2U HIS A 6   ? UNP Q76353 ?   ?   'expression tag' 35  6  
1 7U2U HIS A 7   ? UNP Q76353 ?   ?   'expression tag' 36  7  
1 7U2U HIS A 8   ? UNP Q76353 ?   ?   'expression tag' 37  8  
1 7U2U HIS A 9   ? UNP Q76353 ?   ?   'expression tag' 38  9  
1 7U2U HIS A 10  ? UNP Q76353 ?   ?   'expression tag' 39  10 
1 7U2U SER A 11  ? UNP Q76353 ?   ?   'expression tag' 40  11 
1 7U2U SER A 12  ? UNP Q76353 ?   ?   'expression tag' 41  12 
1 7U2U GLY A 13  ? UNP Q76353 ?   ?   'expression tag' 42  13 
1 7U2U LEU A 14  ? UNP Q76353 ?   ?   'expression tag' 43  14 
1 7U2U VAL A 15  ? UNP Q76353 ?   ?   'expression tag' 44  15 
1 7U2U PRO A 16  ? UNP Q76353 ?   ?   'expression tag' 45  16 
1 7U2U ARG A 17  ? UNP Q76353 ?   ?   'expression tag' 46  17 
1 7U2U GLY A 18  ? UNP Q76353 ?   ?   'expression tag' 47  18 
1 7U2U SER A 19  ? UNP Q76353 ?   ?   'expression tag' 48  19 
1 7U2U HIS A 20  ? UNP Q76353 ?   ?   'expression tag' 49  20 
1 7U2U SER A 27  ? UNP Q76353 CYS 56  conflict         56  21 
1 7U2U ASP A 110 ? UNP Q76353 PHE 139 conflict         139 22 
1 7U2U HIS A 156 ? UNP Q76353 PHE 185 conflict         185 23 
# 
loop_
_chem_comp.id 
_chem_comp.type 
_chem_comp.mon_nstd_flag 
_chem_comp.name 
_chem_comp.pdbx_synonyms 
_chem_comp.formula 
_chem_comp.formula_weight 
ALA 'L-peptide linking' y ALANINE ? 'C3 H7 N O2'      89.093  
ARG 'L-peptide linking' y ARGININE ? 'C6 H15 N4 O2 1'  175.209 
ASN 'L-peptide linking' y ASPARAGINE ? 'C4 H8 N2 O3'     132.118 
ASP 'L-peptide linking' y 'ASPARTIC ACID' ? 'C4 H7 N O4'      133.103 
CYS 'L-peptide linking' y CYSTEINE ? 'C3 H7 N O2 S'    121.158 
GLN 'L-peptide linking' y GLUTAMINE ? 'C5 H10 N2 O3'    146.144 
GLU 'L-peptide linking' y 'GLUTAMIC ACID' ? 'C5 H9 N O4'      147.129 
GLY 'peptide linking'   y GLYCINE ? 'C2 H5 N O2'      75.067  
HIS 'L-peptide linking' y HISTIDINE ? 'C6 H10 N3 O2 1'  156.162 
HOH non-polymer         . WATER ? 'H2 O'            18.015  
ILE 'L-peptide linking' y ISOLEUCINE ? 'C6 H13 N O2'     131.173 
KZD non-polymer         . 
;(2S)-tert-butoxy[(4S)-7-(4,4-dimethylpiperidin-1-yl)-8-{4-[2-(4-fluorophenyl)ethoxy]phenyl}-2,5-dimethylimidazo[1,2-a]pyridin-6-yl]acetic acid
;
? 'C36 H44 F N3 O4' 601.751 
LEU 'L-peptide linking' y LEUCINE ? 'C6 H13 N O2'     131.173 
LYS 'L-peptide linking' y LYSINE ? 'C6 H15 N2 O2 1'  147.195 
MET 'L-peptide linking' y METHIONINE ? 'C5 H11 N O2 S'   149.211 
PHE 'L-peptide linking' y PHENYLALANINE ? 'C9 H11 N O2'     165.189 
PRO 'L-peptide linking' y PROLINE ? 'C5 H9 N O2'      115.130 
SER 'L-peptide linking' y SERINE ? 'C3 H7 N O3'      105.093 
SO4 non-polymer         . 'SULFATE ION' ? 'O4 S -2'         96.063  
THR 'L-peptide linking' y THREONINE ? 'C4 H9 N O3'      119.119 
TRP 'L-peptide linking' y TRYPTOPHAN ? 'C11 H12 N2 O2'   204.225 
TYR 'L-peptide linking' y TYROSINE ? 'C9 H11 N O3'     181.189 
VAL 'L-peptide linking' y VALINE ? 'C5 H11 N O2'     117.146 
# 
_exptl.absorpt_coefficient_mu     ? 
_exptl.absorpt_correction_T_max   ? 
_exptl.absorpt_correction_T_min   ? 
_exptl.absorpt_correction_type    ? 
_exptl.absorpt_process_details    ? 
_exptl.entry_id                   7U2U 
_exptl.crystals_number            1 
_exptl.details                    ? 
_exptl.method                     'X-RAY DIFFRACTION' 
_exptl.method_details             ? 
# 
_exptl_crystal.colour                      ? 
_exptl_crystal.density_diffrn              ? 
_exptl_crystal.density_Matthews            2.51 
_exptl_crystal.density_method              ? 
_exptl_crystal.density_percent_sol         51.01 
_exptl_crystal.description                 ? 
_exptl_crystal.F_000                       ? 
_exptl_crystal.id                          1 
_exptl_crystal.preparation                 ? 
_exptl_crystal.size_max                    ? 
_exptl_crystal.size_mid                    ? 
_exptl_crystal.size_min                    ? 
_exptl_crystal.size_rad                    ? 
_exptl_crystal.colour_lustre               ? 
_exptl_crystal.colour_modifier             ? 
_exptl_crystal.colour_primary              ? 
_exptl_crystal.density_meas                ? 
_exptl_crystal.density_meas_esd            ? 
_exptl_crystal.density_meas_gt             ? 
_exptl_crystal.density_meas_lt             ? 
_exptl_crystal.density_meas_temp           ? 
_exptl_crystal.density_meas_temp_esd       ? 
_exptl_crystal.density_meas_temp_gt        ? 
_exptl_crystal.density_meas_temp_lt        ? 
_exptl_crystal.pdbx_crystal_image_url      ? 
_exptl_crystal.pdbx_crystal_image_format   ? 
_exptl_crystal.pdbx_mosaicity              ? 
_exptl_crystal.pdbx_mosaicity_esd          ? 
# 
_exptl_crystal_grow.apparatus       ? 
_exptl_crystal_grow.atmosphere      ? 
_exptl_crystal_grow.crystal_id      1 
_exptl_crystal_grow.details         ? 
_exptl_crystal_grow.method          'VAPOR DIFFUSION, SITTING DROP' 
_exptl_crystal_grow.method_ref      ? 
_exptl_crystal_grow.pH              ? 
_exptl_crystal_grow.pressure        ? 
_exptl_crystal_grow.pressure_esd    ? 
_exptl_crystal_grow.seeding         ? 
_exptl_crystal_grow.seeding_ref     ? 
_exptl_crystal_grow.temp            293 
_exptl_crystal_grow.temp_details    ? 
_exptl_crystal_grow.temp_esd        ? 
_exptl_crystal_grow.time            ? 
_exptl_crystal_grow.pdbx_details    '0.2-0.18M Ammonium Sulfate, 100mM Na acetate pH 4.6-5.0' 
_exptl_crystal_grow.pdbx_pH_range   6.0? 
# 
_diffrn.ambient_environment              ? 
_diffrn.ambient_temp                     100 
_diffrn.ambient_temp_details             ? 
_diffrn.ambient_temp_esd                 ? 
_diffrn.crystal_id                       1 
_diffrn.crystal_support                  ? 
_diffrn.crystal_treatment                ? 
_diffrn.details                          ? 
_diffrn.id                               1 
_diffrn.ambient_pressure                 ? 
_diffrn.ambient_pressure_esd             ? 
_diffrn.ambient_pressure_gt              ? 
_diffrn.ambient_pressure_lt              ? 
_diffrn.ambient_temp_gt                  ? 
_diffrn.ambient_temp_lt                  ? 
_diffrn.pdbx_serial_crystal_experiment   N 
# 
_diffrn_detector.details                      ? 
_diffrn_detector.detector                     PIXEL 
_diffrn_detector.diffrn_id                    1 
_diffrn_detector.type                         'DECTRIS PILATUS 6M' 
_diffrn_detector.area_resol_mean              ? 
_diffrn_detector.dtime                        ? 
_diffrn_detector.pdbx_frames_total            ? 
_diffrn_detector.pdbx_collection_time_total   ? 
_diffrn_detector.pdbx_collection_date         2016-06-15 
_diffrn_detector.pdbx_frequency               ? 
# 
_diffrn_radiation.collimation                      ? 
_diffrn_radiation.diffrn_id                        1 
_diffrn_radiation.filter_edge                      ? 
_diffrn_radiation.inhomogeneity                    ? 
_diffrn_radiation.monochromator                    ? 
_diffrn_radiation.polarisn_norm                    ? 
_diffrn_radiation.polarisn_ratio                   ? 
_diffrn_radiation.probe                            ? 
_diffrn_radiation.type                             ? 
_diffrn_radiation.xray_symbol                      ? 
_diffrn_radiation.wavelength_id                    1 
_diffrn_radiation.pdbx_monochromatic_or_laue_m_l   M 
_diffrn_radiation.pdbx_wavelength_list             ? 
_diffrn_radiation.pdbx_wavelength                  ? 
_diffrn_radiation.pdbx_diffrn_protocol             'SINGLE WAVELENGTH' 
_diffrn_radiation.pdbx_analyzer                    ? 
_diffrn_radiation.pdbx_scattering_type             x-ray 
# 
_diffrn_radiation_wavelength.id           1 
_diffrn_radiation_wavelength.wavelength   1.0 
_diffrn_radiation_wavelength.wt           1.0 
# 
_diffrn_source.current                     ? 
_diffrn_source.details                     ? 
_diffrn_source.diffrn_id                   1 
_diffrn_source.power                       ? 
_diffrn_source.size                        ? 
_diffrn_source.source                      SYNCHROTRON 
_diffrn_source.target                      ? 
_diffrn_source.type                        'APS BEAMLINE 17-ID' 
_diffrn_source.voltage                     ? 
_diffrn_source.take-off_angle              ? 
_diffrn_source.pdbx_wavelength_list        1.0 
_diffrn_source.pdbx_wavelength             ? 
_diffrn_source.pdbx_synchrotron_beamline   17-ID 
_diffrn_source.pdbx_synchrotron_site       APS 
# 
_reflns.B_iso_Wilson_estimate                          38.730 
_reflns.entry_id                                       7U2U 
_reflns.data_reduction_details                         ? 
_reflns.data_reduction_method                          ? 
_reflns.d_resolution_high                              1.839 
_reflns.d_resolution_low                               61.850 
_reflns.details                                        ? 
_reflns.limit_h_max                                    ? 
_reflns.limit_h_min                                    ? 
_reflns.limit_k_max                                    ? 
_reflns.limit_k_min                                    ? 
_reflns.limit_l_max                                    ? 
_reflns.limit_l_min                                    ? 
_reflns.number_all                                     ? 
_reflns.number_obs                                     17638 
_reflns.observed_criterion                             ? 
_reflns.observed_criterion_F_max                       ? 
_reflns.observed_criterion_F_min                       ? 
_reflns.observed_criterion_I_max                       ? 
_reflns.observed_criterion_I_min                       ? 
_reflns.observed_criterion_sigma_F                     ? 
_reflns.observed_criterion_sigma_I                     ? 
_reflns.percent_possible_obs                           100.000 
_reflns.R_free_details                                 ? 
_reflns.Rmerge_F_all                                   ? 
_reflns.Rmerge_F_obs                                   ? 
_reflns.Friedel_coverage                               ? 
_reflns.number_gt                                      ? 
_reflns.threshold_expression                           ? 
_reflns.pdbx_redundancy                                9.800 
_reflns.pdbx_Rmerge_I_obs                              0.051 
_reflns.pdbx_Rmerge_I_all                              ? 
_reflns.pdbx_Rsym_value                                ? 
_reflns.pdbx_netI_over_av_sigmaI                       ? 
_reflns.pdbx_netI_over_sigmaI                          21.600 
_reflns.pdbx_res_netI_over_av_sigmaI_2                 ? 
_reflns.pdbx_res_netI_over_sigmaI_2                    ? 
_reflns.pdbx_chi_squared                               ? 
_reflns.pdbx_scaling_rejects                           ? 
_reflns.pdbx_d_res_high_opt                            ? 
_reflns.pdbx_d_res_low_opt                             ? 
_reflns.pdbx_d_res_opt_method                          ? 
_reflns.phase_calculation_details                      ? 
_reflns.pdbx_Rrim_I_all                                ? 
_reflns.pdbx_Rpim_I_all                                ? 
_reflns.pdbx_d_opt                                     ? 
_reflns.pdbx_number_measured_all                       ? 
_reflns.pdbx_diffrn_id                                 1 
_reflns.pdbx_ordinal                                   1 
_reflns.pdbx_CC_half                                   ? 
_reflns.pdbx_CC_star                                   ? 
_reflns.pdbx_R_split                                   ? 
_reflns.pdbx_aniso_diffraction_limit_axis_1_ortho[1]   ? 
_reflns.pdbx_aniso_diffraction_limit_axis_1_ortho[2]   ? 
_reflns.pdbx_aniso_diffraction_limit_axis_1_ortho[3]   ? 
_reflns.pdbx_aniso_diffraction_limit_axis_2_ortho[1]   ? 
_reflns.pdbx_aniso_diffraction_limit_axis_2_ortho[2]   ? 
_reflns.pdbx_aniso_diffraction_limit_axis_2_ortho[3]   ? 
_reflns.pdbx_aniso_diffraction_limit_axis_3_ortho[1]   ? 
_reflns.pdbx_aniso_diffraction_limit_axis_3_ortho[2]   ? 
_reflns.pdbx_aniso_diffraction_limit_axis_3_ortho[3]   ? 
_reflns.pdbx_aniso_diffraction_limit_1                 ? 
_reflns.pdbx_aniso_diffraction_limit_2                 ? 
_reflns.pdbx_aniso_diffraction_limit_3                 ? 
_reflns.pdbx_aniso_B_tensor_eigenvector_1_ortho[1]     ? 
_reflns.pdbx_aniso_B_tensor_eigenvector_1_ortho[2]     ? 
_reflns.pdbx_aniso_B_tensor_eigenvector_1_ortho[3]     ? 
_reflns.pdbx_aniso_B_tensor_eigenvector_2_ortho[1]     ? 
_reflns.pdbx_aniso_B_tensor_eigenvector_2_ortho[2]     ? 
_reflns.pdbx_aniso_B_tensor_eigenvector_2_ortho[3]     ? 
_reflns.pdbx_aniso_B_tensor_eigenvector_3_ortho[1]     ? 
_reflns.pdbx_aniso_B_tensor_eigenvector_3_ortho[2]     ? 
_reflns.pdbx_aniso_B_tensor_eigenvector_3_ortho[3]     ? 
_reflns.pdbx_aniso_B_tensor_eigenvalue_1               ? 
_reflns.pdbx_aniso_B_tensor_eigenvalue_2               ? 
_reflns.pdbx_aniso_B_tensor_eigenvalue_3               ? 
_reflns.pdbx_orthogonalization_convention              ? 
_reflns.pdbx_percent_possible_ellipsoidal              ? 
_reflns.pdbx_percent_possible_spherical                ? 
_reflns.pdbx_percent_possible_ellipsoidal_anomalous    ? 
_reflns.pdbx_percent_possible_spherical_anomalous      ? 
_reflns.pdbx_redundancy_anomalous                      ? 
_reflns.pdbx_CC_half_anomalous                         ? 
_reflns.pdbx_absDiff_over_sigma_anomalous              ? 
_reflns.pdbx_percent_possible_anomalous                ? 
_reflns.pdbx_observed_signal_threshold                 ? 
_reflns.pdbx_signal_type                               ? 
_reflns.pdbx_signal_details                            ? 
_reflns.pdbx_signal_software_id                        ? 
# 
_reflns_shell.d_res_high                                    . 
_reflns_shell.d_res_low                                     ? 
_reflns_shell.meanI_over_sigI_all                           ? 
_reflns_shell.meanI_over_sigI_obs                           ? 
_reflns_shell.number_measured_all                           ? 
_reflns_shell.number_measured_obs                           ? 
_reflns_shell.number_possible                               ? 
_reflns_shell.number_unique_all                             ? 
_reflns_shell.number_unique_obs                             ? 
_reflns_shell.percent_possible_all                          ? 
_reflns_shell.percent_possible_obs                          ? 
_reflns_shell.Rmerge_F_all                                  ? 
_reflns_shell.Rmerge_F_obs                                  ? 
_reflns_shell.Rmerge_I_all                                  ? 
_reflns_shell.Rmerge_I_obs                                  ? 
_reflns_shell.meanI_over_sigI_gt                            ? 
_reflns_shell.meanI_over_uI_all                             ? 
_reflns_shell.meanI_over_uI_gt                              ? 
_reflns_shell.number_measured_gt                            ? 
_reflns_shell.number_unique_gt                              ? 
_reflns_shell.percent_possible_gt                           ? 
_reflns_shell.Rmerge_F_gt                                   ? 
_reflns_shell.Rmerge_I_gt                                   ? 
_reflns_shell.pdbx_redundancy                               ? 
_reflns_shell.pdbx_Rsym_value                               ? 
_reflns_shell.pdbx_chi_squared                              ? 
_reflns_shell.pdbx_netI_over_sigmaI_all                     ? 
_reflns_shell.pdbx_netI_over_sigmaI_obs                     ? 
_reflns_shell.pdbx_Rrim_I_all                               ? 
_reflns_shell.pdbx_Rpim_I_all                               ? 
_reflns_shell.pdbx_rejects                                  ? 
_reflns_shell.pdbx_ordinal                                  1 
_reflns_shell.pdbx_diffrn_id                                1 
_reflns_shell.pdbx_CC_half                                  ? 
_reflns_shell.pdbx_CC_star                                  ? 
_reflns_shell.pdbx_R_split                                  ? 
_reflns_shell.pdbx_percent_possible_ellipsoidal             ? 
_reflns_shell.pdbx_percent_possible_spherical               ? 
_reflns_shell.pdbx_percent_possible_ellipsoidal_anomalous   ? 
_reflns_shell.pdbx_percent_possible_spherical_anomalous     ? 
_reflns_shell.pdbx_redundancy_anomalous                     ? 
_reflns_shell.pdbx_CC_half_anomalous                        ? 
_reflns_shell.pdbx_absDiff_over_sigma_anomalous             ? 
_reflns_shell.pdbx_percent_possible_anomalous               ? 
# 
_refine.aniso_B[1][1]                            -2.0727 
_refine.aniso_B[1][2]                            0.0000 
_refine.aniso_B[1][3]                            0.0000 
_refine.aniso_B[2][2]                            -2.0727 
_refine.aniso_B[2][3]                            0.0000 
_refine.aniso_B[3][3]                            4.1454 
_refine.B_iso_max                                89.420 
_refine.B_iso_mean                               39.8800 
_refine.B_iso_min                                25.080 
_refine.correlation_coeff_Fo_to_Fc               0.9550 
_refine.correlation_coeff_Fo_to_Fc_free          0.9490 
_refine.details                                  ? 
_refine.diff_density_max                         ? 
_refine.diff_density_max_esd                     ? 
_refine.diff_density_min                         ? 
_refine.diff_density_min_esd                     ? 
_refine.diff_density_rms                         ? 
_refine.diff_density_rms_esd                     ? 
_refine.entry_id                                 7U2U 
_refine.pdbx_refine_id                           'X-RAY DIFFRACTION' 
_refine.ls_abs_structure_details                 ? 
_refine.ls_abs_structure_Flack                   ? 
_refine.ls_abs_structure_Flack_esd               ? 
_refine.ls_abs_structure_Rogers                  ? 
_refine.ls_abs_structure_Rogers_esd              ? 
_refine.ls_d_res_high                            1.8390 
_refine.ls_d_res_low                             45.4900 
_refine.ls_extinction_coef                       ? 
_refine.ls_extinction_coef_esd                   ? 
_refine.ls_extinction_expression                 ? 
_refine.ls_extinction_method                     ? 
_refine.ls_goodness_of_fit_all                   ? 
_refine.ls_goodness_of_fit_all_esd               ? 
_refine.ls_goodness_of_fit_obs                   ? 
_refine.ls_goodness_of_fit_obs_esd               ? 
_refine.ls_hydrogen_treatment                    ? 
_refine.ls_matrix_type                           ? 
_refine.ls_number_constraints                    ? 
_refine.ls_number_parameters                     ? 
_refine.ls_number_reflns_all                     ? 
_refine.ls_number_reflns_obs                     17614 
_refine.ls_number_reflns_R_free                  849 
_refine.ls_number_reflns_R_work                  ? 
_refine.ls_number_restraints                     ? 
_refine.ls_percent_reflns_obs                    100.0000 
_refine.ls_percent_reflns_R_free                 4.8200 
_refine.ls_R_factor_all                          ? 
_refine.ls_R_factor_obs                          0.2033 
_refine.ls_R_factor_R_free                       0.2108 
_refine.ls_R_factor_R_free_error                 ? 
_refine.ls_R_factor_R_free_error_details         ? 
_refine.ls_R_factor_R_work                       0.2029 
_refine.ls_R_Fsqd_factor_obs                     ? 
_refine.ls_R_I_factor_obs                        ? 
_refine.ls_redundancy_reflns_all                 ? 
_refine.ls_redundancy_reflns_obs                 ? 
_refine.ls_restrained_S_all                      ? 
_refine.ls_restrained_S_obs                      ? 
_refine.ls_shift_over_esd_max                    ? 
_refine.ls_shift_over_esd_mean                   ? 
_refine.ls_structure_factor_coef                 ? 
_refine.ls_weighting_details                     ? 
_refine.ls_weighting_scheme                      ? 
_refine.ls_wR_factor_all                         ? 
_refine.ls_wR_factor_obs                         ? 
_refine.ls_wR_factor_R_free                      ? 
_refine.ls_wR_factor_R_work                      ? 
_refine.occupancy_max                            ? 
_refine.occupancy_min                            ? 
_refine.solvent_model_details                    ? 
_refine.solvent_model_param_bsol                 ? 
_refine.solvent_model_param_ksol                 ? 
_refine.pdbx_R_complete                          ? 
_refine.ls_R_factor_gt                           ? 
_refine.ls_goodness_of_fit_gt                    ? 
_refine.ls_goodness_of_fit_ref                   ? 
_refine.ls_shift_over_su_max                     ? 
_refine.ls_shift_over_su_max_lt                  ? 
_refine.ls_shift_over_su_mean                    ? 
_refine.ls_shift_over_su_mean_lt                 ? 
_refine.pdbx_ls_sigma_I                          ? 
_refine.pdbx_ls_sigma_F                          0.000 
_refine.pdbx_ls_sigma_Fsqd                       ? 
_refine.pdbx_data_cutoff_high_absF               ? 
_refine.pdbx_data_cutoff_high_rms_absF           ? 
_refine.pdbx_data_cutoff_low_absF                ? 
_refine.pdbx_isotropic_thermal_model             ? 
_refine.pdbx_ls_cross_valid_method               THROUGHOUT 
_refine.pdbx_method_to_determine_struct          'MOLECULAR REPLACEMENT' 
_refine.pdbx_starting_model                      6UM8 
_refine.pdbx_stereochemistry_target_values       ? 
_refine.pdbx_R_Free_selection_details            RANDOM 
_refine.pdbx_stereochem_target_val_spec_case     ? 
_refine.pdbx_overall_ESU_R                       ? 
_refine.pdbx_overall_ESU_R_Free                  ? 
_refine.pdbx_solvent_vdw_probe_radii             ? 
_refine.pdbx_solvent_ion_probe_radii             ? 
_refine.pdbx_solvent_shrinkage_radii             ? 
_refine.pdbx_real_space_R                        ? 
_refine.pdbx_density_correlation                 ? 
_refine.pdbx_pd_number_of_powder_patterns        ? 
_refine.pdbx_pd_number_of_points                 ? 
_refine.pdbx_pd_meas_number_of_points            ? 
_refine.pdbx_pd_proc_ls_prof_R_factor            ? 
_refine.pdbx_pd_proc_ls_prof_wR_factor           ? 
_refine.pdbx_pd_Marquardt_correlation_coeff      ? 
_refine.pdbx_pd_Fsqrd_R_factor                   ? 
_refine.pdbx_pd_ls_matrix_band_width             ? 
_refine.pdbx_overall_phase_error                 ? 
_refine.pdbx_overall_SU_R_free_Cruickshank_DPI   0.0990 
_refine.pdbx_overall_SU_R_free_Blow_DPI          0.1000 
_refine.pdbx_overall_SU_R_Blow_DPI               0.1130 
_refine.pdbx_TLS_residual_ADP_flag               ? 
_refine.pdbx_diffrn_id                           1 
_refine.overall_SU_B                             ? 
_refine.overall_SU_ML                            ? 
_refine.overall_SU_R_Cruickshank_DPI             0.1110 
_refine.overall_SU_R_free                        ? 
_refine.overall_FOM_free_R_set                   ? 
_refine.overall_FOM_work_R_set                   ? 
_refine.pdbx_average_fsc_overall                 ? 
_refine.pdbx_average_fsc_work                    ? 
_refine.pdbx_average_fsc_free                    ? 
# 
_refine_analyze.entry_id                        7U2U 
_refine_analyze.pdbx_refine_id                  'X-RAY DIFFRACTION' 
_refine_analyze.Luzzati_coordinate_error_free   ? 
_refine_analyze.Luzzati_coordinate_error_obs    0.250 
_refine_analyze.Luzzati_d_res_low_free          ? 
_refine_analyze.Luzzati_d_res_low_obs           ? 
_refine_analyze.Luzzati_sigma_a_free            ? 
_refine_analyze.Luzzati_sigma_a_free_details    ? 
_refine_analyze.Luzzati_sigma_a_obs             ? 
_refine_analyze.Luzzati_sigma_a_obs_details     ? 
_refine_analyze.number_disordered_residues      ? 
_refine_analyze.occupancy_sum_hydrogen          ? 
_refine_analyze.occupancy_sum_non_hydrogen      ? 
_refine_analyze.RG_d_res_high                   ? 
_refine_analyze.RG_d_res_low                    ? 
_refine_analyze.RG_free                         ? 
_refine_analyze.RG_work                         ? 
_refine_analyze.RG_free_work_ratio              ? 
_refine_analyze.pdbx_Luzzati_d_res_high_obs     ? 
# 
_refine_hist.pdbx_refine_id                   'X-RAY DIFFRACTION' 
_refine_hist.cycle_id                         final 
_refine_hist.details                          ? 
_refine_hist.d_res_high                       1.8390 
_refine_hist.d_res_low                        45.4900 
_refine_hist.number_atoms_solvent             51 
_refine_hist.number_atoms_total               1164 
_refine_hist.number_reflns_all                ? 
_refine_hist.number_reflns_obs                ? 
_refine_hist.number_reflns_R_free             ? 
_refine_hist.number_reflns_R_work             ? 
_refine_hist.R_factor_all                     ? 
_refine_hist.R_factor_obs                     ? 
_refine_hist.R_factor_R_free                  ? 
_refine_hist.R_factor_R_work                  ? 
_refine_hist.pdbx_number_residues_total       140 
_refine_hist.pdbx_B_iso_mean_ligand           46.34 
_refine_hist.pdbx_B_iso_mean_solvent          49.95 
_refine_hist.pdbx_number_atoms_protein        1054 
_refine_hist.pdbx_number_atoms_nucleic_acid   0 
_refine_hist.pdbx_number_atoms_ligand         59 
_refine_hist.pdbx_number_atoms_lipid          ? 
_refine_hist.pdbx_number_atoms_carb           ? 
_refine_hist.pdbx_pseudo_atom_details         ? 
# 
loop_
_refine_ls_restr.pdbx_refine_id 
_refine_ls_restr.criterion 
_refine_ls_restr.dev_ideal 
_refine_ls_restr.dev_ideal_target 
_refine_ls_restr.number 
_refine_ls_restr.rejects 
_refine_ls_restr.type 
_refine_ls_restr.weight 
_refine_ls_restr.pdbx_restraint_function 
'X-RAY DIFFRACTION' ? ?      ? 368  ? t_dihedral_angle_d        2.000  SINUSOIDAL   
'X-RAY DIFFRACTION' ? ?      ? ?    ? t_trig_c_planes           ?      ?            
'X-RAY DIFFRACTION' ? ?      ? 218  ? t_gen_planes              5.000  HARMONIC     
'X-RAY DIFFRACTION' ? ?      ? 1134 ? t_it                      10.000 HARMONIC     
'X-RAY DIFFRACTION' ? ?      ? ?    ? t_nbd                     ?      ?            
'X-RAY DIFFRACTION' ? ?      ? ?    ? t_improper_torsion        ?      ?            
'X-RAY DIFFRACTION' ? ?      ? ?    ? t_pseud_angle             ?      ?            
'X-RAY DIFFRACTION' ? ?      ? 152  ? t_chiral_improper_torsion 5.000  SEMIHARMONIC 
'X-RAY DIFFRACTION' ? ?      ? ?    ? t_sum_occupancies         ?      ?            
'X-RAY DIFFRACTION' ? ?      ? ?    ? t_utility_distance        ?      ?            
'X-RAY DIFFRACTION' ? ?      ? ?    ? t_utility_angle           ?      ?            
'X-RAY DIFFRACTION' ? ?      ? ?    ? t_utility_torsion         ?      ?            
'X-RAY DIFFRACTION' ? ?      ? 902  ? t_ideal_dist_contact      4.000  SEMIHARMONIC 
'X-RAY DIFFRACTION' ? 0.008  ? 1134 ? t_bond_d                  2.000  HARMONIC     
'X-RAY DIFFRACTION' ? 0.840  ? 1551 ? t_angle_deg               2.000  HARMONIC     
'X-RAY DIFFRACTION' ? 2.990  ? ?    ? t_omega_torsion           ?      ?            
'X-RAY DIFFRACTION' ? 13.270 ? ?    ? t_other_torsion           ?      ?            
# 
_refine_ls_shell.pdbx_refine_id                   'X-RAY DIFFRACTION' 
_refine_ls_shell.d_res_high                       1.839 
_refine_ls_shell.d_res_low                        1.8500 
_refine_ls_shell.number_reflns_all                420 
_refine_ls_shell.number_reflns_obs                ? 
_refine_ls_shell.number_reflns_R_free             23 
_refine_ls_shell.number_reflns_R_work             397 
_refine_ls_shell.percent_reflns_obs               100.0000 
_refine_ls_shell.percent_reflns_R_free            5.4800 
_refine_ls_shell.R_factor_all                     0.2064 
_refine_ls_shell.R_factor_obs                     ? 
_refine_ls_shell.R_factor_R_free                  0.2062 
_refine_ls_shell.R_factor_R_free_error            0.0000 
_refine_ls_shell.R_factor_R_work                  0.2064 
_refine_ls_shell.redundancy_reflns_all            ? 
_refine_ls_shell.redundancy_reflns_obs            ? 
_refine_ls_shell.wR_factor_all                    ? 
_refine_ls_shell.wR_factor_obs                    ? 
_refine_ls_shell.wR_factor_R_free                 ? 
_refine_ls_shell.wR_factor_R_work                 ? 
_refine_ls_shell.pdbx_R_complete                  ? 
_refine_ls_shell.pdbx_total_number_of_bins_used   43 
_refine_ls_shell.pdbx_phase_error                 ? 
_refine_ls_shell.pdbx_fsc_work                    ? 
_refine_ls_shell.pdbx_fsc_free                    ? 
# 
_struct.entry_id                     7U2U 
_struct.title                        
;CRYSTAL STRUCTURE OF HIV-1 INTEGRASE COMPLEXED WITH Compound-2a AKA (2S)-2-(TERT-BUTOXY)-2-[7-(4,4-DIMETHYLPIPE RIDIN-1-YL)-8-{4-[2-(4-FLUOROPHENYL)ETHOXY]PHENYL}-2,5-DIM ETHYLIMIDAZO[1,2-A]PYRIDIN-6-YL]ACETIC ACID
;
_struct.pdbx_model_details           ? 
_struct.pdbx_formula_weight          ? 
_struct.pdbx_formula_weight_method   ? 
_struct.pdbx_model_type_details      ? 
_struct.pdbx_CASP_flag               N 
# 
_struct_keywords.entry_id        7U2U 
_struct_keywords.text            'INTEGRASE, DNA BINDING PROTEIN, viral protein' 
_struct_keywords.pdbx_keywords   'DNA BINDING PROTEIN, viral protein' 
# 
loop_
_struct_asym.id 
_struct_asym.pdbx_blank_PDB_chainid_flag 
_struct_asym.pdbx_modified 
_struct_asym.entity_id 
_struct_asym.details 
A N N 1 ? 
B N N 2 ? 
C N N 3 ? 
D N N 3 ? 
E N N 3 ? 
F N N 4 ? 
# 
loop_
_struct_conf.conf_type_id 
_struct_conf.id 
_struct_conf.pdbx_PDB_helix_id 
_struct_conf.beg_label_comp_id 
_struct_conf.beg_label_asym_id 
_struct_conf.beg_label_seq_id 
_struct_conf.pdbx_beg_PDB_ins_code 
_struct_conf.end_label_comp_id 
_struct_conf.end_label_asym_id 
_struct_conf.end_label_seq_id 
_struct_conf.pdbx_end_PDB_ins_code 
_struct_conf.beg_auth_comp_id 
_struct_conf.beg_auth_asym_id 
_struct_conf.beg_auth_seq_id 
_struct_conf.end_auth_comp_id 
_struct_conf.end_auth_asym_id 
_struct_conf.end_auth_seq_id 
_struct_conf.pdbx_PDB_helix_class 
_struct_conf.details 
_struct_conf.pdbx_PDB_helix_length 
HELX_P HELX_P1 AA1 THR A 64  ? TRP A 79  ? THR A 93  TRP A 108 1 ? 16 
HELX_P HELX_P2 AA2 ASN A 88  ? SER A 94  ? ASN A 117 SER A 123 1 ? 7  
HELX_P HELX_P3 AA3 SER A 94  ? GLY A 105 ? SER A 123 GLY A 134 1 ? 12 
HELX_P HELX_P4 AA4 VAL A 121 ? ARG A 137 ? VAL A 150 ARG A 166 1 ? 17 
HELX_P HELX_P5 AA5 ASP A 138 ? ALA A 140 ? ASP A 167 ALA A 169 5 ? 3  
HELX_P HELX_P6 AA6 HIS A 142 ? LYS A 157 ? HIS A 171 LYS A 186 1 ? 16 
HELX_P HELX_P7 AA7 SER A 166 ? ILE A 179 ? SER A 195 ILE A 208 1 ? 14 
# 
_struct_conf_type.id          HELX_P 
_struct_conf_type.criteria    ? 
_struct_conf_type.reference   ? 
# 
_struct_sheet.id               AA1 
_struct_sheet.type             ? 
_struct_sheet.number_strands   5 
_struct_sheet.details          ? 
# 
loop_
_struct_sheet_order.sheet_id 
_struct_sheet_order.range_id_1 
_struct_sheet_order.range_id_2 
_struct_sheet_order.offset 
_struct_sheet_order.sense 
AA1 1 2 ? anti-parallel 
AA1 2 3 ? anti-parallel 
AA1 3 4 ? parallel      
AA1 4 5 ? parallel      
# 
loop_
_struct_sheet_range.sheet_id 
_struct_sheet_range.id 
_struct_sheet_range.beg_label_comp_id 
_struct_sheet_range.beg_label_asym_id 
_struct_sheet_range.beg_label_seq_id 
_struct_sheet_range.pdbx_beg_PDB_ins_code 
_struct_sheet_range.end_label_comp_id 
_struct_sheet_range.end_label_asym_id 
_struct_sheet_range.end_label_seq_id 
_struct_sheet_range.pdbx_end_PDB_ins_code 
_struct_sheet_range.beg_auth_comp_id 
_struct_sheet_range.beg_auth_asym_id 
_struct_sheet_range.beg_auth_seq_id 
_struct_sheet_range.end_auth_comp_id 
_struct_sheet_range.end_auth_asym_id 
_struct_sheet_range.end_auth_seq_id 
AA1 1 ILE A 55  ? ILE A 60  ? ILE A 84  ILE A 89  
AA1 2 LYS A 42  ? HIS A 49  ? LYS A 71  HIS A 78  
AA1 3 ILE A 31  ? LEU A 39  ? ILE A 60  LEU A 68  
AA1 4 THR A 83  ? HIS A 85  ? THR A 112 HIS A 114 
AA1 5 LYS A 107 ? GLU A 109 ? LYS A 136 GLU A 138 
# 
loop_
_pdbx_struct_sheet_hbond.sheet_id 
_pdbx_struct_sheet_hbond.range_id_1 
_pdbx_struct_sheet_hbond.range_id_2 
_pdbx_struct_sheet_hbond.range_1_label_atom_id 
_pdbx_struct_sheet_hbond.range_1_label_comp_id 
_pdbx_struct_sheet_hbond.range_1_label_asym_id 
_pdbx_struct_sheet_hbond.range_1_label_seq_id 
_pdbx_struct_sheet_hbond.range_1_PDB_ins_code 
_pdbx_struct_sheet_hbond.range_1_auth_atom_id 
_pdbx_struct_sheet_hbond.range_1_auth_comp_id 
_pdbx_struct_sheet_hbond.range_1_auth_asym_id 
_pdbx_struct_sheet_hbond.range_1_auth_seq_id 
_pdbx_struct_sheet_hbond.range_2_label_atom_id 
_pdbx_struct_sheet_hbond.range_2_label_comp_id 
_pdbx_struct_sheet_hbond.range_2_label_asym_id 
_pdbx_struct_sheet_hbond.range_2_label_seq_id 
_pdbx_struct_sheet_hbond.range_2_PDB_ins_code 
_pdbx_struct_sheet_hbond.range_2_auth_atom_id 
_pdbx_struct_sheet_hbond.range_2_auth_comp_id 
_pdbx_struct_sheet_hbond.range_2_auth_asym_id 
_pdbx_struct_sheet_hbond.range_2_auth_seq_id 
AA1 1 2 O GLU A 56 ? O GLU A 85  N ALA A 47  ? N ALA A 76  
AA1 2 3 O VAL A 46 ? O VAL A 75  N ASP A 35  ? N ASP A 64  
AA1 3 4 N LEU A 34 ? N LEU A 63  O HIS A 85  ? O HIS A 114 
AA1 4 5 N VAL A 84 ? N VAL A 113 O GLU A 109 ? O GLU A 138 
# 
_atom_sites.entry_id                    7U2U 
_atom_sites.Cartn_transf_matrix[1][1]   ? 
_atom_sites.Cartn_transf_matrix[1][2]   ? 
_atom_sites.Cartn_transf_matrix[1][3]   ? 
_atom_sites.Cartn_transf_matrix[2][1]   ? 
_atom_sites.Cartn_transf_matrix[2][2]   ? 
_atom_sites.Cartn_transf_matrix[2][3]   ? 
_atom_sites.Cartn_transf_matrix[3][1]   ? 
_atom_sites.Cartn_transf_matrix[3][2]   ? 
_atom_sites.Cartn_transf_matrix[3][3]   ? 
_atom_sites.Cartn_transf_vector[1]      ? 
_atom_sites.Cartn_transf_vector[2]      ? 
_atom_sites.Cartn_transf_vector[3]      ? 
_atom_sites.fract_transf_matrix[1][1]   -0.00484269 
_atom_sites.fract_transf_matrix[1][2]   -0.01140857 
_atom_sites.fract_transf_matrix[1][3]   -0.01038132 
_atom_sites.fract_transf_matrix[2][1]   0.01058886 
_atom_sites.fract_transf_matrix[2][2]   -0.00658801 
_atom_sites.fract_transf_matrix[2][3]   -0.01028972 
_atom_sites.fract_transf_matrix[3][1]   0.00322433 
_atom_sites.fract_transf_matrix[3][2]   -0.01051266 
_atom_sites.fract_transf_matrix[3][3]   0.01004881 
_atom_sites.fract_transf_vector[1]      0.097660 
_atom_sites.fract_transf_vector[2]      0.564917 
_atom_sites.fract_transf_vector[3]      0.284860 
_atom_sites.solution_primary            ? 
_atom_sites.solution_secondary          ? 
_atom_sites.solution_hydrogens          ? 
_atom_sites.special_details             ? 
# 
loop_
_atom_type.symbol 
C 
F 
N 
O 
S 
# 
loop_
_atom_site.group_PDB 
_atom_site.id 
_atom_site.type_symbol 
_atom_site.label_atom_id 
_atom_site.label_alt_id 
_atom_site.label_comp_id 
_atom_site.label_asym_id 
_atom_site.label_entity_id 
_atom_site.label_seq_id 
_atom_site.pdbx_PDB_ins_code 
_atom_site.Cartn_x 
_atom_site.Cartn_y 
_atom_site.Cartn_z 
_atom_site.occupancy 
_atom_site.B_iso_or_equiv 
_atom_site.pdbx_formal_charge 
_atom_site.auth_seq_id 
_atom_site.auth_comp_id 
_atom_site.auth_asym_id 
_atom_site.auth_atom_id 
_atom_site.pdbx_PDB_model_num 
ATOM   1    N N   . SER A 1 28  ? 10.925  -4.861  -12.109 1.00 49.90 1  57  SER A N   1 
ATOM   2    C CA  . SER A 1 28  ? 10.966  -4.649  -10.658 1.00 50.09 ?  57  SER A CA  1 
ATOM   3    C C   . SER A 1 28  ? 10.602  -3.221  -10.193 1.00 48.87 ?  57  SER A C   1 
ATOM   4    O O   . SER A 1 28  ? 9.853   -3.121  -9.224  1.00 50.01 ?  57  SER A O   1 
ATOM   5    C CB  . SER A 1 28  ? 12.308  -5.070  -10.063 1.00 51.78 ?  57  SER A CB  1 
ATOM   6    N N   . PRO A 1 29  ? 11.097  -2.113  -10.799 1.00 46.95 ?  58  PRO A N   1 
ATOM   7    C CA  . PRO A 1 29  ? 10.742  -0.779  -10.273 1.00 44.81 ?  58  PRO A CA  1 
ATOM   8    C C   . PRO A 1 29  ? 9.245   -0.411  -10.275 1.00 41.30 ?  58  PRO A C   1 
ATOM   9    O O   . PRO A 1 29  ? 8.822   0.390   -9.443  1.00 41.28 ?  58  PRO A O   1 
ATOM   10   C CB  . PRO A 1 29  ? 11.551  0.189   -11.151 1.00 46.54 ?  58  PRO A CB  1 
ATOM   11   C CG  . PRO A 1 29  ? 11.880  -0.592  -12.392 1.00 47.86 ?  58  PRO A CG  1 
ATOM   12   C CD  . PRO A 1 29  ? 12.033  -2.010  -11.941 1.00 46.61 ?  58  PRO A CD  1 
ATOM   13   N N   . GLY A 1 30  ? 8.468   -0.953  -11.208 1.00 38.19 ?  59  GLY A N   1 
ATOM   14   C CA  . GLY A 1 30  ? 7.048   -0.623  -11.304 1.00 36.27 ?  59  GLY A CA  1 
ATOM   15   C C   . GLY A 1 30  ? 6.089   -1.607  -10.650 1.00 33.74 ?  59  GLY A C   1 
ATOM   16   O O   . GLY A 1 30  ? 4.876   -1.485  -10.830 1.00 32.69 ?  59  GLY A O   1 
ATOM   17   N N   . ILE A 1 31  ? 6.602   -2.574  -9.874  1.00 32.67 ?  60  ILE A N   1 
ATOM   18   C CA  . ILE A 1 31  ? 5.743   -3.616  -9.289  1.00 32.82 ?  60  ILE A CA  1 
ATOM   19   C C   . ILE A 1 31  ? 5.275   -3.323  -7.879  1.00 31.27 ?  60  ILE A C   1 
ATOM   20   O O   . ILE A 1 31  ? 6.098   -3.151  -6.978  1.00 31.49 ?  60  ILE A O   1 
ATOM   21   C CB  . ILE A 1 31  ? 6.435   -5.005  -9.353  1.00 35.04 ?  60  ILE A CB  1 
ATOM   22   C CG1 . ILE A 1 31  ? 6.832   -5.351  -10.807 1.00 37.95 ?  60  ILE A CG1 1 
ATOM   23   C CG2 . ILE A 1 31  ? 5.548   -6.083  -8.733  1.00 35.67 ?  60  ILE A CG2 1 
ATOM   24   C CD1 . ILE A 1 31  ? 7.679   -6.686  -10.914 1.00 40.78 ?  60  ILE A CD1 1 
ATOM   25   N N   . TRP A 1 32  ? 3.952   -3.357  -7.670  1.00 29.68 ?  61  TRP A N   1 
ATOM   26   C CA  . TRP A 1 32  ? 3.363   -3.125  -6.362  1.00 29.86 ?  61  TRP A CA  1 
ATOM   27   C C   . TRP A 1 32  ? 2.439   -4.288  -5.982  1.00 31.04 ?  61  TRP A C   1 
ATOM   28   O O   . TRP A 1 32  ? 1.864   -4.933  -6.858  1.00 31.64 ?  61  TRP A O   1 
ATOM   29   C CB  . TRP A 1 32  ? 2.537   -1.823  -6.385  1.00 28.59 ?  61  TRP A CB  1 
ATOM   30   C CG  . TRP A 1 32  ? 3.366   -0.576  -6.562  1.00 28.38 ?  61  TRP A CG  1 
ATOM   31   C CD1 . TRP A 1 32  ? 3.960   -0.136  -7.712  1.00 29.07 ?  61  TRP A CD1 1 
ATOM   32   C CD2 . TRP A 1 32  ? 3.696   0.376   -5.547  1.00 27.69 ?  61  TRP A CD2 1 
ATOM   33   N NE1 . TRP A 1 32  ? 4.648   1.035   -7.470  1.00 28.64 ?  61  TRP A NE1 1 
ATOM   34   C CE2 . TRP A 1 32  ? 4.489   1.379   -6.150  1.00 28.55 ?  61  TRP A CE2 1 
ATOM   35   C CE3 . TRP A 1 32  ? 3.379   0.496   -4.187  1.00 28.36 ?  61  TRP A CE3 1 
ATOM   36   C CZ2 . TRP A 1 32  ? 4.956   2.490   -5.442  1.00 28.66 ?  61  TRP A CZ2 1 
ATOM   37   C CZ3 . TRP A 1 32  ? 3.859   1.592   -3.482  1.00 28.98 ?  61  TRP A CZ3 1 
ATOM   38   C CH2 . TRP A 1 32  ? 4.633   2.572   -4.113  1.00 28.82 ?  61  TRP A CH2 1 
ATOM   39   N N   . GLN A 1 33  ? 2.245   -4.480  -4.695  1.00 31.22 ?  62  GLN A N   1 
ATOM   40   C CA  . GLN A 1 33  ? 1.387   -5.521  -4.149  1.00 32.29 ?  62  GLN A CA  1 
ATOM   41   C C   . GLN A 1 33  ? 0.351   -4.895  -3.230  1.00 32.10 ?  62  GLN A C   1 
ATOM   42   O O   . GLN A 1 33  ? 0.726   -4.181  -2.308  1.00 31.41 ?  62  GLN A O   1 
ATOM   43   C CB  . GLN A 1 33  ? 2.257   -6.494  -3.332  1.00 34.33 ?  62  GLN A CB  1 
ATOM   44   C CG  . GLN A 1 33  ? 1.471   -7.482  -2.469  1.00 40.10 ?  62  GLN A CG  1 
ATOM   45   C CD  . GLN A 1 33  ? 0.844   -8.539  -3.327  1.00 46.34 ?  62  GLN A CD  1 
ATOM   46   O OE1 . GLN A 1 33  ? 1.548   -9.312  -3.992  1.00 48.39 ?  62  GLN A OE1 1 
ATOM   47   N NE2 . GLN A 1 33  ? -0.490  -8.596  -3.331  1.00 47.43 ?  62  GLN A NE2 1 
ATOM   48   N N   . LEU A 1 34  ? -0.944  -5.202  -3.441  1.00 32.37 ?  63  LEU A N   1 
ATOM   49   C CA  . LEU A 1 34  ? -2.007  -4.717  -2.563  1.00 33.24 ?  63  LEU A CA  1 
ATOM   50   C C   . LEU A 1 34  ? -2.143  -5.678  -1.375  1.00 34.75 ?  63  LEU A C   1 
ATOM   51   O O   . LEU A 1 34  ? -1.955  -6.890  -1.506  1.00 35.10 ?  63  LEU A O   1 
ATOM   52   C CB  . LEU A 1 34  ? -3.343  -4.659  -3.295  1.00 34.55 ?  63  LEU A CB  1 
ATOM   53   C CG  . LEU A 1 34  ? -3.565  -3.517  -4.258  1.00 38.89 ?  63  LEU A CG  1 
ATOM   54   C CD1 . LEU A 1 34  ? -4.955  -3.638  -4.922  1.00 39.37 ?  63  LEU A CD1 1 
ATOM   55   C CD2 . LEU A 1 34  ? -3.455  -2.156  -3.531  1.00 40.75 ?  63  LEU A CD2 1 
ATOM   56   N N   . ASP A 1 35  ? -2.502  -5.145  -0.238  1.00 35.12 ?  64  ASP A N   1 
ATOM   57   C CA  . ASP A 1 35  ? -2.641  -5.901  0.993   1.00 36.36 ?  64  ASP A CA  1 
ATOM   58   C C   . ASP A 1 35  ? -3.779  -5.263  1.814   1.00 37.91 ?  64  ASP A C   1 
ATOM   59   O O   . ASP A 1 35  ? -3.941  -4.045  1.813   1.00 38.09 ?  64  ASP A O   1 
ATOM   60   C CB  . ASP A 1 35  ? -1.288  -5.864  1.723   1.00 38.68 ?  64  ASP A CB  1 
ATOM   61   C CG  . ASP A 1 35  ? -1.302  -6.218  3.189   1.00 46.78 ?  64  ASP A CG  1 
ATOM   62   O OD1 . ASP A 1 35  ? -1.980  -7.208  3.559   1.00 48.11 ?  64  ASP A OD1 1 
ATOM   63   O OD2 . ASP A 1 35  ? -0.619  -5.518  3.972   1.00 49.93 -1 64  ASP A OD2 1 
ATOM   64   N N   . CYS A 1 36  ? -4.595  -6.080  2.470   1.00 38.20 ?  65  CYS A N   1 
ATOM   65   C CA  . CYS A 1 36  ? -5.736  -5.600  3.236   1.00 39.88 ?  65  CYS A CA  1 
ATOM   66   C C   . CYS A 1 36  ? -5.642  -6.224  4.624   1.00 39.70 ?  65  CYS A C   1 
ATOM   67   O O   . CYS A 1 36  ? -5.368  -7.423  4.735   1.00 39.29 ?  65  CYS A O   1 
ATOM   68   C CB  . CYS A 1 36  ? -7.029  -5.994  2.517   1.00 43.92 ?  65  CYS A CB  1 
ATOM   69   S SG  . CYS A 1 36  ? -8.527  -5.978  3.543   1.00 57.53 ?  65  CYS A SG  1 
ATOM   70   N N   . THR A 1 37  ? -5.845  -5.418  5.671   1.00 39.44 ?  66  THR A N   1 
ATOM   71   C CA  . THR A 1 37  ? -5.813  -5.901  7.056   1.00 40.01 ?  66  THR A CA  1 
ATOM   72   C C   . THR A 1 37  ? -6.926  -5.205  7.871   1.00 40.52 ?  66  THR A C   1 
ATOM   73   O O   . THR A 1 37  ? -7.386  -4.137  7.479   1.00 40.46 ?  66  THR A O   1 
ATOM   74   C CB  . THR A 1 37  ? -4.392  -5.804  7.641   1.00 42.32 ?  66  THR A CB  1 
ATOM   75   O OG1 . THR A 1 37  ? -4.279  -6.662  8.779   1.00 44.39 ?  66  THR A OG1 1 
ATOM   76   C CG2 . THR A 1 37  ? -3.977  -4.371  8.000   1.00 42.30 ?  66  THR A CG2 1 
ATOM   77   N N   . HIS A 1 38  ? -7.434  -5.842  8.944   1.00 40.54 ?  67  HIS A N   1 
ATOM   78   C CA  . HIS A 1 38  ? -8.517  -5.249  9.736   1.00 41.74 ?  67  HIS A CA  1 
ATOM   79   C C   . HIS A 1 38  ? -8.000  -4.712  11.054  1.00 41.49 ?  67  HIS A C   1 
ATOM   80   O O   . HIS A 1 38  ? -7.133  -5.332  11.648  1.00 41.70 ?  67  HIS A O   1 
ATOM   81   C CB  . HIS A 1 38  ? -9.616  -6.281  10.034  1.00 43.98 ?  67  HIS A CB  1 
ATOM   82   C CG  . HIS A 1 38  ? -10.349 -6.734  8.815   1.00 48.77 ?  67  HIS A CG  1 
ATOM   83   N ND1 . HIS A 1 38  ? -9.821  -7.696  7.974   1.00 51.25 ?  67  HIS A ND1 1 
ATOM   84   C CD2 . HIS A 1 38  ? -11.544 -6.332  8.328   1.00 50.45 ?  67  HIS A CD2 1 
ATOM   85   C CE1 . HIS A 1 38  ? -10.699 -7.838  6.994   1.00 52.08 ?  67  HIS A CE1 1 
ATOM   86   N NE2 . HIS A 1 38  ? -11.752 -7.037  7.161   1.00 52.16 ?  67  HIS A NE2 1 
ATOM   87   N N   . LEU A 1 39  ? -8.581  -3.616  11.538  1.00 41.16 ?  68  LEU A N   1 
ATOM   88   C CA  . LEU A 1 39  ? -8.219  -3.041  12.832  1.00 42.06 ?  68  LEU A CA  1 
ATOM   89   C C   . LEU A 1 39  ? -9.327  -2.110  13.323  1.00 41.67 ?  68  LEU A C   1 
ATOM   90   O O   . LEU A 1 39  ? -9.798  -1.270  12.564  1.00 41.15 ?  68  LEU A O   1 
ATOM   91   C CB  . LEU A 1 39  ? -6.870  -2.297  12.739  1.00 42.93 ?  68  LEU A CB  1 
ATOM   92   C CG  . LEU A 1 39  ? -6.197  -1.951  14.066  1.00 45.44 ?  68  LEU A CG  1 
ATOM   93   C CD1 . LEU A 1 39  ? -5.864  -3.218  14.853  1.00 46.66 ?  68  LEU A CD1 1 
ATOM   94   C CD2 . LEU A 1 39  ? -4.923  -1.154  13.830  1.00 45.97 ?  68  LEU A CD2 1 
ATOM   95   N N   . GLU A 1 40  ? -9.798  -2.297  14.579  1.00 41.98 ?  69  GLU A N   1 
ATOM   96   C CA  . GLU A 1 40  ? -10.849 -1.460  15.186  1.00 42.56 ?  69  GLU A CA  1 
ATOM   97   C C   . GLU A 1 40  ? -12.156 -1.383  14.382  1.00 43.45 ?  69  GLU A C   1 
ATOM   98   O O   . GLU A 1 40  ? -12.777 -0.322  14.301  1.00 44.05 ?  69  GLU A O   1 
ATOM   99   C CB  . GLU A 1 40  ? -10.320 -0.042  15.491  1.00 44.17 ?  69  GLU A CB  1 
ATOM   100  C CG  . GLU A 1 40  ? -9.102  -0.040  16.393  1.00 47.12 ?  69  GLU A CG  1 
ATOM   101  C CD  . GLU A 1 40  ? -8.542  1.335   16.705  1.00 52.89 ?  69  GLU A CD  1 
ATOM   102  O OE1 . GLU A 1 40  ? -7.408  1.397   17.228  1.00 53.35 ?  69  GLU A OE1 1 
ATOM   103  O OE2 . GLU A 1 40  ? -9.229  2.347   16.432  1.00 54.28 -1 69  GLU A OE2 1 
ATOM   104  N N   . GLY A 1 41  ? -12.568 -2.500  13.792  1.00 44.00 ?  70  GLY A N   1 
ATOM   105  C CA  . GLY A 1 41  ? -13.791 -2.536  12.994  1.00 44.47 ?  70  GLY A CA  1 
ATOM   106  C C   . GLY A 1 41  ? -13.689 -1.798  11.672  1.00 44.65 ?  70  GLY A C   1 
ATOM   107  O O   . GLY A 1 41  ? -14.704 -1.430  11.074  1.00 45.41 ?  70  GLY A O   1 
ATOM   108  N N   . LYS A 1 42  ? -12.455 -1.509  11.238  1.00 43.10 ?  71  LYS A N   1 
ATOM   109  C CA  . LYS A 1 42  ? -12.178 -0.806  9.987   1.00 41.68 ?  71  LYS A CA  1 
ATOM   110  C C   . LYS A 1 42  ? -11.172 -1.613  9.159   1.00 38.59 ?  71  LYS A C   1 
ATOM   111  O O   . LYS A 1 42  ? -10.654 -2.632  9.621   1.00 38.37 ?  71  LYS A O   1 
ATOM   112  C CB  . LYS A 1 42  ? -11.669 0.622   10.279  1.00 44.81 ?  71  LYS A CB  1 
ATOM   113  C CG  . LYS A 1 42  ? -12.732 1.526   10.901  1.00 50.36 ?  71  LYS A CG  1 
ATOM   114  C CD  . LYS A 1 42  ? -12.178 2.903   11.255  1.00 55.68 ?  71  LYS A CD  1 
ATOM   115  C CE  . LYS A 1 42  ? -13.183 3.763   11.984  1.00 59.42 ?  71  LYS A CE  1 
ATOM   116  N N   . VAL A 1 43  ? -10.944 -1.203  7.915   1.00 36.18 ?  72  VAL A N   1 
ATOM   117  C CA  . VAL A 1 43  ? -10.028 -1.891  7.035   1.00 34.57 ?  72  VAL A CA  1 
ATOM   118  C C   . VAL A 1 43  ? -8.863  -0.938  6.698   1.00 32.47 ?  72  VAL A C   1 
ATOM   119  O O   . VAL A 1 43  ? -9.077  0.248   6.474   1.00 31.88 ?  72  VAL A O   1 
ATOM   120  C CB  . VAL A 1 43  ? -10.782 -2.356  5.756   1.00 36.26 ?  72  VAL A CB  1 
ATOM   121  C CG1 . VAL A 1 43  ? -9.813  -2.709  4.631   1.00 36.84 ?  72  VAL A CG1 1 
ATOM   122  C CG2 . VAL A 1 43  ? -11.713 -3.534  6.069   1.00 37.57 ?  72  VAL A CG2 1 
ATOM   123  N N   . ILE A 1 44  ? -7.659  -1.467  6.695   1.00 31.61 ?  73  ILE A N   1 
ATOM   124  C CA  . ILE A 1 44  ? -6.481  -0.709  6.290   1.00 31.73 ?  73  ILE A CA  1 
ATOM   125  C C   . ILE A 1 44  ? -6.033  -1.303  4.956   1.00 31.40 ?  73  ILE A C   1 
ATOM   126  O O   . ILE A 1 44  ? -5.684  -2.483  4.887   1.00 32.49 ?  73  ILE A O   1 
ATOM   127  C CB  . ILE A 1 44  ? -5.355  -0.800  7.331   1.00 32.50 ?  73  ILE A CB  1 
ATOM   128  C CG1 . ILE A 1 44  ? -5.812  -0.225  8.691   1.00 34.04 ?  73  ILE A CG1 1 
ATOM   129  C CG2 . ILE A 1 44  ? -4.100  -0.076  6.793   1.00 32.72 ?  73  ILE A CG2 1 
ATOM   130  C CD1 . ILE A 1 44  ? -4.806  -0.524  9.837   1.00 36.50 ?  73  ILE A CD1 1 
ATOM   131  N N   . LEU A 1 45  ? -6.072  -0.505  3.899   1.00 30.70 ?  74  LEU A N   1 
ATOM   132  C CA  . LEU A 1 45  ? -5.620  -0.945  2.583   1.00 30.55 ?  74  LEU A CA  1 
ATOM   133  C C   . LEU A 1 45  ? -4.195  -0.436  2.407   1.00 30.01 ?  74  LEU A C   1 
ATOM   134  O O   . LEU A 1 45  ? -3.931  0.744   2.632   1.00 28.96 ?  74  LEU A O   1 
ATOM   135  C CB  . LEU A 1 45  ? -6.556  -0.357  1.517   1.00 32.07 ?  74  LEU A CB  1 
ATOM   136  C CG  . LEU A 1 45  ? -6.383  -0.785  0.072   1.00 36.10 ?  74  LEU A CG  1 
ATOM   137  C CD1 . LEU A 1 45  ? -6.307  -2.325  -0.072  1.00 37.16 ?  74  LEU A CD1 1 
ATOM   138  C CD2 . LEU A 1 45  ? -7.545  -0.205  -0.785  1.00 37.19 ?  74  LEU A CD2 1 
ATOM   139  N N   . VAL A 1 46  ? -3.274  -1.341  2.075   1.00 29.86 ?  75  VAL A N   1 
ATOM   140  C CA  . VAL A 1 46  ? -1.862  -1.051  1.927   1.00 31.42 ?  75  VAL A CA  1 
ATOM   141  C C   . VAL A 1 46  ? -1.386  -1.384  0.518   1.00 32.13 ?  75  VAL A C   1 
ATOM   142  O O   . VAL A 1 46  ? -1.799  -2.406  -0.048  1.00 32.79 ?  75  VAL A O   1 
ATOM   143  C CB  . VAL A 1 46  ? -1.022  -1.860  2.957   1.00 32.97 ?  75  VAL A CB  1 
ATOM   144  C CG1 . VAL A 1 46  ? 0.461   -1.469  2.897   1.00 33.99 ?  75  VAL A CG1 1 
ATOM   145  C CG2 . VAL A 1 46  ? -1.577  -1.724  4.382   1.00 34.29 ?  75  VAL A CG2 1 
ATOM   146  N N   . ALA A 1 47  ? -0.514  -0.535  -0.045  1.00 30.71 ?  76  ALA A N   1 
ATOM   147  C CA  . ALA A 1 47  ? 0.161   -0.808  -1.308  1.00 30.78 ?  76  ALA A CA  1 
ATOM   148  C C   . ALA A 1 47  ? 1.659   -0.893  -0.972  1.00 30.71 ?  76  ALA A C   1 
ATOM   149  O O   . ALA A 1 47  ? 2.224   0.045   -0.384  1.00 30.45 ?  76  ALA A O   1 
ATOM   150  C CB  . ALA A 1 47  ? -0.086  0.303   -2.317  1.00 30.78 ?  76  ALA A CB  1 
ATOM   151  N N   . VAL A 1 48  ? 2.289   -2.030  -1.271  1.00 30.27 ?  77  VAL A N   1 
ATOM   152  C CA  . VAL A 1 48  ? 3.709   -2.234  -0.991  1.00 30.96 ?  77  VAL A CA  1 
ATOM   153  C C   . VAL A 1 48  ? 4.517   -2.240  -2.299  1.00 30.58 ?  77  VAL A C   1 
ATOM   154  O O   . VAL A 1 48  ? 4.173   -2.967  -3.240  1.00 30.85 ?  77  VAL A O   1 
ATOM   155  C CB  . VAL A 1 48  ? 3.965   -3.561  -0.220  1.00 33.54 ?  77  VAL A CB  1 
ATOM   156  C CG1 . VAL A 1 48  ? 5.405   -3.620  0.293   1.00 35.05 ?  77  VAL A CG1 1 
ATOM   157  C CG2 . VAL A 1 48  ? 2.965   -3.760  0.918   1.00 34.67 ?  77  VAL A CG2 1 
ATOM   158  N N   . HIS A 1 49  ? 5.581   -1.440  -2.372  1.00 29.41 ?  78  HIS A N   1 
ATOM   159  C CA  . HIS A 1 49  ? 6.466   -1.435  -3.534  1.00 29.50 ?  78  HIS A CA  1 
ATOM   160  C C   . HIS A 1 49  ? 7.411   -2.602  -3.249  1.00 31.83 ?  78  HIS A C   1 
ATOM   161  O O   . HIS A 1 49  ? 8.256   -2.513  -2.353  1.00 32.69 ?  78  HIS A O   1 
ATOM   162  C CB  . HIS A 1 49  ? 7.249   -0.126  -3.618  1.00 29.24 ?  78  HIS A CB  1 
ATOM   163  C CG  . HIS A 1 49  ? 8.179   -0.073  -4.791  1.00 31.53 ?  78  HIS A CG  1 
ATOM   164  N ND1 . HIS A 1 49  ? 9.553   -0.203  -4.629  1.00 33.35 ?  78  HIS A ND1 1 
ATOM   165  C CD2 . HIS A 1 49  ? 7.909   0.078   -6.111  1.00 32.35 ?  78  HIS A CD2 1 
ATOM   166  C CE1 . HIS A 1 49  ? 10.070  -0.091  -5.844  1.00 33.23 ?  78  HIS A CE1 1 
ATOM   167  N NE2 . HIS A 1 49  ? 9.124   0.078   -6.764  1.00 33.06 ?  78  HIS A NE2 1 
ATOM   168  N N   . VAL A 1 50  ? 7.216   -3.701  -3.955  1.00 33.03 ?  79  VAL A N   1 
ATOM   169  C CA  . VAL A 1 50  ? 7.900   -4.979  -3.697  1.00 35.32 ?  79  VAL A CA  1 
ATOM   170  C C   . VAL A 1 50  ? 9.430   -4.876  -3.529  1.00 35.58 ?  79  VAL A C   1 
ATOM   171  O O   . VAL A 1 50  ? 9.960   -5.368  -2.528  1.00 36.57 ?  79  VAL A O   1 
ATOM   172  C CB  . VAL A 1 50  ? 7.513   -6.041  -4.757  1.00 38.09 ?  79  VAL A CB  1 
ATOM   173  C CG1 . VAL A 1 50  ? 8.165   -7.393  -4.441  1.00 39.68 ?  79  VAL A CG1 1 
ATOM   174  C CG2 . VAL A 1 50  ? 5.997   -6.198  -4.825  1.00 39.49 ?  79  VAL A CG2 1 
ATOM   175  N N   . ALA A 1 51  ? 10.122  -4.248  -4.459  1.00 35.58 ?  80  ALA A N   1 
ATOM   176  C CA  . ALA A 1 51  ? 11.589  -4.152  -4.423  1.00 36.47 ?  80  ALA A CA  1 
ATOM   177  C C   . ALA A 1 51  ? 12.186  -3.359  -3.256  1.00 36.96 ?  80  ALA A C   1 
ATOM   178  O O   . ALA A 1 51  ? 13.306  -3.659  -2.827  1.00 37.49 ?  80  ALA A O   1 
ATOM   179  C CB  . ALA A 1 51  ? 12.102  -3.589  -5.733  1.00 36.79 ?  80  ALA A CB  1 
ATOM   180  N N   . SER A 1 52  ? 11.465  -2.347  -2.741  1.00 34.96 ?  81  SER A N   1 
ATOM   181  C CA  . SER A 1 52  ? 11.993  -1.507  -1.676  1.00 34.08 ?  81  SER A CA  1 
ATOM   182  C C   . SER A 1 52  ? 11.391  -1.718  -0.307  1.00 34.01 ?  81  SER A C   1 
ATOM   183  O O   . SER A 1 52  ? 12.009  -1.333  0.684   1.00 34.81 ?  81  SER A O   1 
ATOM   184  C CB  . SER A 1 52  ? 11.799  -0.038  -2.039  1.00 34.55 ?  81  SER A CB  1 
ATOM   185  O OG  . SER A 1 52  ? 10.409  0.238   -2.147  1.00 33.89 ?  81  SER A OG  1 
ATOM   186  N N   . GLY A 1 53  ? 10.167  -2.221  -0.253  1.00 33.62 ?  82  GLY A N   1 
ATOM   187  C CA  . GLY A 1 53  ? 9.419   -2.340  0.992   1.00 33.10 ?  82  GLY A CA  1 
ATOM   188  C C   . GLY A 1 53  ? 8.691   -1.045  1.367   1.00 32.08 ?  82  GLY A C   1 
ATOM   189  O O   . GLY A 1 53  ? 8.082   -0.973  2.435   1.00 32.72 ?  82  GLY A O   1 
ATOM   190  N N   . TYR A 1 54  ? 8.741   -0.012  0.497   1.00 29.83 ?  83  TYR A N   1 
ATOM   191  C CA  . TYR A 1 54  ? 8.047   1.272   0.734   1.00 28.92 ?  83  TYR A CA  1 
ATOM   192  C C   . TYR A 1 54  ? 6.537   1.043   0.695   1.00 28.33 ?  83  TYR A C   1 
ATOM   193  O O   . TYR A 1 54  ? 6.065   0.275   -0.139  1.00 28.84 ?  83  TYR A O   1 
ATOM   194  C CB  . TYR A 1 54  ? 8.468   2.277   -0.355  1.00 28.80 ?  83  TYR A CB  1 
ATOM   195  C CG  . TYR A 1 54  ? 7.695   3.582   -0.375  1.00 30.10 ?  83  TYR A CG  1 
ATOM   196  C CD1 . TYR A 1 54  ? 6.534   3.711   -1.129  1.00 30.79 ?  83  TYR A CD1 1 
ATOM   197  C CD2 . TYR A 1 54  ? 8.194   4.718   0.251   1.00 31.15 ?  83  TYR A CD2 1 
ATOM   198  C CE1 . TYR A 1 54  ? 5.826   4.906   -1.167  1.00 31.72 ?  83  TYR A CE1 1 
ATOM   199  C CE2 . TYR A 1 54  ? 7.533   5.948   0.154   1.00 32.21 ?  83  TYR A CE2 1 
ATOM   200  C CZ  . TYR A 1 54  ? 6.337   6.026   -0.543  1.00 33.65 ?  83  TYR A CZ  1 
ATOM   201  O OH  . TYR A 1 54  ? 5.674   7.219   -0.695  1.00 35.28 ?  83  TYR A OH  1 
ATOM   202  N N   . ILE A 1 55  ? 5.772   1.734   1.545   1.00 28.47 ?  84  ILE A N   1 
ATOM   203  C CA  . ILE A 1 55  ? 4.325   1.582   1.579   1.00 29.38 ?  84  ILE A CA  1 
ATOM   204  C C   . ILE A 1 55  ? 3.533   2.896   1.540   1.00 29.53 ?  84  ILE A C   1 
ATOM   205  O O   . ILE A 1 55  ? 4.016   3.971   1.935   1.00 28.91 ?  84  ILE A O   1 
ATOM   206  C CB  . ILE A 1 55  ? 3.897   0.785   2.842   1.00 30.93 ?  84  ILE A CB  1 
ATOM   207  C CG1 . ILE A 1 55  ? 4.157   1.587   4.140   1.00 32.62 ?  84  ILE A CG1 1 
ATOM   208  C CG2 . ILE A 1 55  ? 4.522   -0.600  2.898   1.00 31.91 ?  84  ILE A CG2 1 
ATOM   209  C CD1 . ILE A 1 55  ? 3.426   1.024   5.294   1.00 34.82 ?  84  ILE A CD1 1 
ATOM   210  N N   . GLU A 1 56  ? 2.298   2.786   1.056   1.00 28.58 ?  85  GLU A N   1 
ATOM   211  C CA  . GLU A 1 56  ? 1.257   3.800   1.101   1.00 28.77 ?  85  GLU A CA  1 
ATOM   212  C C   . GLU A 1 56  ? 0.066   3.050   1.744   1.00 28.97 ?  85  GLU A C   1 
ATOM   213  O O   . GLU A 1 56  ? -0.113  1.856   1.481   1.00 29.61 ?  85  GLU A O   1 
ATOM   214  C CB  . GLU A 1 56  ? 0.891   4.282   -0.312  1.00 31.68 ?  85  GLU A CB  1 
ATOM   215  C CG  . GLU A 1 56  ? 2.057   4.955   -1.016  1.00 36.75 ?  85  GLU A CG  1 
ATOM   216  C CD  . GLU A 1 56  ? 1.892   6.418   -1.373  1.00 44.53 ?  85  GLU A CD  1 
ATOM   217  O OE1 . GLU A 1 56  ? 0.773   6.966   -1.219  1.00 45.60 ?  85  GLU A OE1 1 
ATOM   218  O OE2 . GLU A 1 56  ? 2.892   7.018   -1.831  1.00 47.10 -1 85  GLU A OE2 1 
ATOM   219  N N   . ALA A 1 57  ? -0.709  3.720   2.596   1.00 27.97 ?  86  ALA A N   1 
ATOM   220  C CA  . ALA A 1 57  ? -1.837  3.071   3.264   1.00 28.28 ?  86  ALA A CA  1 
ATOM   221  C C   . ALA A 1 57  ? -2.963  4.047   3.499   1.00 29.23 ?  86  ALA A C   1 
ATOM   222  O O   . ALA A 1 57  ? -2.730  5.264   3.617   1.00 29.43 ?  86  ALA A O   1 
ATOM   223  C CB  . ALA A 1 57  ? -1.390  2.470   4.597   1.00 28.12 ?  86  ALA A CB  1 
ATOM   224  N N   . GLU A 1 58  ? -4.192  3.522   3.596   1.00 28.42 ?  87  GLU A N   1 
ATOM   225  C CA  . GLU A 1 58  ? -5.362  4.334   3.884   1.00 29.45 ?  87  GLU A CA  1 
ATOM   226  C C   . GLU A 1 58  ? -6.346  3.526   4.740   1.00 30.88 ?  87  GLU A C   1 
ATOM   227  O O   . GLU A 1 58  ? -6.387  2.307   4.636   1.00 31.41 ?  87  GLU A O   1 
ATOM   228  C CB  . GLU A 1 58  ? -6.082  4.745   2.584   1.00 33.58 ?  87  GLU A CB  1 
ATOM   229  C CG  . GLU A 1 58  ? -5.327  5.715   1.676   1.00 42.27 ?  87  GLU A CG  1 
ATOM   230  C CD  . GLU A 1 58  ? -5.026  7.093   2.236   1.00 54.12 ?  87  GLU A CD  1 
ATOM   231  O OE1 . GLU A 1 58  ? -5.499  7.405   3.353   1.00 56.99 ?  87  GLU A OE1 1 
ATOM   232  O OE2 . GLU A 1 58  ? -4.300  7.857   1.560   1.00 57.26 -1 87  GLU A OE2 1 
ATOM   233  N N   . VAL A 1 59  ? -7.155  4.205   5.541   1.00 31.68 ?  88  VAL A N   1 
ATOM   234  C CA  . VAL A 1 59  ? -8.200  3.551   6.328   1.00 32.53 ?  88  VAL A CA  1 
ATOM   235  C C   . VAL A 1 59  ? -9.523  3.743   5.568   1.00 33.25 ?  88  VAL A C   1 
ATOM   236  O O   . VAL A 1 59  ? -9.851  4.867   5.162   1.00 33.08 ?  88  VAL A O   1 
ATOM   237  C CB  . VAL A 1 59  ? -8.310  4.140   7.755   1.00 34.13 ?  88  VAL A CB  1 
ATOM   238  C CG1 . VAL A 1 59  ? -9.475  3.504   8.519   1.00 35.03 ?  88  VAL A CG1 1 
ATOM   239  C CG2 . VAL A 1 59  ? -7.008  3.953   8.523   1.00 34.77 ?  88  VAL A CG2 1 
ATOM   240  N N   . ILE A 1 60  ? -10.275 2.655   5.376   1.00 33.61 ?  89  ILE A N   1 
ATOM   241  C CA  . ILE A 1 60  ? -11.572 2.674   4.698   1.00 35.50 ?  89  ILE A CA  1 
ATOM   242  C C   . ILE A 1 60  ? -12.602 1.865   5.542   1.00 37.34 ?  89  ILE A C   1 
ATOM   243  O O   . ILE A 1 60  ? -12.192 1.014   6.333   1.00 36.82 ?  89  ILE A O   1 
ATOM   244  C CB  . ILE A 1 60  ? -11.423 2.130   3.240   1.00 35.71 ?  89  ILE A CB  1 
ATOM   245  C CG1 . ILE A 1 60  ? -10.838 0.708   3.222   1.00 35.52 ?  89  ILE A CG1 1 
ATOM   246  C CG2 . ILE A 1 60  ? -10.597 3.093   2.355   1.00 36.68 ?  89  ILE A CG2 1 
ATOM   247  C CD1 . ILE A 1 60  ? -10.760 0.048   1.811   1.00 36.96 ?  89  ILE A CD1 1 
ATOM   248  N N   . PRO A 1 61  ? -13.928 2.106   5.409   1.00 39.34 ?  90  PRO A N   1 
ATOM   249  C CA  . PRO A 1 61  ? -14.893 1.352   6.238   1.00 40.77 ?  90  PRO A CA  1 
ATOM   250  C C   . PRO A 1 61  ? -14.892 -0.141  5.941   1.00 41.09 ?  90  PRO A C   1 
ATOM   251  O O   . PRO A 1 61  ? -15.015 -0.969  6.845   1.00 41.99 ?  90  PRO A O   1 
ATOM   252  C CB  . PRO A 1 61  ? -16.247 1.994   5.887   1.00 42.01 ?  90  PRO A CB  1 
ATOM   253  C CG  . PRO A 1 61  ? -15.917 3.298   5.253   1.00 42.04 ?  90  PRO A CG  1 
ATOM   254  C CD  . PRO A 1 61  ? -14.609 3.105   4.561   1.00 39.79 ?  90  PRO A CD  1 
ATOM   255  N N   . ALA A 1 62  ? -14.754 -0.484  4.663   1.00 40.76 ?  91  ALA A N   1 
ATOM   256  C CA  . ALA A 1 62  ? -14.732 -1.866  4.187   1.00 41.00 ?  91  ALA A CA  1 
ATOM   257  C C   . ALA A 1 62  ? -14.083 -1.904  2.804   1.00 40.03 ?  91  ALA A C   1 
ATOM   258  O O   . ALA A 1 62  ? -14.101 -0.897  2.080   1.00 40.07 ?  91  ALA A O   1 
ATOM   259  C CB  . ALA A 1 62  ? -16.157 -2.406  4.096   1.00 41.72 ?  91  ALA A CB  1 
ATOM   260  N N   . GLU A 1 63  ? -13.480 -3.040  2.451   1.00 39.04 ?  92  GLU A N   1 
ATOM   261  C CA  . GLU A 1 63  ? -12.867 -3.149  1.142   1.00 39.31 ?  92  GLU A CA  1 
ATOM   262  C C   . GLU A 1 63  ? -13.980 -3.348  0.117   1.00 39.45 ?  92  GLU A C   1 
ATOM   263  O O   . GLU A 1 63  ? -14.859 -4.202  0.314   1.00 41.22 ?  92  GLU A O   1 
ATOM   264  C CB  . GLU A 1 63  ? -11.833 -4.279  1.093   1.00 40.88 ?  92  GLU A CB  1 
ATOM   265  C CG  . GLU A 1 63  ? -10.922 -4.160  -0.114  1.00 45.71 ?  92  GLU A CG  1 
ATOM   266  C CD  . GLU A 1 63  ? -9.920  -5.284  -0.288  1.00 50.14 ?  92  GLU A CD  1 
ATOM   267  O OE1 . GLU A 1 63  ? -10.342 -6.464  -0.323  1.00 50.25 ?  92  GLU A OE1 1 
ATOM   268  O OE2 . GLU A 1 63  ? -8.715  -4.979  -0.449  1.00 50.37 -1 92  GLU A OE2 1 
ATOM   269  N N   . THR A 1 64  ? -14.036 -2.460  -0.879  1.00 36.88 ?  93  THR A N   1 
ATOM   270  C CA  . THR A 1 64  ? -14.970 -2.521  -2.000  1.00 35.25 ?  93  THR A CA  1 
ATOM   271  C C   . THR A 1 64  ? -14.153 -2.259  -3.274  1.00 34.22 ?  93  THR A C   1 
ATOM   272  O O   . THR A 1 64  ? -13.035 -1.715  -3.204  1.00 32.53 ?  93  THR A O   1 
ATOM   273  C CB  . THR A 1 64  ? -16.121 -1.478  -1.900  1.00 36.43 ?  93  THR A CB  1 
ATOM   274  O OG1 . THR A 1 64  ? -15.612 -0.145  -2.067  1.00 37.03 ?  93  THR A OG1 1 
ATOM   275  C CG2 . THR A 1 64  ? -16.967 -1.610  -0.632  1.00 37.43 ?  93  THR A CG2 1 
ATOM   276  N N   . GLY A 1 65  ? -14.733 -2.590  -4.436  1.00 33.10 ?  94  GLY A N   1 
ATOM   277  C CA  . GLY A 1 65  ? -14.105 -2.296  -5.713  1.00 32.35 ?  94  GLY A CA  1 
ATOM   278  C C   . GLY A 1 65  ? -13.914 -0.798  -5.880  1.00 30.33 ?  94  GLY A C   1 
ATOM   279  O O   . GLY A 1 65  ? -12.850 -0.373  -6.321  1.00 28.51 ?  94  GLY A O   1 
ATOM   280  N N   . GLN A 1 66  ? -14.920 0.021   -5.482  1.00 29.90 ?  95  GLN A N   1 
ATOM   281  C CA  . GLN A 1 66  ? -14.780 1.482   -5.590  1.00 30.49 ?  95  GLN A CA  1 
ATOM   282  C C   . GLN A 1 66  ? -13.630 2.034   -4.720  1.00 29.23 ?  95  GLN A C   1 
ATOM   283  O O   . GLN A 1 66  ? -12.876 2.884   -5.187  1.00 28.04 ?  95  GLN A O   1 
ATOM   284  C CB  . GLN A 1 66  ? -16.087 2.210   -5.263  1.00 33.21 ?  95  GLN A CB  1 
ATOM   285  C CG  . GLN A 1 66  ? -17.150 2.020   -6.361  1.00 38.16 ?  95  GLN A CG  1 
ATOM   286  C CD  . GLN A 1 66  ? -18.305 3.008   -6.319  1.00 44.98 ?  95  GLN A CD  1 
ATOM   287  O OE1 . GLN A 1 66  ? -19.314 2.830   -6.998  1.00 48.80 ?  95  GLN A OE1 1 
ATOM   288  N NE2 . GLN A 1 66  ? -18.201 4.069   -5.548  1.00 45.63 ?  95  GLN A NE2 1 
ATOM   289  N N   . GLU A 1 67  ? -13.508 1.568   -3.468  1.00 28.56 ?  96  GLU A N   1 
ATOM   290  C CA  . GLU A 1 67  ? -12.410 2.047   -2.601  1.00 28.92 ?  96  GLU A CA  1 
ATOM   291  C C   . GLU A 1 67  ? -11.060 1.627   -3.190  1.00 28.51 ?  96  GLU A C   1 
ATOM   292  O O   . GLU A 1 67  ? -10.142 2.449   -3.243  1.00 28.69 ?  96  GLU A O   1 
ATOM   293  C CB  . GLU A 1 67  ? -12.541 1.521   -1.156  1.00 31.68 ?  96  GLU A CB  1 
ATOM   294  C CG  . GLU A 1 67  ? -13.734 2.081   -0.391  1.00 36.74 ?  96  GLU A CG  1 
ATOM   295  C CD  . GLU A 1 67  ? -13.658 3.521   0.088   1.00 44.36 ?  96  GLU A CD  1 
ATOM   296  O OE1 . GLU A 1 67  ? -14.577 3.925   0.838   1.00 47.57 ?  96  GLU A OE1 1 
ATOM   297  O OE2 . GLU A 1 67  ? -12.694 4.243   -0.266  1.00 42.23 -1 96  GLU A OE2 1 
ATOM   298  N N   . THR A 1 68  ? -10.953 0.367   -3.681  1.00 27.73 ?  97  THR A N   1 
ATOM   299  C CA  . THR A 1 68  ? -9.684  -0.106  -4.242  1.00 27.62 ?  97  THR A CA  1 
ATOM   300  C C   . THR A 1 68  ? -9.333  0.667   -5.506  1.00 26.41 ?  97  THR A C   1 
ATOM   301  O O   . THR A 1 68  ? -8.182  1.036   -5.707  1.00 26.14 ?  97  THR A O   1 
ATOM   302  C CB  . THR A 1 68  ? -9.748  -1.612  -4.510  1.00 30.27 ?  97  THR A CB  1 
ATOM   303  O OG1 . THR A 1 68  ? -10.066 -2.285  -3.282  1.00 32.30 ?  97  THR A OG1 1 
ATOM   304  C CG2 . THR A 1 68  ? -8.445  -2.158  -5.069  1.00 30.39 ?  97  THR A CG2 1 
ATOM   305  N N   . ALA A 1 69  ? -10.327 0.922   -6.355  1.00 26.15 ?  98  ALA A N   1 
ATOM   306  C CA  . ALA A 1 69  ? -10.106 1.660   -7.599  1.00 26.44 ?  98  ALA A CA  1 
ATOM   307  C C   . ALA A 1 69  ? -9.588  3.081   -7.304  1.00 26.68 ?  98  ALA A C   1 
ATOM   308  O O   . ALA A 1 69  ? -8.626  3.540   -7.937  1.00 27.19 ?  98  ALA A O   1 
ATOM   309  C CB  . ALA A 1 69  ? -11.408 1.724   -8.401  1.00 26.21 ?  98  ALA A CB  1 
ATOM   310  N N   . TYR A 1 70  ? -10.208 3.763   -6.334  1.00 26.32 ?  99  TYR A N   1 
ATOM   311  C CA  . TYR A 1 70  ? -9.799  5.113   -5.967  1.00 27.27 ?  99  TYR A CA  1 
ATOM   312  C C   . TYR A 1 70  ? -8.375  5.105   -5.382  1.00 26.53 ?  99  TYR A C   1 
ATOM   313  O O   . TYR A 1 70  ? -7.580  5.974   -5.711  1.00 26.12 ?  99  TYR A O   1 
ATOM   314  C CB  . TYR A 1 70  ? -10.812 5.752   -5.004  1.00 27.91 ?  99  TYR A CB  1 
ATOM   315  C CG  . TYR A 1 70  ? -10.464 7.186   -4.663  1.00 28.80 ?  99  TYR A CG  1 
ATOM   316  C CD1 . TYR A 1 70  ? -10.509 8.180   -5.628  1.00 29.69 ?  99  TYR A CD1 1 
ATOM   317  C CD2 . TYR A 1 70  ? -10.048 7.537   -3.385  1.00 29.86 ?  99  TYR A CD2 1 
ATOM   318  C CE1 . TYR A 1 70  ? -10.165 9.494   -5.329  1.00 30.50 ?  99  TYR A CE1 1 
ATOM   319  C CE2 . TYR A 1 70  ? -9.742  8.856   -3.062  1.00 30.78 ?  99  TYR A CE2 1 
ATOM   320  C CZ  . TYR A 1 70  ? -9.764  9.825   -4.044  1.00 31.28 ?  99  TYR A CZ  1 
ATOM   321  O OH  . TYR A 1 70  ? -9.379  11.113  -3.751  1.00 31.57 ?  99  TYR A OH  1 
ATOM   322  N N   . PHE A 1 71  ? -8.063  4.132   -4.525  1.00 26.63 ?  100 PHE A N   1 
ATOM   323  C CA  . PHE A 1 71  ? -6.716  4.010   -3.933  1.00 27.05 ?  100 PHE A CA  1 
ATOM   324  C C   . PHE A 1 71  ? -5.637  3.815   -5.050  1.00 26.90 ?  100 PHE A C   1 
ATOM   325  O O   . PHE A 1 71  ? -4.562  4.435   -4.991  1.00 25.56 ?  100 PHE A O   1 
ATOM   326  C CB  . PHE A 1 71  ? -6.708  2.812   -2.960  1.00 27.73 ?  100 PHE A CB  1 
ATOM   327  C CG  . PHE A 1 71  ? -5.431  2.591   -2.195  1.00 29.53 ?  100 PHE A CG  1 
ATOM   328  C CD1 . PHE A 1 71  ? -5.070  3.432   -1.154  1.00 32.15 ?  100 PHE A CD1 1 
ATOM   329  C CD2 . PHE A 1 71  ? -4.609  1.519   -2.485  1.00 31.60 ?  100 PHE A CD2 1 
ATOM   330  C CE1 . PHE A 1 71  ? -3.891  3.213   -0.436  1.00 32.95 ?  100 PHE A CE1 1 
ATOM   331  C CE2 . PHE A 1 71  ? -3.452  1.289   -1.745  1.00 33.03 ?  100 PHE A CE2 1 
ATOM   332  C CZ  . PHE A 1 71  ? -3.102  2.136   -0.729  1.00 32.57 ?  100 PHE A CZ  1 
ATOM   333  N N   . LEU A 1 72  ? -5.932  2.964   -6.065  1.00 26.91 ?  101 LEU A N   1 
ATOM   334  C CA  . LEU A 1 72  ? -4.986  2.718   -7.166  1.00 27.12 ?  101 LEU A CA  1 
ATOM   335  C C   . LEU A 1 72  ? -4.790  3.949   -8.044  1.00 26.88 ?  101 LEU A C   1 
ATOM   336  O O   . LEU A 1 72  ? -3.668  4.249   -8.444  1.00 25.82 ?  101 LEU A O   1 
ATOM   337  C CB  . LEU A 1 72  ? -5.425  1.528   -8.013  1.00 27.71 ?  101 LEU A CB  1 
ATOM   338  C CG  . LEU A 1 72  ? -5.391  0.165   -7.300  1.00 29.65 ?  101 LEU A CG  1 
ATOM   339  C CD1 . LEU A 1 72  ? -5.996  -0.930  -8.189  1.00 30.35 ?  101 LEU A CD1 1 
ATOM   340  C CD2 . LEU A 1 72  ? -3.981  -0.203  -6.887  1.00 31.05 ?  101 LEU A CD2 1 
ATOM   341  N N   . LEU A 1 73  ? -5.879  4.702   -8.284  1.00 26.66 ?  102 LEU A N   1 
ATOM   342  C CA  . LEU A 1 73  ? -5.814  5.945   -9.071  1.00 26.85 ?  102 LEU A CA  1 
ATOM   343  C C   . LEU A 1 73  ? -4.889  6.945   -8.361  1.00 26.08 ?  102 LEU A C   1 
ATOM   344  O O   . LEU A 1 73  ? -4.005  7.528   -8.994  1.00 25.08 ?  102 LEU A O   1 
ATOM   345  C CB  . LEU A 1 73  ? -7.240  6.520   -9.212  1.00 27.68 ?  102 LEU A CB  1 
ATOM   346  C CG  . LEU A 1 73  ? -7.341  7.878   -9.905  1.00 30.30 ?  102 LEU A CG  1 
ATOM   347  C CD1 . LEU A 1 73  ? -6.794  7.795   -11.355 1.00 31.31 ?  102 LEU A CD1 1 
ATOM   348  C CD2 . LEU A 1 73  ? -8.794  8.377   -9.895  1.00 29.92 ?  102 LEU A CD2 1 
ATOM   349  N N   . LYS A 1 74  ? -5.026  7.067   -7.025  1.00 25.14 ?  103 LYS A N   1 
ATOM   350  C CA  . LYS A 1 74  ? -4.143  7.950   -6.246  1.00 25.52 ?  103 LYS A CA  1 
ATOM   351  C C   . LYS A 1 74  ? -2.671  7.503   -6.328  1.00 26.01 ?  103 LYS A C   1 
ATOM   352  O O   . LYS A 1 74  ? -1.785  8.315   -6.588  1.00 26.37 ?  103 LYS A O   1 
ATOM   353  C CB  . LYS A 1 74  ? -4.596  7.976   -4.763  1.00 27.10 ?  103 LYS A CB  1 
ATOM   354  C CG  . LYS A 1 74  ? -5.800  8.878   -4.513  1.00 30.00 ?  103 LYS A CG  1 
ATOM   355  C CD  . LYS A 1 74  ? -6.069  9.059   -3.007  1.00 32.35 ?  103 LYS A CD  1 
ATOM   356  C CE  . LYS A 1 74  ? -6.479  7.765   -2.340  1.00 37.12 ?  103 LYS A CE  1 
ATOM   357  N NZ  . LYS A 1 74  ? -6.772  7.961   -0.887  1.00 39.47 1  103 LYS A NZ  1 
ATOM   358  N N   . LEU A 1 75  ? -2.413  6.227   -6.068  1.00 25.79 ?  104 LEU A N   1 
ATOM   359  C CA  . LEU A 1 75  ? -1.077  5.656   -6.070  1.00 26.43 ?  104 LEU A CA  1 
ATOM   360  C C   . LEU A 1 75  ? -0.364  5.884   -7.427  1.00 26.33 ?  104 LEU A C   1 
ATOM   361  O O   . LEU A 1 75  ? 0.789   6.317   -7.455  1.00 26.61 ?  104 LEU A O   1 
ATOM   362  C CB  . LEU A 1 75  ? -1.206  4.155   -5.786  1.00 27.20 ?  104 LEU A CB  1 
ATOM   363  C CG  . LEU A 1 75  ? 0.125   3.404   -5.727  1.00 30.17 ?  104 LEU A CG  1 
ATOM   364  C CD1 . LEU A 1 75  ? 0.882   3.767   -4.450  1.00 31.48 ?  104 LEU A CD1 1 
ATOM   365  C CD2 . LEU A 1 75  ? -0.103  1.888   -5.798  1.00 30.51 ?  104 LEU A CD2 1 
ATOM   366  N N   . ALA A 1 76  ? -1.064  5.604   -8.539  1.00 26.42 ?  105 ALA A N   1 
ATOM   367  C CA  . ALA A 1 76  ? -0.498  5.717   -9.889  1.00 27.23 ?  105 ALA A CA  1 
ATOM   368  C C   . ALA A 1 76  ? -0.230  7.164   -10.317 1.00 27.57 ?  105 ALA A C   1 
ATOM   369  O O   . ALA A 1 76  ? 0.652   7.395   -11.151 1.00 27.51 ?  105 ALA A O   1 
ATOM   370  C CB  . ALA A 1 76  ? -1.400  5.023   -10.889 1.00 27.70 ?  105 ALA A CB  1 
ATOM   371  N N   . GLY A 1 77  ? -0.948  8.130   -9.731  1.00 27.02 ?  106 GLY A N   1 
ATOM   372  C CA  . GLY A 1 77  ? -0.646  9.531   -10.016 1.00 27.34 ?  106 GLY A CA  1 
ATOM   373  C C   . GLY A 1 77  ? 0.602   10.011  -9.279  1.00 27.95 ?  106 GLY A C   1 
ATOM   374  O O   . GLY A 1 77  ? 1.219   10.998  -9.670  1.00 28.66 ?  106 GLY A O   1 
ATOM   375  N N   . ARG A 1 78  ? 1.047   9.259   -8.250  1.00 27.18 ?  107 ARG A N   1 
ATOM   376  C CA  . ARG A 1 78  ? 2.175   9.618   -7.396  1.00 27.63 ?  107 ARG A CA  1 
ATOM   377  C C   . ARG A 1 78  ? 3.478   8.859   -7.692  1.00 29.41 ?  107 ARG A C   1 
ATOM   378  O O   . ARG A 1 78  ? 4.565   9.417   -7.516  1.00 30.62 ?  107 ARG A O   1 
ATOM   379  C CB  . ARG A 1 78  ? 1.740   9.414   -5.940  1.00 28.24 ?  107 ARG A CB  1 
ATOM   380  C CG  . ARG A 1 78  ? 0.785   10.546  -5.511  1.00 30.72 ?  107 ARG A CG  1 
ATOM   381  C CD  . ARG A 1 78  ? -0.166  10.207  -4.354  1.00 32.66 ?  107 ARG A CD  1 
ATOM   382  N NE  . ARG A 1 78  ? -1.041  11.342  -4.019  1.00 33.92 ?  107 ARG A NE  1 
ATOM   383  C CZ  . ARG A 1 78  ? -2.086  11.728  -4.762  1.00 34.04 ?  107 ARG A CZ  1 
ATOM   384  N NH1 . ARG A 1 78  ? -2.382  11.085  -5.893  1.00 28.85 1  107 ARG A NH1 1 
ATOM   385  N NH2 . ARG A 1 78  ? -2.800  12.800  -4.412  1.00 28.49 1  107 ARG A NH2 1 
ATOM   386  N N   . TRP A 1 79  ? 3.371   7.579   -8.072  1.00 29.07 ?  108 TRP A N   1 
ATOM   387  C CA  . TRP A 1 79  ? 4.508   6.720   -8.383  1.00 29.89 ?  108 TRP A CA  1 
ATOM   388  C C   . TRP A 1 79  ? 4.288   6.036   -9.743  1.00 31.74 ?  108 TRP A C   1 
ATOM   389  O O   . TRP A 1 79  ? 3.135   5.819   -10.130 1.00 31.49 ?  108 TRP A O   1 
ATOM   390  C CB  . TRP A 1 79  ? 4.651   5.636   -7.306  1.00 29.52 ?  108 TRP A CB  1 
ATOM   391  C CG  . TRP A 1 79  ? 5.060   6.163   -5.962  1.00 30.47 ?  108 TRP A CG  1 
ATOM   392  C CD1 . TRP A 1 79  ? 4.249   6.385   -4.886  1.00 31.76 ?  108 TRP A CD1 1 
ATOM   393  C CD2 . TRP A 1 79  ? 6.368   6.609   -5.581  1.00 31.26 ?  108 TRP A CD2 1 
ATOM   394  N NE1 . TRP A 1 79  ? 4.980   6.925   -3.848  1.00 32.48 ?  108 TRP A NE1 1 
ATOM   395  C CE2 . TRP A 1 79  ? 6.288   7.060   -4.245  1.00 32.32 ?  108 TRP A CE2 1 
ATOM   396  C CE3 . TRP A 1 79  ? 7.609   6.636   -6.225  1.00 31.99 ?  108 TRP A CE3 1 
ATOM   397  C CZ2 . TRP A 1 79  ? 7.391   7.567   -3.564  1.00 33.65 ?  108 TRP A CZ2 1 
ATOM   398  C CZ3 . TRP A 1 79  ? 8.712   7.102   -5.531  1.00 33.91 ?  108 TRP A CZ3 1 
ATOM   399  C CH2 . TRP A 1 79  ? 8.596   7.567   -4.220  1.00 34.10 ?  108 TRP A CH2 1 
ATOM   400  N N   . PRO A 1 80  ? 5.364   5.639   -10.460 1.00 33.40 ?  109 PRO A N   1 
ATOM   401  C CA  . PRO A 1 80  ? 5.168   5.006   -11.784 1.00 34.20 ?  109 PRO A CA  1 
ATOM   402  C C   . PRO A 1 80  ? 4.757   3.537   -11.648 1.00 34.78 ?  109 PRO A C   1 
ATOM   403  O O   . PRO A 1 80  ? 5.613   2.633   -11.684 1.00 36.89 ?  109 PRO A O   1 
ATOM   404  C CB  . PRO A 1 80  ? 6.546   5.151   -12.451 1.00 35.19 ?  109 PRO A CB  1 
ATOM   405  C CG  . PRO A 1 80  ? 7.509   5.174   -11.311 1.00 35.71 ?  109 PRO A CG  1 
ATOM   406  C CD  . PRO A 1 80  ? 6.796   5.866   -10.169 1.00 33.66 ?  109 PRO A CD  1 
ATOM   407  N N   . VAL A 1 81  ? 3.462   3.298   -11.459 1.00 32.84 ?  110 VAL A N   1 
ATOM   408  C CA  . VAL A 1 81  ? 2.881   1.979   -11.244 1.00 32.38 ?  110 VAL A CA  1 
ATOM   409  C C   . VAL A 1 81  ? 2.672   1.209   -12.562 1.00 33.37 ?  110 VAL A C   1 
ATOM   410  O O   . VAL A 1 81  ? 1.796   1.550   -13.359 1.00 34.63 ?  110 VAL A O   1 
ATOM   411  C CB  . VAL A 1 81  ? 1.573   2.080   -10.415 1.00 31.83 ?  110 VAL A CB  1 
ATOM   412  C CG1 . VAL A 1 81  ? 1.020   0.701   -10.109 1.00 31.57 ?  110 VAL A CG1 1 
ATOM   413  C CG2 . VAL A 1 81  ? 1.797   2.848   -9.111  1.00 31.88 ?  110 VAL A CG2 1 
ATOM   414  N N   . LYS A 1 82  ? 3.480   0.182   -12.796 1.00 32.96 ?  111 LYS A N   1 
ATOM   415  C CA  . LYS A 1 82  ? 3.360   -0.613  -14.030 1.00 33.45 ?  111 LYS A CA  1 
ATOM   416  C C   . LYS A 1 82  ? 2.491   -1.834  -13.803 1.00 32.86 ?  111 LYS A C   1 
ATOM   417  O O   . LYS A 1 82  ? 1.658   -2.157  -14.638 1.00 33.30 ?  111 LYS A O   1 
ATOM   418  C CB  . LYS A 1 82  ? 4.754   -1.034  -14.533 1.00 36.18 ?  111 LYS A CB  1 
ATOM   419  N N   . THR A 1 83  ? 2.686   -2.513  -12.686 1.00 32.65 ?  112 THR A N   1 
ATOM   420  C CA  . THR A 1 83  ? 1.944   -3.723  -12.377 1.00 33.73 ?  112 THR A CA  1 
ATOM   421  C C   . THR A 1 83  ? 1.458   -3.711  -10.946 1.00 33.01 ?  112 THR A C   1 
ATOM   422  O O   . THR A 1 83  ? 2.190   -3.276  -10.054 1.00 32.51 ?  112 THR A O   1 
ATOM   423  C CB  . THR A 1 83  ? 2.881   -4.935  -12.580 1.00 36.60 ?  112 THR A CB  1 
ATOM   424  O OG1 . THR A 1 83  ? 3.346   -4.924  -13.934 1.00 38.76 ?  112 THR A OG1 1 
ATOM   425  C CG2 . THR A 1 83  ? 2.208   -6.257  -12.262 1.00 37.57 ?  112 THR A CG2 1 
ATOM   426  N N   . VAL A 1 84  ? 0.236   -4.218  -10.707 1.00 32.92 ?  113 VAL A N   1 
ATOM   427  C CA  . VAL A 1 84  ? -0.265  -4.357  -9.346  1.00 33.07 ?  113 VAL A CA  1 
ATOM   428  C C   . VAL A 1 84  ? -0.720  -5.795  -9.141  1.00 33.64 ?  113 VAL A C   1 
ATOM   429  O O   . VAL A 1 84  ? -1.535  -6.305  -9.922  1.00 34.48 ?  113 VAL A O   1 
ATOM   430  C CB  . VAL A 1 84  ? -1.390  -3.353  -8.979  1.00 34.57 ?  113 VAL A CB  1 
ATOM   431  C CG1 . VAL A 1 84  ? -1.980  -3.665  -7.599  1.00 35.69 ?  113 VAL A CG1 1 
ATOM   432  C CG2 . VAL A 1 84  ? -0.869  -1.929  -8.995  1.00 35.23 ?  113 VAL A CG2 1 
ATOM   433  N N   . HIS A 1 85  ? -0.200  -6.446  -8.115  1.00 33.10 ?  114 HIS A N   1 
ATOM   434  C CA  . HIS A 1 85  ? -0.669  -7.768  -7.752  1.00 35.14 ?  114 HIS A CA  1 
ATOM   435  C C   . HIS A 1 85  ? -1.809  -7.534  -6.795  1.00 35.75 ?  114 HIS A C   1 
ATOM   436  O O   . HIS A 1 85  ? -1.596  -6.954  -5.718  1.00 35.19 ?  114 HIS A O   1 
ATOM   437  C CB  . HIS A 1 85  ? 0.449   -8.600  -7.133  1.00 37.48 ?  114 HIS A CB  1 
ATOM   438  C CG  . HIS A 1 85  ? 1.449   -8.996  -8.164  1.00 42.77 ?  114 HIS A CG  1 
ATOM   439  N ND1 . HIS A 1 85  ? 1.199   -10.032 -9.047  1.00 45.49 ?  114 HIS A ND1 1 
ATOM   440  C CD2 . HIS A 1 85  ? 2.633   -8.429  -8.479  1.00 44.57 ?  114 HIS A CD2 1 
ATOM   441  C CE1 . HIS A 1 85  ? 2.255   -10.089 -9.841  1.00 46.43 ?  114 HIS A CE1 1 
ATOM   442  N NE2 . HIS A 1 85  ? 3.138   -9.135  -9.547  1.00 46.17 ?  114 HIS A NE2 1 
ATOM   443  N N   . THR A 1 86  ? -3.049  -7.859  -7.241  1.00 35.62 ?  115 THR A N   1 
ATOM   444  C CA  . THR A 1 86  ? -4.247  -7.644  -6.417  1.00 36.64 ?  115 THR A CA  1 
ATOM   445  C C   . THR A 1 86  ? -4.190  -8.535  -5.170  1.00 36.75 ?  115 THR A C   1 
ATOM   446  O O   . THR A 1 86  ? -3.506  -9.558  -5.178  1.00 37.97 ?  115 THR A O   1 
ATOM   447  C CB  . THR A 1 86  ? -5.539  -7.808  -7.236  1.00 39.11 ?  115 THR A CB  1 
ATOM   448  O OG1 . THR A 1 86  ? -5.589  -9.132  -7.772  1.00 40.87 ?  115 THR A OG1 1 
ATOM   449  C CG2 . THR A 1 86  ? -5.645  -6.779  -8.368  1.00 38.93 ?  115 THR A CG2 1 
ATOM   450  N N   . ASP A 1 87  ? -4.862  -8.124  -4.110  1.00 35.19 ?  116 ASP A N   1 
ATOM   451  C CA  . ASP A 1 87  ? -4.826  -8.817  -2.820  1.00 36.27 ?  116 ASP A CA  1 
ATOM   452  C C   . ASP A 1 87  ? -5.745  -10.052 -2.715  1.00 35.98 ?  116 ASP A C   1 
ATOM   453  O O   . ASP A 1 87  ? -5.548  -10.905 -1.844  1.00 35.10 ?  116 ASP A O   1 
ATOM   454  C CB  . ASP A 1 87  ? -5.121  -7.841  -1.681  1.00 38.42 ?  116 ASP A CB  1 
ATOM   455  C CG  . ASP A 1 87  ? -6.443  -7.113  -1.768  1.00 44.11 ?  116 ASP A CG  1 
ATOM   456  O OD1 . ASP A 1 87  ? -6.872  -6.756  -2.912  1.00 44.76 ?  116 ASP A OD1 1 
ATOM   457  O OD2 . ASP A 1 87  ? -7.042  -6.867  -0.711  1.00 46.96 -1 116 ASP A OD2 1 
ATOM   458  N N   . ASN A 1 88  ? -6.719  -10.151 -3.629  1.00 36.11 ?  117 ASN A N   1 
ATOM   459  C CA  . ASN A 1 88  ? -7.666  -11.259 -3.639  1.00 35.94 ?  117 ASN A CA  1 
ATOM   460  C C   . ASN A 1 88  ? -8.401  -11.299 -4.993  1.00 36.15 ?  117 ASN A C   1 
ATOM   461  O O   . ASN A 1 88  ? -8.299  -10.364 -5.798  1.00 36.03 ?  117 ASN A O   1 
ATOM   462  C CB  . ASN A 1 88  ? -8.637  -11.157 -2.432  1.00 37.29 ?  117 ASN A CB  1 
ATOM   463  C CG  . ASN A 1 88  ? -9.456  -9.890  -2.461  1.00 41.24 ?  117 ASN A CG  1 
ATOM   464  O OD1 . ASN A 1 88  ? -10.087 -9.553  -3.470  1.00 42.15 ?  117 ASN A OD1 1 
ATOM   465  N ND2 . ASN A 1 88  ? -9.451  -9.147  -1.367  1.00 41.66 ?  117 ASN A ND2 1 
ATOM   466  N N   . GLY A 1 89  ? -9.188  -12.347 -5.204  1.00 35.73 ?  118 GLY A N   1 
ATOM   467  C CA  . GLY A 1 89  ? -9.917  -12.561 -6.440  1.00 35.59 ?  118 GLY A CA  1 
ATOM   468  C C   . GLY A 1 89  ? -11.064 -11.608 -6.684  1.00 35.92 ?  118 GLY A C   1 
ATOM   469  O O   . GLY A 1 89  ? -11.424 -11.386 -7.843  1.00 36.88 ?  118 GLY A O   1 
ATOM   470  N N   . SER A 1 90  ? -11.631 -11.018 -5.631  1.00 35.38 ?  119 SER A N   1 
ATOM   471  C CA  . SER A 1 90  ? -12.738 -10.068 -5.800  1.00 36.96 ?  119 SER A CA  1 
ATOM   472  C C   . SER A 1 90  ? -12.219 -8.764  -6.382  1.00 38.29 ?  119 SER A C   1 
ATOM   473  O O   . SER A 1 90  ? -12.848 -8.211  -7.282  1.00 38.85 ?  119 SER A O   1 
ATOM   474  C CB  . SER A 1 90  ? -13.447 -9.809  -4.477  1.00 39.17 ?  119 SER A CB  1 
ATOM   475  O OG  . SER A 1 90  ? -14.101 -11.003 -4.065  1.00 42.39 ?  119 SER A OG  1 
ATOM   476  N N   . ASN A 1 91  ? -11.067 -8.278  -5.885  1.00 37.60 ?  120 ASN A N   1 
ATOM   477  C CA  . ASN A 1 91  ? -10.463 -7.078  -6.459  1.00 37.89 ?  120 ASN A CA  1 
ATOM   478  C C   . ASN A 1 91  ? -9.895  -7.378  -7.845  1.00 38.76 ?  120 ASN A C   1 
ATOM   479  O O   . ASN A 1 91  ? -9.901  -6.497  -8.698  1.00 39.41 ?  120 ASN A O   1 
ATOM   480  C CB  . ASN A 1 91  ? -9.380  -6.498  -5.542  1.00 38.76 ?  120 ASN A CB  1 
ATOM   481  C CG  . ASN A 1 91  ? -9.943  -5.503  -4.557  1.00 39.31 ?  120 ASN A CG  1 
ATOM   482  O OD1 . ASN A 1 91  ? -10.996 -4.894  -4.773  1.00 39.12 ?  120 ASN A OD1 1 
ATOM   483  N ND2 . ASN A 1 91  ? -9.245  -5.309  -3.464  1.00 40.16 ?  120 ASN A ND2 1 
ATOM   484  N N   . PHE A 1 92  ? -9.415  -8.603  -8.088  1.00 38.15 ?  121 PHE A N   1 
ATOM   485  C CA  . PHE A 1 92  ? -8.927  -8.988  -9.407  1.00 38.69 ?  121 PHE A CA  1 
ATOM   486  C C   . PHE A 1 92  ? -10.107 -8.976  -10.404 1.00 37.52 ?  121 PHE A C   1 
ATOM   487  O O   . PHE A 1 92  ? -9.961  -8.479  -11.520 1.00 37.89 ?  121 PHE A O   1 
ATOM   488  C CB  . PHE A 1 92  ? -8.277  -10.386 -9.351  1.00 40.16 ?  121 PHE A CB  1 
ATOM   489  C CG  . PHE A 1 92  ? -7.631  -10.859 -10.635 1.00 43.23 ?  121 PHE A CG  1 
ATOM   490  C CD1 . PHE A 1 92  ? -6.527  -10.206 -11.158 1.00 45.12 ?  121 PHE A CD1 1 
ATOM   491  C CD2 . PHE A 1 92  ? -8.088  -11.991 -11.284 1.00 45.47 ?  121 PHE A CD2 1 
ATOM   492  C CE1 . PHE A 1 92  ? -5.914  -10.661 -12.326 1.00 46.49 ?  121 PHE A CE1 1 
ATOM   493  C CE2 . PHE A 1 92  ? -7.484  -12.438 -12.464 1.00 46.55 ?  121 PHE A CE2 1 
ATOM   494  C CZ  . PHE A 1 92  ? -6.399  -11.773 -12.975 1.00 46.35 ?  121 PHE A CZ  1 
ATOM   495  N N   . THR A 1 93  ? -11.280 -9.483  -9.981  1.00 35.54 ?  122 THR A N   1 
ATOM   496  C CA  . THR A 1 93  ? -12.468 -9.600  -10.823 1.00 34.96 ?  122 THR A CA  1 
ATOM   497  C C   . THR A 1 93  ? -13.229 -8.299  -11.038 1.00 34.21 ?  122 THR A C   1 
ATOM   498  O O   . THR A 1 93  ? -13.774 -8.098  -12.115 1.00 34.37 ?  122 THR A O   1 
ATOM   499  C CB  . THR A 1 93  ? -13.456 -10.624 -10.235 1.00 36.22 ?  122 THR A CB  1 
ATOM   500  O OG1 . THR A 1 93  ? -12.774 -11.873 -10.043 1.00 37.80 ?  122 THR A OG1 1 
ATOM   501  C CG2 . THR A 1 93  ? -14.680 -10.830 -11.135 1.00 36.71 ?  122 THR A CG2 1 
ATOM   502  N N   . SER A 1 94  ? -13.280 -7.436  -10.013 1.00 33.06 ?  123 SER A N   1 
ATOM   503  C CA  . SER A 1 94  ? -14.041 -6.187  -9.992  1.00 33.24 ?  123 SER A CA  1 
ATOM   504  C C   . SER A 1 94  ? -13.929 -5.380  -11.289 1.00 32.83 ?  123 SER A C   1 
ATOM   505  O O   . SER A 1 94  ? -12.819 -5.025  -11.680 1.00 32.30 ?  123 SER A O   1 
ATOM   506  C CB  . SER A 1 94  ? -13.590 -5.322  -8.814  1.00 34.00 ?  123 SER A CB  1 
ATOM   507  O OG  . SER A 1 94  ? -14.144 -4.013  -8.861  1.00 34.31 ?  123 SER A OG  1 
ATOM   508  N N   . THR A 1 95  ? -15.061 -5.106  -11.948 1.00 32.66 ?  124 THR A N   1 
ATOM   509  C CA  . THR A 1 95  ? -15.035 -4.290  -13.168 1.00 34.26 ?  124 THR A CA  1 
ATOM   510  C C   . THR A 1 95  ? -14.527 -2.851  -12.837 1.00 32.80 ?  124 THR A C   1 
ATOM   511  O O   . THR A 1 95  ? -13.848 -2.230  -13.660 1.00 32.23 ?  124 THR A O   1 
ATOM   512  C CB  . THR A 1 95  ? -16.439 -4.243  -13.791 1.00 37.79 ?  124 THR A CB  1 
ATOM   513  O OG1 . THR A 1 95  ? -16.791 -5.573  -14.195 1.00 40.38 ?  124 THR A OG1 1 
ATOM   514  C CG2 . THR A 1 95  ? -16.494 -3.332  -15.018 1.00 39.35 ?  124 THR A CG2 1 
ATOM   515  N N   . THR A 1 96  ? -14.860 -2.341  -11.639 1.00 31.96 ?  125 THR A N   1 
ATOM   516  C CA  . THR A 1 96  ? -14.441 -1.003  -11.204 1.00 31.34 ?  125 THR A CA  1 
ATOM   517  C C   . THR A 1 96  ? -12.913 -0.942  -11.061 1.00 29.85 ?  125 THR A C   1 
ATOM   518  O O   . THR A 1 96  ? -12.284 0.045   -11.468 1.00 28.68 ?  125 THR A O   1 
ATOM   519  C CB  . THR A 1 96  ? -15.155 -0.628  -9.915  1.00 33.12 ?  125 THR A CB  1 
ATOM   520  O OG1 . THR A 1 96  ? -16.564 -0.741  -10.123 1.00 34.85 ?  125 THR A OG1 1 
ATOM   521  C CG2 . THR A 1 96  ? -14.809 0.787   -9.442  1.00 32.40 ?  125 THR A CG2 1 
ATOM   522  N N   . VAL A 1 97  ? -12.317 -1.991  -10.442 1.00 28.76 ?  126 VAL A N   1 
ATOM   523  C CA  . VAL A 1 97  ? -10.866 -2.061  -10.300 1.00 28.58 ?  126 VAL A CA  1 
ATOM   524  C C   . VAL A 1 97  ? -10.214 -2.167  -11.673 1.00 28.25 ?  126 VAL A C   1 
ATOM   525  O O   . VAL A 1 97  ? -9.235  -1.466  -11.949 1.00 27.17 ?  126 VAL A O   1 
ATOM   526  C CB  . VAL A 1 97  ? -10.436 -3.217  -9.368  1.00 29.08 ?  126 VAL A CB  1 
ATOM   527  C CG1 . VAL A 1 97  ? -8.909  -3.375  -9.360  1.00 30.13 ?  126 VAL A CG1 1 
ATOM   528  C CG2 . VAL A 1 97  ? -10.963 -2.968  -7.951  1.00 29.03 ?  126 VAL A CG2 1 
ATOM   529  N N   . LYS A 1 98  ? -10.787 -2.999  -12.567 1.00 29.09 ?  127 LYS A N   1 
ATOM   530  C CA  . LYS A 1 98  ? -10.232 -3.134  -13.921 1.00 29.12 ?  127 LYS A CA  1 
ATOM   531  C C   . LYS A 1 98  ? -10.304 -1.789  -14.664 1.00 28.46 ?  127 LYS A C   1 
ATOM   532  O O   . LYS A 1 98  ? -9.379  -1.482  -15.408 1.00 29.07 ?  127 LYS A O   1 
ATOM   533  C CB  . LYS A 1 98  ? -10.984 -4.202  -14.726 1.00 30.93 ?  127 LYS A CB  1 
ATOM   534  C CG  . LYS A 1 98  ? -10.652 -5.634  -14.294 1.00 35.89 ?  127 LYS A CG  1 
ATOM   535  C CD  . LYS A 1 98  ? -11.447 -6.656  -15.134 1.00 39.21 ?  127 LYS A CD  1 
ATOM   536  C CE  . LYS A 1 98  ? -11.282 -8.063  -14.622 1.00 41.95 ?  127 LYS A CE  1 
ATOM   537  N NZ  . LYS A 1 98  ? -9.852  -8.432  -14.481 1.00 43.74 1  127 LYS A NZ  1 
ATOM   538  N N   . ALA A 1 99  ? -11.376 -1.015  -14.468 1.00 28.14 ?  128 ALA A N   1 
ATOM   539  C CA  . ALA A 1 99  ? -11.517 0.301   -15.125 1.00 28.89 ?  128 ALA A CA  1 
ATOM   540  C C   . ALA A 1 99  ? -10.452 1.267   -14.620 1.00 28.05 ?  128 ALA A C   1 
ATOM   541  O O   . ALA A 1 99  ? -9.894  2.011   -15.417 1.00 27.29 ?  128 ALA A O   1 
ATOM   542  C CB  . ALA A 1 99  ? -12.901 0.893   -14.859 1.00 29.40 ?  128 ALA A CB  1 
ATOM   543  N N   . ALA A 1 100 ? -10.168 1.270   -13.291 1.00 26.86 ?  129 ALA A N   1 
ATOM   544  C CA  . ALA A 1 100 ? -9.129  2.147   -12.756 1.00 27.50 ?  129 ALA A CA  1 
ATOM   545  C C   . ALA A 1 100 ? -7.760  1.730   -13.307 1.00 27.13 ?  129 ALA A C   1 
ATOM   546  O O   . ALA A 1 100 ? -6.950  2.587   -13.686 1.00 26.81 ?  129 ALA A O   1 
ATOM   547  C CB  . ALA A 1 100 ? -9.108  2.072   -11.225 1.00 27.98 ?  129 ALA A CB  1 
ATOM   548  N N   . CYS A 1 101 ? -7.494  0.413   -13.372 1.00 26.74 ?  130 CYS A N   1 
ATOM   549  C CA  . CYS A 1 101 ? -6.234  -0.065  -13.927 1.00 27.98 ?  130 CYS A CA  1 
ATOM   550  C C   . CYS A 1 101 ? -6.098  0.335   -15.395 1.00 28.64 ?  130 CYS A C   1 
ATOM   551  O O   . CYS A 1 101 ? -5.057  0.835   -15.786 1.00 29.13 ?  130 CYS A O   1 
ATOM   552  C CB  . CYS A 1 101 ? -6.105  -1.567  -13.735 1.00 28.98 ?  130 CYS A CB  1 
ATOM   553  S SG  . CYS A 1 101 ? -5.776  -2.017  -12.015 1.00 32.65 ?  130 CYS A SG  1 
ATOM   554  N N   . TRP A 1 102 ? -7.187  0.232   -16.162 1.00 28.58 ?  131 TRP A N   1 
ATOM   555  C CA  . TRP A 1 102 ? -7.169  0.670   -17.566 1.00 29.48 ?  131 TRP A CA  1 
ATOM   556  C C   . TRP A 1 102 ? -6.864  2.186   -17.637 1.00 28.55 ?  131 TRP A C   1 
ATOM   557  O O   . TRP A 1 102 ? -5.965  2.622   -18.384 1.00 28.59 ?  131 TRP A O   1 
ATOM   558  C CB  . TRP A 1 102 ? -8.496  0.330   -18.295 1.00 30.97 ?  131 TRP A CB  1 
ATOM   559  C CG  . TRP A 1 102 ? -8.627  1.073   -19.600 1.00 33.09 ?  131 TRP A CG  1 
ATOM   560  C CD1 . TRP A 1 102 ? -7.965  0.798   -20.761 1.00 34.41 ?  131 TRP A CD1 1 
ATOM   561  C CD2 . TRP A 1 102 ? -9.248  2.354   -19.784 1.00 33.85 ?  131 TRP A CD2 1 
ATOM   562  N NE1 . TRP A 1 102 ? -8.205  1.792   -21.687 1.00 35.12 ?  131 TRP A NE1 1 
ATOM   563  C CE2 . TRP A 1 102 ? -8.963  2.772   -21.104 1.00 35.32 ?  131 TRP A CE2 1 
ATOM   564  C CE3 . TRP A 1 102 ? -10.043 3.173   -18.973 1.00 34.99 ?  131 TRP A CE3 1 
ATOM   565  C CZ2 . TRP A 1 102 ? -9.410  3.988   -21.612 1.00 37.06 ?  131 TRP A CZ2 1 
ATOM   566  C CZ3 . TRP A 1 102 ? -10.504 4.373   -19.482 1.00 37.22 ?  131 TRP A CZ3 1 
ATOM   567  C CH2 . TRP A 1 102 ? -10.189 4.770   -20.789 1.00 37.84 ?  131 TRP A CH2 1 
ATOM   568  N N   . TRP A 1 103 ? -7.581  2.982   -16.843 1.00 27.66 ?  132 TRP A N   1 
ATOM   569  C CA  . TRP A 1 103 ? -7.408  4.437   -16.874 1.00 27.86 ?  132 TRP A CA  1 
ATOM   570  C C   . TRP A 1 103 ? -5.971  4.842   -16.568 1.00 27.87 ?  132 TRP A C   1 
ATOM   571  O O   . TRP A 1 103 ? -5.389  5.638   -17.297 1.00 27.33 ?  132 TRP A O   1 
ATOM   572  C CB  . TRP A 1 103 ? -8.409  5.159   -15.936 1.00 27.61 ?  132 TRP A CB  1 
ATOM   573  C CG  . TRP A 1 103 ? -8.557  6.627   -16.265 1.00 27.45 ?  132 TRP A CG  1 
ATOM   574  C CD1 . TRP A 1 103 ? -9.483  7.181   -17.099 1.00 28.80 ?  132 TRP A CD1 1 
ATOM   575  C CD2 . TRP A 1 103 ? -7.654  7.686   -15.906 1.00 27.71 ?  132 TRP A CD2 1 
ATOM   576  N NE1 . TRP A 1 103 ? -9.231  8.530   -17.256 1.00 28.82 ?  132 TRP A NE1 1 
ATOM   577  C CE2 . TRP A 1 103 ? -8.120  8.866   -16.530 1.00 28.65 ?  132 TRP A CE2 1 
ATOM   578  C CE3 . TRP A 1 103 ? -6.507  7.763   -15.095 1.00 28.14 ?  132 TRP A CE3 1 
ATOM   579  C CZ2 . TRP A 1 103 ? -7.461  10.095  -16.397 1.00 29.83 ?  132 TRP A CZ2 1 
ATOM   580  C CZ3 . TRP A 1 103 ? -5.849  8.976   -14.979 1.00 29.03 ?  132 TRP A CZ3 1 
ATOM   581  C CH2 . TRP A 1 103 ? -6.321  10.122  -15.633 1.00 30.01 ?  132 TRP A CH2 1 
ATOM   582  N N   . ALA A 1 104 ? -5.387  4.250   -15.531 1.00 28.24 ?  133 ALA A N   1 
ATOM   583  C CA  . ALA A 1 104 ? -4.059  4.589   -15.062 1.00 30.20 ?  133 ALA A CA  1 
ATOM   584  C C   . ALA A 1 104 ? -2.901  3.860   -15.770 1.00 32.13 ?  133 ALA A C   1 
ATOM   585  O O   . ALA A 1 104 ? -1.748  4.074   -15.401 1.00 33.21 ?  133 ALA A O   1 
ATOM   586  C CB  . ALA A 1 104 ? -3.983  4.362   -13.541 1.00 30.15 ?  133 ALA A CB  1 
ATOM   587  N N   . GLY A 1 105 ? -3.204  3.015   -16.761 1.00 32.59 ?  134 GLY A N   1 
ATOM   588  C CA  . GLY A 1 105 ? -2.165  2.278   -17.477 1.00 33.64 ?  134 GLY A CA  1 
ATOM   589  C C   . GLY A 1 105 ? -1.480  1.215   -16.646 1.00 34.50 ?  134 GLY A C   1 
ATOM   590  O O   . GLY A 1 105 ? -0.280  0.962   -16.814 1.00 35.86 ?  134 GLY A O   1 
ATOM   591  N N   . ILE A 1 106 ? -2.222  0.606   -15.711 1.00 33.47 ?  135 ILE A N   1 
ATOM   592  C CA  . ILE A 1 106 ? -1.663  -0.416  -14.843 1.00 33.60 ?  135 ILE A CA  1 
ATOM   593  C C   . ILE A 1 106 ? -2.022  -1.791  -15.367 1.00 34.46 ?  135 ILE A C   1 
ATOM   594  O O   . ILE A 1 106 ? -3.181  -2.031  -15.692 1.00 34.17 ?  135 ILE A O   1 
ATOM   595  C CB  . ILE A 1 106 ? -2.219  -0.276  -13.388 1.00 33.03 ?  135 ILE A CB  1 
ATOM   596  C CG1 . ILE A 1 106 ? -1.869  1.078   -12.750 1.00 31.99 ?  135 ILE A CG1 1 
ATOM   597  C CG2 . ILE A 1 106 ? -1.748  -1.438  -12.500 1.00 34.20 ?  135 ILE A CG2 1 
ATOM   598  C CD1 . ILE A 1 106 ? -2.693  1.344   -11.514 1.00 31.13 ?  135 ILE A CD1 1 
ATOM   599  N N   . LYS A 1 107 ? -1.050  -2.718  -15.368 1.00 35.56 ?  136 LYS A N   1 
ATOM   600  C CA  . LYS A 1 107 ? -1.309  -4.115  -15.701 1.00 36.96 ?  136 LYS A CA  1 
ATOM   601  C C   . LYS A 1 107 ? -1.818  -4.756  -14.414 1.00 38.30 ?  136 LYS A C   1 
ATOM   602  O O   . LYS A 1 107 ? -1.091  -4.856  -13.422 1.00 37.92 ?  136 LYS A O   1 
ATOM   603  C CB  . LYS A 1 107 ? -0.017  -4.821  -16.147 1.00 39.20 ?  136 LYS A CB  1 
ATOM   604  C CG  . LYS A 1 107 ? 0.572   -4.246  -17.426 1.00 43.24 ?  136 LYS A CG  1 
ATOM   605  N N   . GLN A 1 108 ? -3.074  -5.156  -14.417 1.00 40.20 ?  137 GLN A N   1 
ATOM   606  C CA  . GLN A 1 108 ? -3.691  -5.771  -13.262 1.00 42.98 ?  137 GLN A CA  1 
ATOM   607  C C   . GLN A 1 108 ? -3.340  -7.241  -13.260 1.00 45.94 ?  137 GLN A C   1 
ATOM   608  O O   . GLN A 1 108 ? -3.642  -7.953  -14.224 1.00 47.22 ?  137 GLN A O   1 
ATOM   609  C CB  . GLN A 1 108 ? -5.211  -5.565  -13.307 1.00 44.04 ?  137 GLN A CB  1 
ATOM   610  C CG  . GLN A 1 108 ? -5.918  -6.011  -12.048 1.00 45.25 ?  137 GLN A CG  1 
ATOM   611  C CD  . GLN A 1 108 ? -7.322  -6.441  -12.367 1.00 48.17 ?  137 GLN A CD  1 
ATOM   612  O OE1 . GLN A 1 108 ? -7.596  -7.041  -13.417 1.00 50.80 ?  137 GLN A OE1 1 
ATOM   613  N NE2 . GLN A 1 108 ? -8.245  -6.141  -11.480 1.00 46.95 ?  137 GLN A NE2 1 
ATOM   614  N N   . GLU A 1 109 ? -2.652  -7.689  -12.213 1.00 46.36 ?  138 GLU A N   1 
ATOM   615  C CA  . GLU A 1 109 ? -2.252  -9.079  -12.108 1.00 48.01 ?  138 GLU A CA  1 
ATOM   616  C C   . GLU A 1 109 ? -2.845  -9.770  -10.866 1.00 49.75 ?  138 GLU A C   1 
ATOM   617  O O   . GLU A 1 109 ? -3.449  -9.113  -10.008 1.00 48.86 ?  138 GLU A O   1 
ATOM   618  C CB  . GLU A 1 109 ? -0.725  -9.222  -12.201 1.00 50.64 ?  138 GLU A CB  1 
ATOM   619  C CG  . GLU A 1 109 ? -0.254  -9.004  -13.630 1.00 57.56 ?  138 GLU A CG  1 
ATOM   620  C CD  . GLU A 1 109 ? 1.227   -9.203  -13.889 1.00 66.72 ?  138 GLU A CD  1 
ATOM   621  O OE1 . GLU A 1 109 ? 1.683   -8.839  -14.998 1.00 68.86 ?  138 GLU A OE1 1 
ATOM   622  O OE2 . GLU A 1 109 ? 1.933   -9.704  -12.983 1.00 69.25 -1 138 GLU A OE2 1 
ATOM   623  N N   . ASP A 1 110 ? -2.723  -11.109 -10.818 1.00 51.41 ?  139 ASP A N   1 
ATOM   624  C CA  . ASP A 1 110 ? -3.236  -11.937 -9.734  1.00 54.20 ?  139 ASP A CA  1 
ATOM   625  C C   . ASP A 1 110 ? -2.250  -11.956 -8.517  1.00 56.25 ?  139 ASP A C   1 
ATOM   626  O O   . ASP A 1 110 ? -1.608  -10.946 -8.254  1.00 56.49 ?  139 ASP A O   1 
ATOM   627  C CB  . ASP A 1 110 ? -3.617  -13.345 -10.277 1.00 57.20 ?  139 ASP A CB  1 
ATOM   628  C CG  . ASP A 1 110 ? -2.496  -14.099 -10.965 1.00 64.22 ?  139 ASP A CG  1 
ATOM   629  O OD1 . ASP A 1 110 ? -1.315  -13.875 -10.603 1.00 65.43 ?  139 ASP A OD1 1 
ATOM   630  O OD2 . ASP A 1 110 ? -2.799  -14.926 -11.861 1.00 67.44 -1 139 ASP A OD2 1 
ATOM   631  N N   . GLY A 1 111 ? -2.141  -13.071 -7.792  1.00 57.49 ?  140 GLY A N   1 
ATOM   632  C CA  . GLY A 1 111 ? -1.239  -13.169 -6.652  1.00 58.96 ?  140 GLY A CA  1 
ATOM   633  C C   . GLY A 1 111 ? 0.041   -13.898 -7.006  1.00 60.30 ?  140 GLY A C   1 
ATOM   634  O O   . GLY A 1 111 ? 1.133   -13.464 -6.636  1.00 61.25 ?  140 GLY A O   1 
ATOM   635  N N   . GLY A 1 120 ? 3.561   -14.588 3.996   1.00 68.94 ?  149 GLY A N   1 
ATOM   636  C CA  . GLY A 1 120 ? 4.922   -14.696 4.508   1.00 69.34 ?  149 GLY A CA  1 
ATOM   637  C C   . GLY A 1 120 ? 5.476   -13.355 4.941   1.00 69.52 ?  149 GLY A C   1 
ATOM   638  O O   . GLY A 1 120 ? 5.281   -12.940 6.087   1.00 69.63 ?  149 GLY A O   1 
ATOM   639  N N   . VAL A 1 121 ? 6.161   -12.655 4.023   1.00 69.25 ?  150 VAL A N   1 
ATOM   640  C CA  . VAL A 1 121 ? 6.705   -11.328 4.318   1.00 69.20 ?  150 VAL A CA  1 
ATOM   641  C C   . VAL A 1 121 ? 5.574   -10.295 4.472   1.00 68.65 ?  150 VAL A C   1 
ATOM   642  O O   . VAL A 1 121 ? 5.706   -9.372  5.277   1.00 68.74 ?  150 VAL A O   1 
ATOM   643  C CB  . VAL A 1 121 ? 7.763   -10.882 3.285   1.00 69.99 ?  150 VAL A CB  1 
ATOM   644  N N   . ILE A 1 122 ? 4.454   -10.475 3.738   1.00 67.75 ?  151 ILE A N   1 
ATOM   645  C CA  . ILE A 1 122 ? 3.286   -9.596  3.824   1.00 67.42 ?  151 ILE A CA  1 
ATOM   646  C C   . ILE A 1 122 ? 2.632   -9.739  5.205   1.00 66.53 ?  151 ILE A C   1 
ATOM   647  O O   . ILE A 1 122 ? 2.254   -8.735  5.814   1.00 66.57 ?  151 ILE A O   1 
ATOM   648  C CB  . ILE A 1 122 ? 2.292   -9.906  2.676   1.00 68.18 ?  151 ILE A CB  1 
ATOM   649  C CG1 . ILE A 1 122 ? 2.950   -9.690  1.301   1.00 69.28 ?  151 ILE A CG1 1 
ATOM   650  C CG2 . ILE A 1 122 ? 0.996   -9.105  2.813   1.00 68.68 ?  151 ILE A CG2 1 
ATOM   651  C CD1 . ILE A 1 122 ? 3.409   -8.262  1.043   1.00 70.69 ?  151 ILE A CD1 1 
ATOM   652  N N   . GLU A 1 123 ? 2.559   -10.977 5.728   1.00 65.35 ?  152 GLU A N   1 
ATOM   653  C CA  . GLU A 1 123 ? 1.992   -11.236 7.051   1.00 64.69 ?  152 GLU A CA  1 
ATOM   654  C C   . GLU A 1 123 ? 2.829   -10.539 8.126   1.00 63.61 ?  152 GLU A C   1 
ATOM   655  O O   . GLU A 1 123 ? 2.275   -9.939  9.041   1.00 63.74 ?  152 GLU A O   1 
ATOM   656  C CB  . GLU A 1 123 ? 1.921   -12.751 7.329   1.00 66.76 ?  152 GLU A CB  1 
ATOM   657  N N   . SER A 1 124 ? 4.160   -10.591 7.990   1.00 62.45 ?  153 SER A N   1 
ATOM   658  C CA  . SER A 1 124 ? 5.081   -9.940  8.919   1.00 61.79 ?  153 SER A CA  1 
ATOM   659  C C   . SER A 1 124 ? 5.002   -8.409  8.805   1.00 60.48 ?  153 SER A C   1 
ATOM   660  O O   . SER A 1 124 ? 5.216   -7.713  9.793   1.00 60.90 ?  153 SER A O   1 
ATOM   661  C CB  . SER A 1 124 ? 6.511   -10.412 8.678   1.00 63.43 ?  153 SER A CB  1 
ATOM   662  N N   . MET A 1 125 ? 4.684   -7.889  7.615   1.00 58.60 ?  154 MET A N   1 
ATOM   663  C CA  . MET A 1 125 ? 4.531   -6.455  7.430   1.00 57.49 ?  154 MET A CA  1 
ATOM   664  C C   . MET A 1 125 ? 3.206   -5.964  8.020   1.00 54.71 ?  154 MET A C   1 
ATOM   665  O O   . MET A 1 125 ? 3.164   -4.864  8.560   1.00 54.62 ?  154 MET A O   1 
ATOM   666  C CB  . MET A 1 125 ? 4.670   -6.072  5.971   1.00 59.17 ?  154 MET A CB  1 
ATOM   667  C CG  . MET A 1 125 ? 4.967   -4.614  5.799   1.00 63.47 ?  154 MET A CG  1 
ATOM   668  S SD  . MET A 1 125 ? 4.193   -4.010  4.306   1.00 71.97 ?  154 MET A SD  1 
ATOM   669  C CE  . MET A 1 125 ? 2.464   -4.311  4.684   1.00 68.83 ?  154 MET A CE  1 
ATOM   670  N N   . ASN A 1 126 ? 2.140   -6.783  7.968   1.00 52.36 ?  155 ASN A N   1 
ATOM   671  C CA  . ASN A 1 126 ? 0.877   -6.416  8.611   1.00 50.69 ?  155 ASN A CA  1 
ATOM   672  C C   . ASN A 1 126 ? 1.065   -6.399  10.131  1.00 48.73 ?  155 ASN A C   1 
ATOM   673  O O   . ASN A 1 126 ? 0.545   -5.508  10.801  1.00 48.11 ?  155 ASN A O   1 
ATOM   674  C CB  . ASN A 1 126 ? -0.254  -7.370  8.222   1.00 51.53 ?  155 ASN A CB  1 
ATOM   675  C CG  . ASN A 1 126 ? -0.831  -7.077  6.864   1.00 54.28 ?  155 ASN A CG  1 
ATOM   676  O OD1 . ASN A 1 126 ? -0.615  -5.995  6.285   1.00 54.69 ?  155 ASN A OD1 1 
ATOM   677  N ND2 . ASN A 1 126 ? -1.576  -8.034  6.315   1.00 54.14 ?  155 ASN A ND2 1 
ATOM   678  N N   . LYS A 1 127 ? 1.816   -7.374  10.663  1.00 47.81 ?  156 LYS A N   1 
ATOM   679  C CA  . LYS A 1 127 ? 2.111   -7.446  12.086  1.00 48.05 ?  156 LYS A CA  1 
ATOM   680  C C   . LYS A 1 127 ? 2.987   -6.261  12.508  1.00 47.93 ?  156 LYS A C   1 
ATOM   681  O O   . LYS A 1 127 ? 2.731   -5.661  13.548  1.00 48.11 ?  156 LYS A O   1 
ATOM   682  C CB  . LYS A 1 127 ? 2.789   -8.783  12.426  1.00 50.21 ?  156 LYS A CB  1 
ATOM   683  N N   . GLU A 1 128 ? 3.990   -5.902  11.691  1.00 47.80 ?  157 GLU A N   1 
ATOM   684  C CA  . GLU A 1 128 ? 4.878   -4.760  11.959  1.00 48.03 ?  157 GLU A CA  1 
ATOM   685  C C   . GLU A 1 128 ? 4.072   -3.457  11.946  1.00 46.78 ?  157 GLU A C   1 
ATOM   686  O O   . GLU A 1 128 ? 4.256   -2.608  12.823  1.00 46.60 ?  157 GLU A O   1 
ATOM   687  C CB  . GLU A 1 128 ? 5.987   -4.683  10.894  1.00 52.01 ?  157 GLU A CB  1 
ATOM   688  C CG  . GLU A 1 128 ? 6.925   -3.499  11.072  1.00 60.01 ?  157 GLU A CG  1 
ATOM   689  C CD  . GLU A 1 128 ? 7.040   -2.577  9.873   1.00 69.85 ?  157 GLU A CD  1 
ATOM   690  O OE1 . GLU A 1 128 ? 6.247   -2.739  8.917   1.00 72.34 ?  157 GLU A OE1 1 
ATOM   691  O OE2 . GLU A 1 128 ? 7.924   -1.687  9.890   1.00 72.01 -1 157 GLU A OE2 1 
ATOM   692  N N   . LEU A 1 129 ? 3.156   -3.311  10.973  1.00 45.46 ?  158 LEU A N   1 
ATOM   693  C CA  . LEU A 1 129 ? 2.335   -2.113  10.890  1.00 44.67 ?  158 LEU A CA  1 
ATOM   694  C C   . LEU A 1 129 ? 1.430   -1.991  12.082  1.00 42.57 ?  158 LEU A C   1 
ATOM   695  O O   . LEU A 1 129 ? 1.360   -0.919  12.670  1.00 41.81 ?  158 LEU A O   1 
ATOM   696  C CB  . LEU A 1 129 ? 1.530   -2.053  9.595   1.00 45.58 ?  158 LEU A CB  1 
ATOM   697  C CG  . LEU A 1 129 ? 2.319   -1.658  8.363   1.00 48.39 ?  158 LEU A CG  1 
ATOM   698  C CD1 . LEU A 1 129 ? 1.419   -1.667  7.136   1.00 49.37 ?  158 LEU A CD1 1 
ATOM   699  C CD2 . LEU A 1 129 ? 2.992   -0.266  8.548   1.00 49.21 ?  158 LEU A CD2 1 
ATOM   700  N N   . LYS A 1 130 ? 0.786   -3.104  12.493  1.00 41.28 ?  159 LYS A N   1 
ATOM   701  C CA  . LYS A 1 130 ? -0.068  -3.073  13.675  1.00 40.95 ?  159 LYS A CA  1 
ATOM   702  C C   . LYS A 1 130 ? 0.735   -2.773  14.927  1.00 40.78 ?  159 LYS A C   1 
ATOM   703  O O   . LYS A 1 130 ? 0.241   -2.074  15.803  1.00 41.02 ?  159 LYS A O   1 
ATOM   704  C CB  . LYS A 1 130 ? -0.852  -4.389  13.838  1.00 42.15 ?  159 LYS A CB  1 
ATOM   705  C CG  . LYS A 1 130 ? -1.988  -4.492  12.840  1.00 44.11 ?  159 LYS A CG  1 
ATOM   706  C CD  . LYS A 1 130 ? -2.725  -5.808  12.945  1.00 47.28 ?  159 LYS A CD  1 
ATOM   707  C CE  . LYS A 1 130 ? -3.821  -5.827  11.914  1.00 50.29 ?  159 LYS A CE  1 
ATOM   708  N NZ  . LYS A 1 130 ? -4.566  -7.113  11.907  1.00 52.27 1  159 LYS A NZ  1 
ATOM   709  N N   . LYS A 1 131 ? 1.971   -3.279  15.006  1.00 40.87 ?  160 LYS A N   1 
ATOM   710  C CA  . LYS A 1 131 ? 2.846   -3.002  16.149  1.00 41.59 ?  160 LYS A CA  1 
ATOM   711  C C   . LYS A 1 131 ? 3.133   -1.488  16.242  1.00 40.85 ?  160 LYS A C   1 
ATOM   712  O O   . LYS A 1 131 ? 2.992   -0.900  17.316  1.00 41.00 ?  160 LYS A O   1 
ATOM   713  C CB  . LYS A 1 131 ? 4.149   -3.800  16.023  1.00 44.52 ?  160 LYS A CB  1 
ATOM   714  C CG  . LYS A 1 131 ? 5.113   -3.584  17.193  1.00 50.05 ?  160 LYS A CG  1 
ATOM   715  N N   . ILE A 1 132 ? 3.449   -0.850  15.109  1.00 40.20 ?  161 ILE A N   1 
ATOM   716  C CA  . ILE A 1 132 ? 3.715   0.591   15.098  1.00 39.78 ?  161 ILE A CA  1 
ATOM   717  C C   . ILE A 1 132 ? 2.465   1.371   15.471  1.00 38.79 ?  161 ILE A C   1 
ATOM   718  O O   . ILE A 1 132 ? 2.535   2.290   16.304  1.00 38.50 ?  161 ILE A O   1 
ATOM   719  C CB  . ILE A 1 132 ? 4.344   1.077   13.772  1.00 40.38 ?  161 ILE A CB  1 
ATOM   720  C CG1 . ILE A 1 132 ? 5.617   0.282   13.438  1.00 41.46 ?  161 ILE A CG1 1 
ATOM   721  C CG2 . ILE A 1 132 ? 4.654   2.575   13.859  1.00 40.45 ?  161 ILE A CG2 1 
ATOM   722  C CD1 . ILE A 1 132 ? 6.084   0.477   12.037  1.00 42.65 ?  161 ILE A CD1 1 
ATOM   723  N N   . ILE A 1 133 ? 1.298   0.965   14.926  1.00 38.02 ?  162 ILE A N   1 
ATOM   724  C CA  . ILE A 1 133 ? 0.016   1.603   15.238  1.00 38.05 ?  162 ILE A CA  1 
ATOM   725  C C   . ILE A 1 133 ? -0.264  1.563   16.736  1.00 39.63 ?  162 ILE A C   1 
ATOM   726  O O   . ILE A 1 133 ? -0.672  2.569   17.305  1.00 39.44 ?  162 ILE A O   1 
ATOM   727  C CB  . ILE A 1 133 ? -1.147  1.002   14.403  1.00 37.49 ?  162 ILE A CB  1 
ATOM   728  C CG1 . ILE A 1 133 ? -0.970  1.332   12.905  1.00 38.02 ?  162 ILE A CG1 1 
ATOM   729  C CG2 . ILE A 1 133 ? -2.502  1.488   14.901  1.00 38.11 ?  162 ILE A CG2 1 
ATOM   730  C CD1 . ILE A 1 133 ? -1.881  0.494   11.919  1.00 38.90 ?  162 ILE A CD1 1 
ATOM   731  N N   . GLY A 1 134 ? 0.004   0.416   17.367  1.00 40.77 ?  163 GLY A N   1 
ATOM   732  C CA  . GLY A 1 134 ? -0.167  0.266   18.806  1.00 41.67 ?  163 GLY A CA  1 
ATOM   733  C C   . GLY A 1 134 ? 0.718   1.215   19.593  1.00 42.62 ?  163 GLY A C   1 
ATOM   734  O O   . GLY A 1 134 ? 0.250   1.839   20.548  1.00 43.52 ?  163 GLY A O   1 
ATOM   735  N N   . GLN A 1 135 ? 1.978   1.390   19.156  1.00 42.56 ?  164 GLN A N   1 
ATOM   736  C CA  . GLN A 1 135 ? 2.949   2.285   19.793  1.00 43.66 ?  164 GLN A CA  1 
ATOM   737  C C   . GLN A 1 135 ? 2.582   3.774   19.694  1.00 44.19 ?  164 GLN A C   1 
ATOM   738  O O   . GLN A 1 135 ? 2.968   4.547   20.566  1.00 44.48 ?  164 GLN A O   1 
ATOM   739  C CB  . GLN A 1 135 ? 4.348   2.064   19.213  1.00 45.81 ?  164 GLN A CB  1 
ATOM   740  C CG  . GLN A 1 135 ? 4.959   0.706   19.563  1.00 50.78 ?  164 GLN A CG  1 
ATOM   741  C CD  . GLN A 1 135 ? 6.259   0.390   18.852  1.00 57.85 ?  164 GLN A CD  1 
ATOM   742  O OE1 . GLN A 1 135 ? 6.857   -0.674  19.060  1.00 60.35 ?  164 GLN A OE1 1 
ATOM   743  N NE2 . GLN A 1 135 ? 6.741   1.285   17.995  1.00 59.51 ?  164 GLN A NE2 1 
ATOM   744  N N   . VAL A 1 136 ? 1.874   4.188   18.622  1.00 43.45 ?  165 VAL A N   1 
ATOM   745  C CA  . VAL A 1 136 ? 1.478   5.603   18.479  1.00 43.56 ?  165 VAL A CA  1 
ATOM   746  C C   . VAL A 1 136 ? 0.019   5.857   18.834  1.00 44.75 ?  165 VAL A C   1 
ATOM   747  O O   . VAL A 1 136 ? -0.395  7.018   18.893  1.00 44.28 ?  165 VAL A O   1 
ATOM   748  C CB  . VAL A 1 136 ? 1.730   6.126   17.039  1.00 43.20 ?  165 VAL A CB  1 
ATOM   749  C CG1 . VAL A 1 136 ? 3.168   5.894   16.602  1.00 42.97 ?  165 VAL A CG1 1 
ATOM   750  C CG2 . VAL A 1 136 ? 0.759   5.483   16.044  1.00 43.24 ?  165 VAL A CG2 1 
ATOM   751  N N   . ARG A 1 137 ? -0.790  4.793   19.043  1.00 45.91 ?  166 ARG A N   1 
ATOM   752  C CA  . ARG A 1 137 ? -2.235  4.905   19.249  1.00 46.71 ?  166 ARG A CA  1 
ATOM   753  C C   . ARG A 1 137 ? -2.625  5.958   20.274  1.00 47.55 ?  166 ARG A C   1 
ATOM   754  O O   . ARG A 1 137 ? -3.570  6.700   20.029  1.00 48.38 ?  166 ARG A O   1 
ATOM   755  C CB  . ARG A 1 137 ? -2.875  3.540   19.564  1.00 47.43 ?  166 ARG A CB  1 
ATOM   756  C CG  . ARG A 1 137 ? -4.364  3.454   19.207  1.00 48.13 ?  166 ARG A CG  1 
ATOM   757  C CD  . ARG A 1 137 ? -4.636  3.643   17.721  1.00 48.56 ?  166 ARG A CD  1 
ATOM   758  N NE  . ARG A 1 137 ? -6.065  3.831   17.433  1.00 48.29 ?  166 ARG A NE  1 
ATOM   759  C CZ  . ARG A 1 137 ? -6.681  5.009   17.431  1.00 49.18 ?  166 ARG A CZ  1 
ATOM   760  N NH1 . ARG A 1 137 ? -7.976  5.086   17.159  1.00 48.82 1  166 ARG A NH1 1 
ATOM   761  N NH2 . ARG A 1 137 ? -6.010  6.115   17.717  1.00 48.77 1  166 ARG A NH2 1 
ATOM   762  N N   . ASP A 1 138 ? -1.824  6.130   21.328  1.00 47.43 ?  167 ASP A N   1 
ATOM   763  C CA  . ASP A 1 138 ? -2.092  7.121   22.373  1.00 47.91 ?  167 ASP A CA  1 
ATOM   764  C C   . ASP A 1 138 ? -1.901  8.591   21.945  1.00 46.11 ?  167 ASP A C   1 
ATOM   765  O O   . ASP A 1 138 ? -2.482  9.479   22.561  1.00 47.29 ?  167 ASP A O   1 
ATOM   766  C CB  . ASP A 1 138 ? -1.259  6.817   23.627  1.00 52.71 ?  167 ASP A CB  1 
ATOM   767  C CG  . ASP A 1 138 ? 0.216   7.125   23.462  1.00 62.27 ?  167 ASP A CG  1 
ATOM   768  O OD1 . ASP A 1 138 ? 0.872   6.461   22.626  1.00 63.82 ?  167 ASP A OD1 1 
ATOM   769  O OD2 . ASP A 1 138 ? 0.713   8.043   24.152  1.00 66.27 -1 167 ASP A OD2 1 
ATOM   770  N N   . GLN A 1 139 ? -1.092  8.841   20.916  1.00 42.85 ?  168 GLN A N   1 
ATOM   771  C CA  . GLN A 1 139 ? -0.847  10.181  20.362  1.00 40.25 ?  168 GLN A CA  1 
ATOM   772  C C   . GLN A 1 139 ? -1.892  10.591  19.303  1.00 38.88 ?  168 GLN A C   1 
ATOM   773  O O   . GLN A 1 139 ? -1.854  11.717  18.817  1.00 37.89 ?  168 GLN A O   1 
ATOM   774  C CB  . GLN A 1 139 ? 0.521   10.222  19.678  1.00 39.93 ?  168 GLN A CB  1 
ATOM   775  C CG  . GLN A 1 139 ? 1.685   9.883   20.575  1.00 40.69 ?  168 GLN A CG  1 
ATOM   776  C CD  . GLN A 1 139 ? 2.933   9.814   19.736  1.00 39.37 ?  168 GLN A CD  1 
ATOM   777  O OE1 . GLN A 1 139 ? 3.266   10.756  19.002  1.00 38.77 ?  168 GLN A OE1 1 
ATOM   778  N NE2 . GLN A 1 139 ? 3.630   8.689   19.804  1.00 38.98 ?  168 GLN A NE2 1 
ATOM   779  N N   . ALA A 1 140 ? -2.763  9.671   18.895  1.00 38.10 ?  169 ALA A N   1 
ATOM   780  C CA  . ALA A 1 140 ? -3.748  9.936   17.861  1.00 38.39 ?  169 ALA A CA  1 
ATOM   781  C C   . ALA A 1 140 ? -5.150  9.551   18.334  1.00 38.07 ?  169 ALA A C   1 
ATOM   782  O O   . ALA A 1 140 ? -5.352  8.447   18.827  1.00 38.87 ?  169 ALA A O   1 
ATOM   783  C CB  . ALA A 1 140 ? -3.387  9.131   16.610  1.00 38.58 ?  169 ALA A CB  1 
ATOM   784  N N   . GLU A 1 141 ? -6.103  10.453  18.177  1.00 37.30 ?  170 GLU A N   1 
ATOM   785  C CA  . GLU A 1 141 ? -7.505  10.227  18.462  1.00 38.08 ?  170 GLU A CA  1 
ATOM   786  C C   . GLU A 1 141 ? -8.059  9.380   17.308  1.00 37.64 ?  170 GLU A C   1 
ATOM   787  O O   . GLU A 1 141 ? -8.709  8.367   17.554  1.00 37.93 ?  170 GLU A O   1 
ATOM   788  C CB  . GLU A 1 141 ? -8.265  11.569  18.539  1.00 42.59 ?  170 GLU A CB  1 
ATOM   789  C CG  . GLU A 1 141 ? -9.778  11.397  18.575  1.00 50.89 ?  170 GLU A CG  1 
ATOM   790  C CD  . GLU A 1 141 ? -10.600 12.670  18.627  1.00 61.23 ?  170 GLU A CD  1 
ATOM   791  O OE1 . GLU A 1 141 ? -11.848 12.562  18.620  1.00 65.61 ?  170 GLU A OE1 1 
ATOM   792  O OE2 . GLU A 1 141 ? -10.006 13.771  18.684  1.00 62.45 -1 170 GLU A OE2 1 
ATOM   793  N N   . HIS A 1 142 ? -7.782  9.777   16.038  1.00 35.81 ?  171 HIS A N   1 
ATOM   794  C CA  . HIS A 1 142 ? -8.311  9.031   14.891  1.00 34.96 ?  171 HIS A CA  1 
ATOM   795  C C   . HIS A 1 142 ? -7.405  7.898   14.454  1.00 33.43 ?  171 HIS A C   1 
ATOM   796  O O   . HIS A 1 142 ? -6.193  8.073   14.396  1.00 32.32 ?  171 HIS A O   1 
ATOM   797  C CB  . HIS A 1 142 ? -8.528  9.965   13.693  1.00 36.08 ?  171 HIS A CB  1 
ATOM   798  C CG  . HIS A 1 142 ? -9.401  11.147  13.994  1.00 40.09 ?  171 HIS A CG  1 
ATOM   799  N ND1 . HIS A 1 142 ? -10.715 10.985  14.407  1.00 42.91 ?  171 HIS A ND1 1 
ATOM   800  C CD2 . HIS A 1 142 ? -9.127  12.468  13.908  1.00 41.19 ?  171 HIS A CD2 1 
ATOM   801  C CE1 . HIS A 1 142 ? -11.193 12.213  14.567  1.00 43.69 ?  171 HIS A CE1 1 
ATOM   802  N NE2 . HIS A 1 142 ? -10.275 13.136  14.286  1.00 43.17 ?  171 HIS A NE2 1 
ATOM   803  N N   . LEU A 1 143 ? -7.996  6.748   14.084  1.00 32.78 ?  172 LEU A N   1 
ATOM   804  C CA  . LEU A 1 143 ? -7.252  5.610   13.546  1.00 32.22 ?  172 LEU A CA  1 
ATOM   805  C C   . LEU A 1 143 ? -6.465  6.027   12.279  1.00 31.19 ?  172 LEU A C   1 
ATOM   806  O O   . LEU A 1 143 ? -5.306  5.644   12.158  1.00 31.44 ?  172 LEU A O   1 
ATOM   807  C CB  . LEU A 1 143 ? -8.182  4.439   13.212  1.00 32.99 ?  172 LEU A CB  1 
ATOM   808  C CG  . LEU A 1 143 ? -7.501  3.213   12.564  1.00 35.07 ?  172 LEU A CG  1 
ATOM   809  C CD1 . LEU A 1 143 ? -6.422  2.617   13.483  1.00 35.74 ?  172 LEU A CD1 1 
ATOM   810  C CD2 . LEU A 1 143 ? -8.527  2.127   12.208  1.00 35.91 ?  172 LEU A CD2 1 
ATOM   811  N N   . LYS A 1 144 ? -7.066  6.831   11.375  1.00 30.19 ?  173 LYS A N   1 
ATOM   812  C CA  . LYS A 1 144 ? -6.345  7.252   10.163  1.00 30.14 ?  173 LYS A CA  1 
ATOM   813  C C   . LYS A 1 144 ? -5.065  8.043   10.504  1.00 29.28 ?  173 LYS A C   1 
ATOM   814  O O   . LYS A 1 144 ? -4.075  7.890   9.808   1.00 29.30 ?  173 LYS A O   1 
ATOM   815  C CB  . LYS A 1 144 ? -7.241  8.024   9.193   1.00 31.45 ?  173 LYS A CB  1 
ATOM   816  C CG  . LYS A 1 144 ? -7.755  9.342   9.731   1.00 34.47 ?  173 LYS A CG  1 
ATOM   817  C CD  . LYS A 1 144 ? -8.481  10.135  8.628   1.00 39.59 ?  173 LYS A CD  1 
ATOM   818  C CE  . LYS A 1 144 ? -8.889  11.506  9.106   1.00 43.27 ?  173 LYS A CE  1 
ATOM   819  N NZ  . LYS A 1 144 ? -9.575  12.282  8.038   1.00 46.20 1  173 LYS A NZ  1 
ATOM   820  N N   . THR A 1 145 ? -5.067  8.818   11.597  1.00 28.30 ?  174 THR A N   1 
ATOM   821  C CA  . THR A 1 145 ? -3.871  9.568   12.021  1.00 28.44 ?  174 THR A CA  1 
ATOM   822  C C   . THR A 1 145 ? -2.798  8.570   12.438  1.00 28.45 ?  174 THR A C   1 
ATOM   823  O O   . THR A 1 145 ? -1.667  8.668   11.979  1.00 27.61 ?  174 THR A O   1 
ATOM   824  C CB  . THR A 1 145 ? -4.232  10.540  13.145  1.00 28.83 ?  174 THR A CB  1 
ATOM   825  O OG1 . THR A 1 145 ? -5.228  11.448  12.650  1.00 29.27 ?  174 THR A OG1 1 
ATOM   826  C CG2 . THR A 1 145 ? -3.001  11.312  13.690  1.00 29.16 ?  174 THR A CG2 1 
ATOM   827  N N   . ALA A 1 146 ? -3.171  7.572   13.275  1.00 28.47 ?  175 ALA A N   1 
ATOM   828  C CA  . ALA A 1 146 ? -2.236  6.549   13.712  1.00 28.83 ?  175 ALA A CA  1 
ATOM   829  C C   . ALA A 1 146 ? -1.684  5.753   12.522  1.00 28.03 ?  175 ALA A C   1 
ATOM   830  O O   . ALA A 1 146 ? -0.499  5.439   12.503  1.00 27.80 ?  175 ALA A O   1 
ATOM   831  C CB  . ALA A 1 146 ? -2.905  5.600   14.712  1.00 29.00 ?  175 ALA A CB  1 
ATOM   832  N N   . VAL A 1 147 ? -2.531  5.453   11.516  1.00 27.34 ?  176 VAL A N   1 
ATOM   833  C CA  . VAL A 1 147 ? -2.071  4.720   10.334  1.00 27.55 ?  176 VAL A CA  1 
ATOM   834  C C   . VAL A 1 147 ? -1.032  5.538   9.545   1.00 26.40 ?  176 VAL A C   1 
ATOM   835  O O   . VAL A 1 147 ? 0.010   4.992   9.190   1.00 26.69 ?  176 VAL A O   1 
ATOM   836  C CB  . VAL A 1 147 ? -3.259  4.220   9.461   1.00 28.56 ?  176 VAL A CB  1 
ATOM   837  C CG1 . VAL A 1 147 ? -2.794  3.755   8.063   1.00 29.41 ?  176 VAL A CG1 1 
ATOM   838  C CG2 . VAL A 1 147 ? -3.987  3.082   10.191  1.00 29.24 ?  176 VAL A CG2 1 
ATOM   839  N N   . GLN A 1 148 ? -1.276  6.836   9.340   1.00 25.42 ?  177 GLN A N   1 
ATOM   840  C CA  . GLN A 1 148 ? -0.299  7.673   8.628   1.00 25.42 ?  177 GLN A CA  1 
ATOM   841  C C   . GLN A 1 148 ? 0.989   7.850   9.423   1.00 26.15 ?  177 GLN A C   1 
ATOM   842  O O   . GLN A 1 148 ? 2.060   7.952   8.822   1.00 26.34 ?  177 GLN A O   1 
ATOM   843  C CB  . GLN A 1 148 ? -0.892  9.016   8.182   1.00 26.01 ?  177 GLN A CB  1 
ATOM   844  C CG  . GLN A 1 148 ? -2.150  8.832   7.309   1.00 26.89 ?  177 GLN A CG  1 
ATOM   845  C CD  . GLN A 1 148 ? -1.949  7.922   6.109   1.00 30.42 ?  177 GLN A CD  1 
ATOM   846  O OE1 . GLN A 1 148 ? -0.885  7.857   5.534   1.00 31.33 ?  177 GLN A OE1 1 
ATOM   847  N NE2 . GLN A 1 148 ? -2.989  7.216   5.692   1.00 31.10 ?  177 GLN A NE2 1 
ATOM   848  N N   . MET A 1 149 ? 0.902   7.868   10.762  1.00 26.27 ?  178 MET A N   1 
ATOM   849  C CA  . MET A 1 149 ? 2.117   7.920   11.591  1.00 26.95 ?  178 MET A CA  1 
ATOM   850  C C   . MET A 1 149 ? 2.920   6.640   11.371  1.00 27.14 ?  178 MET A C   1 
ATOM   851  O O   . MET A 1 149 ? 4.141   6.699   11.245  1.00 26.62 ?  178 MET A O   1 
ATOM   852  C CB  . MET A 1 149 ? 1.756   8.021   13.090  1.00 27.45 ?  178 MET A CB  1 
ATOM   853  C CG  . MET A 1 149 ? 1.270   9.404   13.480  1.00 28.85 ?  178 MET A CG  1 
ATOM   854  S SD  . MET A 1 149 ? 0.790   9.404   15.233  1.00 32.55 ?  178 MET A SD  1 
ATOM   855  C CE  . MET A 1 149 ? 0.611   11.168  15.505  1.00 32.31 ?  178 MET A CE  1 
ATOM   856  N N   . ALA A 1 150 ? 2.229   5.477   11.319  1.00 27.44 ?  179 ALA A N   1 
ATOM   857  C CA  . ALA A 1 150 ? 2.900   4.192   11.091  1.00 28.08 ?  179 ALA A CA  1 
ATOM   858  C C   . ALA A 1 150 ? 3.558   4.158   9.710   1.00 27.71 ?  179 ALA A C   1 
ATOM   859  O O   . ALA A 1 150 ? 4.676   3.664   9.593   1.00 28.01 ?  179 ALA A O   1 
ATOM   860  C CB  . ALA A 1 150 ? 1.905   3.041   11.241  1.00 28.53 ?  179 ALA A CB  1 
ATOM   861  N N   . VAL A 1 151 ? 2.879   4.689   8.661   1.00 26.91 ?  180 VAL A N   1 
ATOM   862  C CA  . VAL A 1 151 ? 3.425   4.788   7.297   1.00 26.86 ?  180 VAL A CA  1 
ATOM   863  C C   . VAL A 1 151 ? 4.733   5.601   7.341   1.00 26.02 ?  180 VAL A C   1 
ATOM   864  O O   . VAL A 1 151 ? 5.748   5.155   6.825   1.00 26.04 ?  180 VAL A O   1 
ATOM   865  C CB  . VAL A 1 151 ? 2.402   5.438   6.318   1.00 27.05 ?  180 VAL A CB  1 
ATOM   866  C CG1 . VAL A 1 151 ? 3.072   5.796   4.980   1.00 28.06 ?  180 VAL A CG1 1 
ATOM   867  C CG2 . VAL A 1 151 ? 1.216   4.492   6.089   1.00 27.36 ?  180 VAL A CG2 1 
ATOM   868  N N   . PHE A 1 152 ? 4.704   6.741   8.038   1.00 26.50 ?  181 PHE A N   1 
ATOM   869  C CA  . PHE A 1 152 ? 5.858   7.624   8.204   1.00 26.89 ?  181 PHE A CA  1 
ATOM   870  C C   . PHE A 1 152 ? 7.029   6.848   8.853   1.00 26.45 ?  181 PHE A C   1 
ATOM   871  O O   . PHE A 1 152 ? 8.123   6.787   8.288   1.00 26.03 ?  181 PHE A O   1 
ATOM   872  C CB  . PHE A 1 152 ? 5.478   8.851   9.074   1.00 26.85 ?  181 PHE A CB  1 
ATOM   873  C CG  . PHE A 1 152 ? 6.610   9.858   9.201   1.00 27.13 ?  181 PHE A CG  1 
ATOM   874  C CD1 . PHE A 1 152 ? 7.685   9.620   10.052  1.00 27.48 ?  181 PHE A CD1 1 
ATOM   875  C CD2 . PHE A 1 152 ? 6.542   11.086  8.557   1.00 27.16 ?  181 PHE A CD2 1 
ATOM   876  C CE1 . PHE A 1 152 ? 8.738   10.531  10.146  1.00 28.35 ?  181 PHE A CE1 1 
ATOM   877  C CE2 . PHE A 1 152 ? 7.549   12.039  8.730   1.00 27.50 ?  181 PHE A CE2 1 
ATOM   878  C CZ  . PHE A 1 152 ? 8.654   11.745  9.503   1.00 27.07 ?  181 PHE A CZ  1 
ATOM   879  N N   . ILE A 1 153 ? 6.776   6.232   9.995   1.00 27.19 ?  182 ILE A N   1 
ATOM   880  C CA  . ILE A 1 153 ? 7.824   5.488   10.710  1.00 28.80 ?  182 ILE A CA  1 
ATOM   881  C C   . ILE A 1 153 ? 8.398   4.348   9.854   1.00 29.40 ?  182 ILE A C   1 
ATOM   882  O O   . ILE A 1 153 ? 9.624   4.202   9.758   1.00 29.60 ?  182 ILE A O   1 
ATOM   883  C CB  . ILE A 1 153 ? 7.301   5.015   12.086  1.00 29.25 ?  182 ILE A CB  1 
ATOM   884  C CG1 . ILE A 1 153 ? 7.060   6.243   13.029  1.00 30.99 ?  182 ILE A CG1 1 
ATOM   885  C CG2 . ILE A 1 153 ? 8.282   3.981   12.718  1.00 29.98 ?  182 ILE A CG2 1 
ATOM   886  C CD1 . ILE A 1 153 ? 6.193   5.948   14.264  1.00 32.60 ?  182 ILE A CD1 1 
ATOM   887  N N   . HIS A 1 154 ? 7.518   3.554   9.222   1.00 29.82 ?  183 HIS A N   1 
ATOM   888  C CA  . HIS A 1 154 ? 7.952   2.433   8.383   1.00 30.34 ?  183 HIS A CA  1 
ATOM   889  C C   . HIS A 1 154 ? 8.850   2.907   7.241   1.00 30.16 ?  183 HIS A C   1 
ATOM   890  O O   . HIS A 1 154 ? 9.884   2.295   6.976   1.00 30.94 ?  183 HIS A O   1 
ATOM   891  C CB  . HIS A 1 154 ? 6.752   1.636   7.797   1.00 31.64 ?  183 HIS A CB  1 
ATOM   892  C CG  . HIS A 1 154 ? 7.190   0.556   6.848   1.00 34.81 ?  183 HIS A CG  1 
ATOM   893  N ND1 . HIS A 1 154 ? 7.664   -0.656  7.316   1.00 37.04 1  183 HIS A ND1 1 
ATOM   894  C CD2 . HIS A 1 154 ? 7.341   0.594   5.504   1.00 35.78 ?  183 HIS A CD2 1 
ATOM   895  C CE1 . HIS A 1 154 ? 8.030   -1.338  6.242   1.00 38.08 ?  183 HIS A CE1 1 
ATOM   896  N NE2 . HIS A 1 154 ? 7.874   -0.617  5.129   1.00 37.66 ?  183 HIS A NE2 1 
ATOM   897  N N   . ASN A 1 155 ? 8.426   3.960   6.526   1.00 28.96 ?  184 ASN A N   1 
ATOM   898  C CA  . ASN A 1 155 ? 9.166   4.435   5.367   1.00 28.20 ?  184 ASN A CA  1 
ATOM   899  C C   . ASN A 1 155 ? 10.504  5.123   5.707   1.00 29.57 ?  184 ASN A C   1 
ATOM   900  O O   . ASN A 1 155 ? 11.415  5.119   4.869   1.00 30.71 ?  184 ASN A O   1 
ATOM   901  C CB  . ASN A 1 155 ? 8.285   5.334   4.506   1.00 27.30 ?  184 ASN A CB  1 
ATOM   902  C CG  . ASN A 1 155 ? 7.219   4.552   3.760   1.00 28.15 ?  184 ASN A CG  1 
ATOM   903  O OD1 . ASN A 1 155 ? 7.321   3.339   3.555   1.00 28.04 ?  184 ASN A OD1 1 
ATOM   904  N ND2 . ASN A 1 155 ? 6.192   5.246   3.306   1.00 27.44 ?  184 ASN A ND2 1 
ATOM   905  N N   . HIS A 1 156 ? 10.633  5.665   6.909   1.00 29.52 ?  185 HIS A N   1 
ATOM   906  C CA  . HIS A 1 156 ? 11.862  6.354   7.331   1.00 31.93 ?  185 HIS A CA  1 
ATOM   907  C C   . HIS A 1 156 ? 12.833  5.440   8.097   1.00 34.63 ?  185 HIS A C   1 
ATOM   908  O O   . HIS A 1 156 ? 13.973  5.847   8.316   1.00 35.22 ?  185 HIS A O   1 
ATOM   909  C CB  . HIS A 1 156 ? 11.535  7.539   8.244   1.00 33.13 ?  185 HIS A CB  1 
ATOM   910  C CG  . HIS A 1 156 ? 10.988  8.736   7.527   1.00 35.66 ?  185 HIS A CG  1 
ATOM   911  N ND1 . HIS A 1 156 ? 9.640   8.842   7.236   1.00 36.54 ?  185 HIS A ND1 1 
ATOM   912  C CD2 . HIS A 1 156 ? 11.617  9.866   7.112   1.00 37.20 ?  185 HIS A CD2 1 
ATOM   913  C CE1 . HIS A 1 156 ? 9.494   10.002  6.616   1.00 37.15 ?  185 HIS A CE1 1 
ATOM   914  N NE2 . HIS A 1 156 ? 10.652  10.658  6.524   1.00 37.81 ?  185 HIS A NE2 1 
ATOM   915  N N   . LYS A 1 157 ? 12.381  4.255   8.538   1.00 35.90 ?  186 LYS A N   1 
ATOM   916  C CA  . LYS A 1 157 ? 13.197  3.316   9.310   1.00 38.61 ?  186 LYS A CA  1 
ATOM   917  C C   . LYS A 1 157 ? 14.423  2.858   8.541   1.00 41.27 ?  186 LYS A C   1 
ATOM   918  O O   . LYS A 1 157 ? 14.311  2.279   7.458   1.00 40.80 ?  186 LYS A O   1 
ATOM   919  C CB  . LYS A 1 157 ? 12.349  2.121   9.789   1.00 40.82 ?  186 LYS A CB  1 
ATOM   920  C CG  . LYS A 1 157 ? 13.094  1.175   10.732  1.00 45.34 ?  186 LYS A CG  1 
ATOM   921  N N   . ARG A 1 158 ? 15.606  3.137   9.095   1.00 44.36 ?  187 ARG A N   1 
ATOM   922  C CA  . ARG A 1 158 ? 16.867  2.749   8.455   1.00 47.48 ?  187 ARG A CA  1 
ATOM   923  C C   . ARG A 1 158 ? 17.163  1.297   8.785   1.00 50.61 ?  187 ARG A C   1 
ATOM   924  O O   . ARG A 1 158 ? 17.301  0.965   9.958   1.00 51.05 ?  187 ARG A O   1 
ATOM   925  C CB  . ARG A 1 158 ? 18.008  3.662   8.938   1.00 49.16 ?  187 ARG A CB  1 
ATOM   926  C CG  . ARG A 1 158 ? 17.645  5.139   8.821   1.00 53.27 ?  187 ARG A CG  1 
ATOM   927  C CD  . ARG A 1 158 ? 18.846  6.063   8.936   1.00 56.25 ?  187 ARG A CD  1 
ATOM   928  N NE  . ARG A 1 158 ? 18.631  7.317   8.205   1.00 58.12 ?  187 ARG A NE  1 
ATOM   929  C CZ  . ARG A 1 158 ? 18.825  7.463   6.896   1.00 59.26 ?  187 ARG A CZ  1 
ATOM   930  N NH1 . ARG A 1 158 ? 19.243  6.437   6.160   1.00 58.61 1  187 ARG A NH1 1 
ATOM   931  N NH2 . ARG A 1 158 ? 18.603  8.632   6.313   1.00 58.79 1  187 ARG A NH2 1 
ATOM   932  N N   . LYS A 1 159 ? 17.231  0.427   7.763   1.00 52.69 ?  188 LYS A N   1 
ATOM   933  C CA  . LYS A 1 159 ? 17.467  -1.000  7.980   1.00 55.23 ?  188 LYS A CA  1 
ATOM   934  C C   . LYS A 1 159 ? 18.076  -1.663  6.745   1.00 56.39 ?  188 LYS A C   1 
ATOM   935  O O   . LYS A 1 159 ? 19.278  -1.547  6.508   1.00 56.96 ?  188 LYS A O   1 
ATOM   936  C CB  . LYS A 1 159 ? 16.144  -1.703  8.351   1.00 58.18 ?  188 LYS A CB  1 
ATOM   937  N N   . GLY A 1 164 ? 23.047  1.848   6.086   1.00 54.61 ?  193 GLY A N   1 
ATOM   938  C CA  . GLY A 1 164 ? 21.666  1.416   6.263   1.00 54.81 ?  193 GLY A CA  1 
ATOM   939  C C   . GLY A 1 164 ? 20.672  2.374   5.639   1.00 54.39 ?  193 GLY A C   1 
ATOM   940  O O   . GLY A 1 164 ? 20.535  3.515   6.092   1.00 55.72 ?  193 GLY A O   1 
ATOM   941  N N   . TYR A 1 165 ? 19.967  1.921   4.599   1.00 52.39 ?  194 TYR A N   1 
ATOM   942  C CA  . TYR A 1 165 ? 18.996  2.766   3.913   1.00 50.89 ?  194 TYR A CA  1 
ATOM   943  C C   . TYR A 1 165 ? 17.560  2.531   4.388   1.00 46.52 ?  194 TYR A C   1 
ATOM   944  O O   . TYR A 1 165 ? 17.239  1.460   4.901   1.00 46.35 ?  194 TYR A O   1 
ATOM   945  C CB  . TYR A 1 165 ? 19.082  2.561   2.393   1.00 52.33 ?  194 TYR A CB  1 
ATOM   946  C CG  . TYR A 1 165 ? 20.394  3.018   1.800   1.00 55.27 ?  194 TYR A CG  1 
ATOM   947  C CD1 . TYR A 1 165 ? 20.596  4.343   1.442   1.00 57.20 ?  194 TYR A CD1 1 
ATOM   948  C CD2 . TYR A 1 165 ? 21.425  2.118   1.570   1.00 57.20 ?  194 TYR A CD2 1 
ATOM   949  C CE1 . TYR A 1 165 ? 21.794  4.764   0.873   1.00 58.70 ?  194 TYR A CE1 1 
ATOM   950  C CE2 . TYR A 1 165 ? 22.631  2.528   1.012   1.00 58.76 ?  194 TYR A CE2 1 
ATOM   951  C CZ  . TYR A 1 165 ? 22.813  3.853   0.665   1.00 60.17 ?  194 TYR A CZ  1 
ATOM   952  O OH  . TYR A 1 165 ? 24.010  4.251   0.113   1.00 62.59 ?  194 TYR A OH  1 
ATOM   953  N N   . SER A 1 166 ? 16.697  3.532   4.200   1.00 42.75 ?  195 SER A N   1 
ATOM   954  C CA  . SER A 1 166 ? 15.279  3.400   4.531   1.00 39.50 ?  195 SER A CA  1 
ATOM   955  C C   . SER A 1 166 ? 14.511  2.958   3.263   1.00 37.73 ?  195 SER A C   1 
ATOM   956  O O   . SER A 1 166 ? 15.044  3.047   2.151   1.00 36.78 ?  195 SER A O   1 
ATOM   957  C CB  . SER A 1 166 ? 14.728  4.731   5.028   1.00 38.39 ?  195 SER A CB  1 
ATOM   958  O OG  . SER A 1 166 ? 14.781  5.705   3.999   1.00 37.84 ?  195 SER A OG  1 
ATOM   959  N N   . ALA A 1 167 ? 13.244  2.514   3.422   1.00 36.48 ?  196 ALA A N   1 
ATOM   960  C CA  . ALA A 1 167 ? 12.435  2.121   2.268   1.00 35.40 ?  196 ALA A CA  1 
ATOM   961  C C   . ALA A 1 167 ? 12.220  3.326   1.328   1.00 33.92 ?  196 ALA A C   1 
ATOM   962  O O   . ALA A 1 167 ? 12.234  3.145   0.117   1.00 33.05 ?  196 ALA A O   1 
ATOM   963  C CB  . ALA A 1 167 ? 11.101  1.563   2.731   1.00 35.63 ?  196 ALA A CB  1 
ATOM   964  N N   . GLY A 1 168 ? 12.047  4.526   1.903   1.00 33.49 ?  197 GLY A N   1 
ATOM   965  C CA  . GLY A 1 168 ? 11.879  5.772   1.155   1.00 33.79 ?  197 GLY A CA  1 
ATOM   966  C C   . GLY A 1 168 ? 13.092  6.085   0.288   1.00 34.66 ?  197 GLY A C   1 
ATOM   967  O O   . GLY A 1 168 ? 12.957  6.464   -0.881  1.00 34.82 ?  197 GLY A O   1 
ATOM   968  N N   . GLU A 1 169 ? 14.301  5.853   0.824   1.00 34.59 ?  198 GLU A N   1 
ATOM   969  C CA  . GLU A 1 169 ? 15.529  6.055   0.041   1.00 34.88 ?  198 GLU A CA  1 
ATOM   970  C C   . GLU A 1 169 ? 15.637  4.989   -1.054  1.00 34.86 ?  198 GLU A C   1 
ATOM   971  O O   . GLU A 1 169 ? 15.987  5.319   -2.180  1.00 35.35 ?  198 GLU A O   1 
ATOM   972  C CB  . GLU A 1 169 ? 16.784  6.031   0.948   1.00 36.42 ?  198 GLU A CB  1 
ATOM   973  C CG  . GLU A 1 169 ? 16.920  7.277   1.797   1.00 42.00 ?  198 GLU A CG  1 
ATOM   974  C CD  . GLU A 1 169 ? 17.921  7.187   2.938   1.00 47.83 ?  198 GLU A CD  1 
ATOM   975  O OE1 . GLU A 1 169 ? 18.244  6.058   3.370   1.00 45.51 ?  198 GLU A OE1 1 
ATOM   976  O OE2 . GLU A 1 169 ? 18.364  8.257   3.416   1.00 50.89 -1 198 GLU A OE2 1 
ATOM   977  N N   . ARG A 1 170 ? 15.347  3.716   -0.727  1.00 35.06 ?  199 ARG A N   1 
ATOM   978  C CA  . ARG A 1 170 ? 15.434  2.625   -1.704  1.00 35.50 ?  199 ARG A CA  1 
ATOM   979  C C   . ARG A 1 170 ? 14.479  2.790   -2.873  1.00 34.90 ?  199 ARG A C   1 
ATOM   980  O O   . ARG A 1 170 ? 14.906  2.636   -4.019  1.00 34.61 ?  199 ARG A O   1 
ATOM   981  C CB  . ARG A 1 170 ? 15.248  1.261   -1.050  1.00 38.44 ?  199 ARG A CB  1 
ATOM   982  C CG  . ARG A 1 170 ? 16.292  0.972   0.020   1.00 44.27 ?  199 ARG A CG  1 
ATOM   983  C CD  . ARG A 1 170 ? 16.221  -0.458  0.532   1.00 49.47 ?  199 ARG A CD  1 
ATOM   984  N NE  . ARG A 1 170 ? 14.993  -0.735  1.282   1.00 53.35 ?  199 ARG A NE  1 
ATOM   985  C CZ  . ARG A 1 170 ? 14.922  -0.796  2.609   1.00 56.44 ?  199 ARG A CZ  1 
ATOM   986  N NH1 . ARG A 1 170 ? 16.005  -0.596  3.352   1.00 55.78 1  199 ARG A NH1 1 
ATOM   987  N NH2 . ARG A 1 170 ? 13.768  -1.071  3.204   1.00 56.59 1  199 ARG A NH2 1 
ATOM   988  N N   . ILE A 1 171 ? 13.197  3.184   -2.615  1.00 33.90 ?  200 ILE A N   1 
ATOM   989  C CA  . ILE A 1 171 ? 12.264  3.344   -3.741  1.00 33.21 ?  200 ILE A CA  1 
ATOM   990  C C   . ILE A 1 171 ? 12.749  4.432   -4.728  1.00 33.25 ?  200 ILE A C   1 
ATOM   991  O O   . ILE A 1 171 ? 12.726  4.217   -5.939  1.00 33.17 ?  200 ILE A O   1 
ATOM   992  C CB  . ILE A 1 171 ? 10.785  3.547   -3.303  1.00 32.82 ?  200 ILE A CB  1 
ATOM   993  C CG1 . ILE A 1 171 ? 9.858   3.555   -4.537  1.00 33.74 ?  200 ILE A CG1 1 
ATOM   994  C CG2 . ILE A 1 171 ? 10.614  4.821   -2.491  1.00 32.38 ?  200 ILE A CG2 1 
ATOM   995  C CD1 . ILE A 1 171 ? 8.320   3.441   -4.242  1.00 34.61 ?  200 ILE A CD1 1 
ATOM   996  N N   . VAL A 1 172 ? 13.223  5.570   -4.209  1.00 33.83 ?  201 VAL A N   1 
ATOM   997  C CA  . VAL A 1 172 ? 13.697  6.679   -5.037  1.00 36.04 ?  201 VAL A CA  1 
ATOM   998  C C   . VAL A 1 172 ? 14.944  6.272   -5.856  1.00 37.69 ?  201 VAL A C   1 
ATOM   999  O O   . VAL A 1 172 ? 15.017  6.547   -7.049  1.00 37.37 ?  201 VAL A O   1 
ATOM   1000 C CB  . VAL A 1 172 ? 13.902  7.949   -4.164  1.00 37.50 ?  201 VAL A CB  1 
ATOM   1001 C CG1 . VAL A 1 172 ? 14.727  9.002   -4.889  1.00 39.12 ?  201 VAL A CG1 1 
ATOM   1002 C CG2 . VAL A 1 172 ? 12.548  8.537   -3.751  1.00 37.43 ?  201 VAL A CG2 1 
ATOM   1003 N N   . ASP A 1 173 ? 15.869  5.558   -5.232  1.00 39.37 ?  202 ASP A N   1 
ATOM   1004 C CA  . ASP A 1 173 ? 17.084  5.094   -5.902  1.00 41.41 ?  202 ASP A CA  1 
ATOM   1005 C C   . ASP A 1 173 ? 16.742  4.072   -6.996  1.00 41.34 ?  202 ASP A C   1 
ATOM   1006 O O   . ASP A 1 173 ? 17.254  4.172   -8.102  1.00 41.40 ?  202 ASP A O   1 
ATOM   1007 C CB  . ASP A 1 173 ? 18.063  4.489   -4.886  1.00 45.43 ?  202 ASP A CB  1 
ATOM   1008 C CG  . ASP A 1 173 ? 19.359  4.020   -5.530  1.00 55.62 ?  202 ASP A CG  1 
ATOM   1009 O OD1 . ASP A 1 173 ? 20.059  4.864   -6.139  1.00 58.18 ?  202 ASP A OD1 1 
ATOM   1010 O OD2 . ASP A 1 173 ? 19.659  2.806   -5.452  1.00 59.02 -1 202 ASP A OD2 1 
ATOM   1011 N N   . ILE A 1 174 ? 15.832  3.135   -6.707  1.00 40.91 ?  203 ILE A N   1 
ATOM   1012 C CA  . ILE A 1 174 ? 15.418  2.122   -7.677  1.00 40.90 ?  203 ILE A CA  1 
ATOM   1013 C C   . ILE A 1 174 ? 14.747  2.756   -8.883  1.00 40.75 ?  203 ILE A C   1 
ATOM   1014 O O   . ILE A 1 174 ? 15.044  2.382   -10.020 1.00 41.26 ?  203 ILE A O   1 
ATOM   1015 C CB  . ILE A 1 174 ? 14.525  1.034   -7.003  1.00 41.70 ?  203 ILE A CB  1 
ATOM   1016 C CG1 . ILE A 1 174 ? 15.340  0.169   -6.037  1.00 42.89 ?  203 ILE A CG1 1 
ATOM   1017 C CG2 . ILE A 1 174 ? 13.808  0.151   -8.038  1.00 42.69 ?  203 ILE A CG2 1 
ATOM   1018 C CD1 . ILE A 1 174 ? 14.477  -0.609  -5.033  1.00 44.30 ?  203 ILE A CD1 1 
ATOM   1019 N N   . ILE A 1 175 ? 13.851  3.724   -8.656  1.00 39.95 ?  204 ILE A N   1 
ATOM   1020 C CA  . ILE A 1 175 ? 13.154  4.368   -9.761  1.00 41.02 ?  204 ILE A CA  1 
ATOM   1021 C C   . ILE A 1 175 ? 14.081  5.306   -10.559 1.00 43.28 ?  204 ILE A C   1 
ATOM   1022 O O   . ILE A 1 175 ? 13.988  5.332   -11.790 1.00 43.19 ?  204 ILE A O   1 
ATOM   1023 C CB  . ILE A 1 175 ? 11.862  5.046   -9.269  1.00 40.89 ?  204 ILE A CB  1 
ATOM   1024 C CG1 . ILE A 1 175 ? 10.896  3.956   -8.739  1.00 41.13 ?  204 ILE A CG1 1 
ATOM   1025 C CG2 . ILE A 1 175 ? 11.201  5.869   -10.367 1.00 41.25 ?  204 ILE A CG2 1 
ATOM   1026 C CD1 . ILE A 1 175 ? 9.720   4.476   -8.045  1.00 43.33 ?  204 ILE A CD1 1 
ATOM   1027 N N   . ALA A 1 176 ? 14.999  6.023   -9.890  1.00 44.99 ?  205 ALA A N   1 
ATOM   1028 C CA  . ALA A 1 176 ? 15.911  6.939   -10.605 1.00 47.72 ?  205 ALA A CA  1 
ATOM   1029 C C   . ALA A 1 176 ? 16.908  6.199   -11.489 1.00 50.97 ?  205 ALA A C   1 
ATOM   1030 O O   . ALA A 1 176 ? 17.309  6.726   -12.526 1.00 51.44 ?  205 ALA A O   1 
ATOM   1031 C CB  . ALA A 1 176 ? 16.649  7.837   -9.637  1.00 47.38 ?  205 ALA A CB  1 
ATOM   1032 N N   . THR A 1 177 ? 17.304  4.991   -11.091 1.00 53.08 ?  206 THR A N   1 
ATOM   1033 C CA  . THR A 1 177 ? 18.204  4.179   -11.904 1.00 56.16 ?  206 THR A CA  1 
ATOM   1034 C C   . THR A 1 177 ? 17.487  3.755   -13.204 1.00 58.97 ?  206 THR A C   1 
ATOM   1035 O O   . THR A 1 177 ? 18.094  3.762   -14.277 1.00 59.41 ?  206 THR A O   1 
ATOM   1036 C CB  . THR A 1 177 ? 18.746  3.011   -11.078 1.00 58.01 ?  206 THR A CB  1 
ATOM   1037 O OG1 . THR A 1 177 ? 19.351  3.538   -9.896  1.00 58.95 ?  206 THR A OG1 1 
ATOM   1038 C CG2 . THR A 1 177 ? 19.769  2.179   -11.842 1.00 58.91 ?  206 THR A CG2 1 
ATOM   1039 N N   . ASP A 1 178 ? 16.173  3.469   -13.113 1.00 60.33 ?  207 ASP A N   1 
ATOM   1040 C CA  . ASP A 1 178 ? 15.320  3.091   -14.235 1.00 62.16 ?  207 ASP A CA  1 
ATOM   1041 C C   . ASP A 1 178 ? 15.088  4.258   -15.216 1.00 63.41 ?  207 ASP A C   1 
ATOM   1042 O O   . ASP A 1 178 ? 14.776  4.012   -16.379 1.00 63.92 ?  207 ASP A O   1 
ATOM   1043 C CB  . ASP A 1 178 ? 13.981  2.539   -13.714 1.00 64.58 ?  207 ASP A CB  1 
ATOM   1044 C CG  . ASP A 1 178 ? 13.153  1.836   -14.768 1.00 70.68 ?  207 ASP A CG  1 
ATOM   1045 O OD1 . ASP A 1 178 ? 13.690  0.916   -15.430 1.00 71.44 ?  207 ASP A OD1 1 
ATOM   1046 O OD2 . ASP A 1 178 ? 11.964  2.200   -14.929 1.00 73.52 -1 207 ASP A OD2 1 
ATOM   1047 N N   . ILE A 1 179 ? 15.237  5.518   -14.763 1.00 63.67 ?  208 ILE A N   1 
ATOM   1048 C CA  . ILE A 1 179 ? 15.078  6.675   -15.642 1.00 64.61 ?  208 ILE A CA  1 
ATOM   1049 C C   . ILE A 1 179 ? 16.375  6.890   -16.423 1.00 65.60 ?  208 ILE A C   1 
ATOM   1050 O O   . ILE A 1 179 ? 16.361  6.887   -17.653 1.00 66.06 ?  208 ILE A O   1 
ATOM   1051 C CB  . ILE A 1 179 ? 14.688  7.962   -14.869 1.00 64.99 ?  208 ILE A CB  1 
ATOM   1052 C CG1 . ILE A 1 179 ? 13.415  7.763   -14.029 1.00 65.76 ?  208 ILE A CG1 1 
ATOM   1053 C CG2 . ILE A 1 179 ? 14.540  9.147   -15.827 1.00 65.32 ?  208 ILE A CG2 1 
ATOM   1054 C CD1 . ILE A 1 179 ? 13.173  8.885   -13.054 1.00 66.66 ?  208 ILE A CD1 1 
HETATM 1055 C C13 . KZD B 2 .   ? -10.736 5.815   -12.764 1.00 32.95 ?  301 KZD A C13 1 
HETATM 1056 C C17 . KZD B 2 .   ? -16.126 8.202   -10.211 1.00 33.65 ?  301 KZD A C17 1 
HETATM 1057 C C16 . KZD B 2 .   ? -15.595 6.800   -9.903  1.00 33.76 ?  301 KZD A C16 1 
HETATM 1058 C C15 . KZD B 2 .   ? -16.861 2.991   -13.094 1.00 35.77 ?  301 KZD A C15 1 
HETATM 1059 C C21 . KZD B 2 .   ? -14.387 5.789   -7.919  1.00 32.76 ?  301 KZD A C21 1 
HETATM 1060 C C22 . KZD B 2 .   ? -14.649 4.337   -8.268  1.00 32.75 ?  301 KZD A C22 1 
HETATM 1061 C C23 . KZD B 2 .   ? -13.002 6.214   -8.375  1.00 32.20 ?  301 KZD A C23 1 
HETATM 1062 C C24 . KZD B 2 .   ? -14.573 6.012   -6.432  1.00 32.23 ?  301 KZD A C24 1 
HETATM 1063 C C11 . KZD B 2 .   ? -17.794 5.561   -9.765  1.00 35.35 ?  301 KZD A C11 1 
HETATM 1064 C C12 . KZD B 2 .   ? -16.572 5.733   -10.340 1.00 34.58 ?  301 KZD A C12 1 
HETATM 1065 C C34 . KZD B 2 .   ? -14.431 -0.581  -18.568 1.00 43.07 ?  301 KZD A C34 1 
HETATM 1066 C C27 . KZD B 2 .   ? -16.596 0.805   -14.091 1.00 36.49 ?  301 KZD A C27 1 
HETATM 1067 C C33 . KZD B 2 .   ? -15.750 0.123   -18.785 1.00 42.34 ?  301 KZD A C33 1 
HETATM 1068 C C1  . KZD B 2 .   ? -13.151 6.489   -12.879 1.00 32.53 ?  301 KZD A C1  1 
HETATM 1069 C C2  . KZD B 2 .   ? -14.600 6.040   -13.001 1.00 32.51 ?  301 KZD A C2  1 
HETATM 1070 N N3  . KZD B 2 .   ? -14.893 4.936   -12.071 1.00 33.24 ?  301 KZD A N3  1 
HETATM 1071 C C4  . KZD B 2 .   ? -14.009 3.765   -12.251 1.00 32.56 ?  301 KZD A C4  1 
HETATM 1072 C C5  . KZD B 2 .   ? -12.538 4.161   -12.226 1.00 32.61 ?  301 KZD A C5  1 
HETATM 1073 C C6  . KZD B 2 .   ? -12.151 5.349   -13.120 1.00 32.72 ?  301 KZD A C6  1 
HETATM 1074 C C7  . KZD B 2 .   ? -16.134 4.847   -11.459 1.00 34.37 ?  301 KZD A C7  1 
HETATM 1075 C C8  . KZD B 2 .   ? -17.053 3.849   -11.891 1.00 35.39 ?  301 KZD A C8  1 
HETATM 1076 C C9  . KZD B 2 .   ? -18.298 3.672   -11.229 1.00 36.64 ?  301 KZD A C9  1 
HETATM 1077 N N10 . KZD B 2 .   ? -18.619 4.532   -10.190 1.00 37.01 ?  301 KZD A N10 1 
HETATM 1078 C C14 . KZD B 2 .   ? -12.180 4.936   -14.594 1.00 32.13 ?  301 KZD A C14 1 
HETATM 1079 O O18 . KZD B 2 .   ? -16.736 8.264   -11.364 1.00 33.44 -1 301 KZD A O18 1 
HETATM 1080 O O19 . KZD B 2 .   ? -16.011 9.148   -9.453  1.00 33.16 ?  301 KZD A O19 1 
HETATM 1081 O O20 . KZD B 2 .   ? -15.355 6.712   -8.494  1.00 33.23 ?  301 KZD A O20 1 
HETATM 1082 C C25 . KZD B 2 .   ? -18.375 6.395   -8.667  1.00 34.99 ?  301 KZD A C25 1 
HETATM 1083 C C26 . KZD B 2 .   ? -16.774 1.602   -12.975 1.00 35.94 ?  301 KZD A C26 1 
HETATM 1084 C C28 . KZD B 2 .   ? -16.489 1.391   -15.343 1.00 37.64 ?  301 KZD A C28 1 
HETATM 1085 C C29 . KZD B 2 .   ? -16.596 2.769   -15.479 1.00 36.74 ?  301 KZD A C29 1 
HETATM 1086 C C30 . KZD B 2 .   ? -16.790 3.557   -14.360 1.00 36.03 ?  301 KZD A C30 1 
HETATM 1087 O O31 . KZD B 2 .   ? -16.237 0.563   -16.415 1.00 39.47 ?  301 KZD A O31 1 
HETATM 1088 C C32 . KZD B 2 .   ? -16.080 1.162   -17.723 1.00 41.30 ?  301 KZD A C32 1 
HETATM 1089 C C35 . KZD B 2 .   ? -13.270 -0.123  -19.172 1.00 43.66 ?  301 KZD A C35 1 
HETATM 1090 C C36 . KZD B 2 .   ? -12.064 -0.776  -18.990 1.00 44.06 ?  301 KZD A C36 1 
HETATM 1091 C C37 . KZD B 2 .   ? -12.043 -1.881  -18.188 1.00 44.46 ?  301 KZD A C37 1 
HETATM 1092 C C38 . KZD B 2 .   ? -13.155 -2.363  -17.561 1.00 44.10 ?  301 KZD A C38 1 
HETATM 1093 C C39 . KZD B 2 .   ? -14.356 -1.709  -17.769 1.00 43.70 ?  301 KZD A C39 1 
HETATM 1094 N N41 . KZD B 2 .   ? -19.256 2.757   -11.387 1.00 37.58 1  301 KZD A N41 1 
HETATM 1095 C C42 . KZD B 2 .   ? -20.208 3.024   -10.418 1.00 39.23 ?  301 KZD A C42 1 
HETATM 1096 C C43 . KZD B 2 .   ? -19.842 4.111   -9.688  1.00 38.57 ?  301 KZD A C43 1 
HETATM 1097 C C44 . KZD B 2 .   ? -21.393 2.122   -10.255 1.00 40.42 ?  301 KZD A C44 1 
HETATM 1098 F F40 . KZD B 2 .   ? -10.873 -2.555  -18.037 1.00 45.59 ?  301 KZD A F40 1 
HETATM 1099 S S   . SO4 C 3 .   ? -6.333  -9.423  9.210   1.00 77.96 ?  302 SO4 A S   1 
HETATM 1100 O O1  . SO4 C 3 .   ? -7.501  -9.416  8.327   1.00 78.05 -1 302 SO4 A O1  1 
HETATM 1101 O O2  . SO4 C 3 .   ? -5.104  -9.401  8.415   1.00 77.65 -1 302 SO4 A O2  1 
HETATM 1102 O O3  . SO4 C 3 .   ? -6.398  -8.265  10.092  1.00 77.96 ?  302 SO4 A O3  1 
HETATM 1103 O O4  . SO4 C 3 .   ? -6.342  -10.634 10.031  1.00 78.31 ?  302 SO4 A O4  1 
HETATM 1104 S S   . SO4 D 3 .   ? -17.638 -3.618  -8.497  1.00 89.32 ?  303 SO4 A S   1 
HETATM 1105 O O1  . SO4 D 3 .   ? -17.817 -2.327  -7.805  1.00 89.38 -1 303 SO4 A O1  1 
HETATM 1106 O O2  . SO4 D 3 .   ? -17.245 -3.403  -9.892  1.00 89.20 -1 303 SO4 A O2  1 
HETATM 1107 O O3  . SO4 D 3 .   ? -16.599 -4.380  -7.811  1.00 89.21 ?  303 SO4 A O3  1 
HETATM 1108 O O4  . SO4 D 3 .   ? -18.899 -4.361  -8.481  1.00 89.42 ?  303 SO4 A O4  1 
HETATM 1109 S S   . SO4 E 3 .   ? -11.819 7.427   14.374  1.00 56.93 ?  304 SO4 A S   1 
HETATM 1110 O O1  . SO4 E 3 .   ? -11.566 8.091   13.088  1.00 56.94 ?  304 SO4 A O1  1 
HETATM 1111 O O2  . SO4 E 3 .   ? -11.765 8.437   15.429  1.00 57.51 -1 304 SO4 A O2  1 
HETATM 1112 O O3  . SO4 E 3 .   ? -10.833 6.382   14.618  1.00 55.88 ?  304 SO4 A O3  1 
HETATM 1113 O O4  . SO4 E 3 .   ? -13.177 6.843   14.357  1.00 57.70 -1 304 SO4 A O4  1 
HETATM 1114 O O   . HOH F 4 .   ? -6.479  9.395   4.196   1.00 44.42 ?  401 HOH A O   1 
HETATM 1115 O O   . HOH F 4 .   ? 3.206   6.770   21.933  1.00 50.38 ?  402 HOH A O   1 
HETATM 1116 O O   . HOH F 4 .   ? -10.002 7.196   11.415  1.00 39.56 ?  403 HOH A O   1 
HETATM 1117 O O   . HOH F 4 .   ? -5.948  -13.051 -0.637  1.00 35.55 ?  404 HOH A O   1 
HETATM 1118 O O   . HOH F 4 .   ? 12.296  1.704   6.026   1.00 34.56 ?  405 HOH A O   1 
HETATM 1119 O O   . HOH F 4 .   ? 8.825   -3.341  -6.907  1.00 35.17 ?  406 HOH A O   1 
HETATM 1120 O O   . HOH F 4 .   ? -2.642  -10.077 8.201   1.00 69.87 ?  407 HOH A O   1 
HETATM 1121 O O   . HOH F 4 .   ? -6.743  7.054   5.580   1.00 36.14 ?  408 HOH A O   1 
HETATM 1122 O O   . HOH F 4 .   ? 0.448   3.754   -14.063 1.00 39.94 ?  409 HOH A O   1 
HETATM 1123 O O   . HOH F 4 .   ? -3.482  -7.896  -16.884 1.00 67.53 ?  410 HOH A O   1 
HETATM 1124 O O   . HOH F 4 .   ? 13.682  8.075   4.571   1.00 48.94 ?  411 HOH A O   1 
HETATM 1125 O O   . HOH F 4 .   ? 1.405   -6.748  15.605  1.00 55.82 ?  412 HOH A O   1 
HETATM 1126 O O   . HOH F 4 .   ? -16.247 -10.215 -2.640  1.00 45.24 ?  413 HOH A O   1 
HETATM 1127 O O   . HOH F 4 .   ? 1.586   -0.949  -17.182 1.00 44.51 ?  414 HOH A O   1 
HETATM 1128 O O   . HOH F 4 .   ? -17.687 -1.214  -5.349  1.00 43.93 ?  415 HOH A O   1 
HETATM 1129 O O   . HOH F 4 .   ? 10.179  -0.645  8.828   1.00 71.16 ?  416 HOH A O   1 
HETATM 1130 O O   . HOH F 4 .   ? 14.972  8.201   7.435   1.00 48.33 ?  417 HOH A O   1 
HETATM 1131 O O   . HOH F 4 .   ? -11.970 -12.285 -3.000  1.00 35.06 ?  418 HOH A O   1 
HETATM 1132 O O   . HOH F 4 .   ? 16.524  0.190   -10.596 1.00 55.52 ?  419 HOH A O   1 
HETATM 1133 O O   . HOH F 4 .   ? -18.472 7.004   -13.022 1.00 43.19 ?  420 HOH A O   1 
HETATM 1134 O O   . HOH F 4 .   ? 1.869   5.676   -12.858 1.00 35.68 ?  421 HOH A O   1 
HETATM 1135 O O   . HOH F 4 .   ? -10.125 4.469   -1.394  1.00 29.83 ?  422 HOH A O   1 
HETATM 1136 O O   . HOH F 4 .   ? 11.437  5.437   11.443  1.00 38.72 ?  423 HOH A O   1 
HETATM 1137 O O   . HOH F 4 .   ? -17.518 1.855   -1.812  1.00 43.81 ?  424 HOH A O   1 
HETATM 1138 O O   . HOH F 4 .   ? -17.627 -6.020  -10.807 1.00 48.35 ?  425 HOH A O   1 
HETATM 1139 O O   . HOH F 4 .   ? 8.496   2.747   16.341  1.00 66.38 ?  426 HOH A O   1 
HETATM 1140 O O   . HOH F 4 .   ? -3.057  -10.868 -0.499  1.00 65.61 ?  427 HOH A O   1 
HETATM 1141 O O   . HOH F 4 .   ? -7.800  -3.438  -16.720 1.00 42.41 ?  428 HOH A O   1 
HETATM 1142 O O   . HOH F 4 .   ? 2.369   9.399   6.401   1.00 26.88 ?  429 HOH A O   1 
HETATM 1143 O O   . HOH F 4 .   ? 6.714   2.274   -9.090  1.00 37.16 ?  430 HOH A O   1 
HETATM 1144 O O   . HOH F 4 .   ? -9.391  7.472   6.208   1.00 42.75 ?  431 HOH A O   1 
HETATM 1145 O O   . HOH F 4 .   ? 5.135   -9.052  -11.574 1.00 56.30 ?  432 HOH A O   1 
HETATM 1146 O O   . HOH F 4 .   ? -2.002  6.685   0.354   1.00 63.71 ?  433 HOH A O   1 
HETATM 1147 O O   . HOH F 4 .   ? -4.455  -5.493  -16.919 1.00 53.30 ?  434 HOH A O   1 
HETATM 1148 O O   . HOH F 4 .   ? 2.426   13.501  19.414  1.00 53.82 ?  435 HOH A O   1 
HETATM 1149 O O   . HOH F 4 .   ? -14.057 -5.460  3.957   1.00 47.22 ?  436 HOH A O   1 
HETATM 1150 O O   . HOH F 4 .   ? -4.194  -8.935  1.978   1.00 49.81 ?  437 HOH A O   1 
HETATM 1151 O O   . HOH F 4 .   ? 7.042   9.616   -9.159  1.00 64.17 ?  438 HOH A O   1 
HETATM 1152 O O   . HOH F 4 .   ? -17.325 -4.155  -4.356  1.00 55.92 ?  439 HOH A O   1 
HETATM 1153 O O   . HOH F 4 .   ? -8.032  5.371   0.086   1.00 49.12 ?  440 HOH A O   1 
HETATM 1154 O O   . HOH F 4 .   ? -15.354 -3.730  8.089   1.00 68.97 ?  441 HOH A O   1 
HETATM 1155 O O   . HOH F 4 .   ? -9.297  15.138  9.184   1.00 63.18 ?  442 HOH A O   1 
HETATM 1156 O O   . HOH F 4 .   ? -11.157 -5.259  13.413  1.00 53.40 ?  443 HOH A O   1 
HETATM 1157 O O   . HOH F 4 .   ? -4.108  -1.617  -18.664 1.00 54.18 ?  444 HOH A O   1 
HETATM 1158 O O   . HOH F 4 .   ? 4.079   10.565  -11.089 1.00 55.20 ?  445 HOH A O   1 
HETATM 1159 O O   . HOH F 4 .   ? 15.796  4.563   11.993  1.00 63.98 ?  446 HOH A O   1 
HETATM 1160 O O   . HOH F 4 .   ? -8.848  -5.101  16.245  1.00 62.28 ?  447 HOH A O   1 
HETATM 1161 O O   . HOH F 4 .   ? -13.010 4.850   7.515   1.00 51.98 ?  448 HOH A O   1 
HETATM 1162 O O   . HOH F 4 .   ? -12.167 -11.470 -0.026  1.00 46.35 ?  449 HOH A O   1 
HETATM 1163 O O   . HOH F 4 .   ? -5.014  12.299  21.555  1.00 65.57 ?  450 HOH A O   1 
HETATM 1164 O O   . HOH F 4 .   ? -11.101 6.983   8.549   1.00 46.56 ?  451 HOH A O   1 
# 
loop_
_pdbx_poly_seq_scheme.asym_id 
_pdbx_poly_seq_scheme.entity_id 
_pdbx_poly_seq_scheme.seq_id 
_pdbx_poly_seq_scheme.mon_id 
_pdbx_poly_seq_scheme.ndb_seq_num 
_pdbx_poly_seq_scheme.pdb_seq_num 
_pdbx_poly_seq_scheme.auth_seq_num 
_pdbx_poly_seq_scheme.pdb_mon_id 
_pdbx_poly_seq_scheme.auth_mon_id 
_pdbx_poly_seq_scheme.pdb_strand_id 
_pdbx_poly_seq_scheme.pdb_ins_code 
_pdbx_poly_seq_scheme.hetero 
A 1 1   MET 1   30  ?   ?   ?   A . n 
A 1 2   GLY 2   31  ?   ?   ?   A . n 
A 1 3   SER 3   32  ?   ?   ?   A . n 
A 1 4   SER 4   33  ?   ?   ?   A . n 
A 1 5   HIS 5   34  ?   ?   ?   A . n 
A 1 6   HIS 6   35  ?   ?   ?   A . n 
A 1 7   HIS 7   36  ?   ?   ?   A . n 
A 1 8   HIS 8   37  ?   ?   ?   A . n 
A 1 9   HIS 9   38  ?   ?   ?   A . n 
A 1 10  HIS 10  39  ?   ?   ?   A . n 
A 1 11  SER 11  40  ?   ?   ?   A . n 
A 1 12  SER 12  41  ?   ?   ?   A . n 
A 1 13  GLY 13  42  ?   ?   ?   A . n 
A 1 14  LEU 14  43  ?   ?   ?   A . n 
A 1 15  VAL 15  44  ?   ?   ?   A . n 
A 1 16  PRO 16  45  ?   ?   ?   A . n 
A 1 17  ARG 17  46  ?   ?   ?   A . n 
A 1 18  GLY 18  47  ?   ?   ?   A . n 
A 1 19  SER 19  48  ?   ?   ?   A . n 
A 1 20  HIS 20  49  ?   ?   ?   A . n 
A 1 21  MET 21  50  ?   ?   ?   A . n 
A 1 22  HIS 22  51  ?   ?   ?   A . n 
A 1 23  GLY 23  52  ?   ?   ?   A . n 
A 1 24  GLN 24  53  ?   ?   ?   A . n 
A 1 25  VAL 25  54  ?   ?   ?   A . n 
A 1 26  ASP 26  55  ?   ?   ?   A . n 
A 1 27  SER 27  56  ?   ?   ?   A . n 
A 1 28  SER 28  57  57  SER SER A . n 
A 1 29  PRO 29  58  58  PRO PRO A . n 
A 1 30  GLY 30  59  59  GLY GLY A . n 
A 1 31  ILE 31  60  60  ILE ILE A . n 
A 1 32  TRP 32  61  61  TRP TRP A . n 
A 1 33  GLN 33  62  62  GLN GLN A . n 
A 1 34  LEU 34  63  63  LEU LEU A . n 
A 1 35  ASP 35  64  64  ASP ASP A . n 
A 1 36  CYS 36  65  65  CYS CYS A . n 
A 1 37  THR 37  66  66  THR THR A . n 
A 1 38  HIS 38  67  67  HIS HIS A . n 
A 1 39  LEU 39  68  68  LEU LEU A . n 
A 1 40  GLU 40  69  69  GLU GLU A . n 
A 1 41  GLY 41  70  70  GLY GLY A . n 
A 1 42  LYS 42  71  71  LYS LYS A . n 
A 1 43  VAL 43  72  72  VAL VAL A . n 
A 1 44  ILE 44  73  73  ILE ILE A . n 
A 1 45  LEU 45  74  74  LEU LEU A . n 
A 1 46  VAL 46  75  75  VAL VAL A . n 
A 1 47  ALA 47  76  76  ALA ALA A . n 
A 1 48  VAL 48  77  77  VAL VAL A . n 
A 1 49  HIS 49  78  78  HIS HIS A . n 
A 1 50  VAL 50  79  79  VAL VAL A . n 
A 1 51  ALA 51  80  80  ALA ALA A . n 
A 1 52  SER 52  81  81  SER SER A . n 
A 1 53  GLY 53  82  82  GLY GLY A . n 
A 1 54  TYR 54  83  83  TYR TYR A . n 
A 1 55  ILE 55  84  84  ILE ILE A . n 
A 1 56  GLU 56  85  85  GLU GLU A . n 
A 1 57  ALA 57  86  86  ALA ALA A . n 
A 1 58  GLU 58  87  87  GLU GLU A . n 
A 1 59  VAL 59  88  88  VAL VAL A . n 
A 1 60  ILE 60  89  89  ILE ILE A . n 
A 1 61  PRO 61  90  90  PRO PRO A . n 
A 1 62  ALA 62  91  91  ALA ALA A . n 
A 1 63  GLU 63  92  92  GLU GLU A . n 
A 1 64  THR 64  93  93  THR THR A . n 
A 1 65  GLY 65  94  94  GLY GLY A . n 
A 1 66  GLN 66  95  95  GLN GLN A . n 
A 1 67  GLU 67  96  96  GLU GLU A . n 
A 1 68  THR 68  97  97  THR THR A . n 
A 1 69  ALA 69  98  98  ALA ALA A . n 
A 1 70  TYR 70  99  99  TYR TYR A . n 
A 1 71  PHE 71  100 100 PHE PHE A . n 
A 1 72  LEU 72  101 101 LEU LEU A . n 
A 1 73  LEU 73  102 102 LEU LEU A . n 
A 1 74  LYS 74  103 103 LYS LYS A . n 
A 1 75  LEU 75  104 104 LEU LEU A . n 
A 1 76  ALA 76  105 105 ALA ALA A . n 
A 1 77  GLY 77  106 106 GLY GLY A . n 
A 1 78  ARG 78  107 107 ARG ARG A . n 
A 1 79  TRP 79  108 108 TRP TRP A . n 
A 1 80  PRO 80  109 109 PRO PRO A . n 
A 1 81  VAL 81  110 110 VAL VAL A . n 
A 1 82  LYS 82  111 111 LYS LYS A . n 
A 1 83  THR 83  112 112 THR THR A . n 
A 1 84  VAL 84  113 113 VAL VAL A . n 
A 1 85  HIS 85  114 114 HIS HIS A . n 
A 1 86  THR 86  115 115 THR THR A . n 
A 1 87  ASP 87  116 116 ASP ASP A . n 
A 1 88  ASN 88  117 117 ASN ASN A . n 
A 1 89  GLY 89  118 118 GLY GLY A . n 
A 1 90  SER 90  119 119 SER SER A . n 
A 1 91  ASN 91  120 120 ASN ASN A . n 
A 1 92  PHE 92  121 121 PHE PHE A . n 
A 1 93  THR 93  122 122 THR THR A . n 
A 1 94  SER 94  123 123 SER SER A . n 
A 1 95  THR 95  124 124 THR THR A . n 
A 1 96  THR 96  125 125 THR THR A . n 
A 1 97  VAL 97  126 126 VAL VAL A . n 
A 1 98  LYS 98  127 127 LYS LYS A . n 
A 1 99  ALA 99  128 128 ALA ALA A . n 
A 1 100 ALA 100 129 129 ALA ALA A . n 
A 1 101 CYS 101 130 130 CYS CYS A . n 
A 1 102 TRP 102 131 131 TRP TRP A . n 
A 1 103 TRP 103 132 132 TRP TRP A . n 
A 1 104 ALA 104 133 133 ALA ALA A . n 
A 1 105 GLY 105 134 134 GLY GLY A . n 
A 1 106 ILE 106 135 135 ILE ILE A . n 
A 1 107 LYS 107 136 136 LYS LYS A . n 
A 1 108 GLN 108 137 137 GLN GLN A . n 
A 1 109 GLU 109 138 138 GLU GLU A . n 
A 1 110 ASP 110 139 139 ASP ASP A . n 
A 1 111 GLY 111 140 140 GLY GLY A . n 
A 1 112 ILE 112 141 ?   ?   ?   A . n 
A 1 113 PRO 113 142 ?   ?   ?   A . n 
A 1 114 TYR 114 143 ?   ?   ?   A . n 
A 1 115 ASN 115 144 ?   ?   ?   A . n 
A 1 116 PRO 116 145 ?   ?   ?   A . n 
A 1 117 GLN 117 146 ?   ?   ?   A . n 
A 1 118 SER 118 147 ?   ?   ?   A . n 
A 1 119 GLN 119 148 ?   ?   ?   A . n 
A 1 120 GLY 120 149 149 GLY GLY A . n 
A 1 121 VAL 121 150 150 VAL VAL A . n 
A 1 122 ILE 122 151 151 ILE ILE A . n 
A 1 123 GLU 123 152 152 GLU GLU A . n 
A 1 124 SER 124 153 153 SER SER A . n 
A 1 125 MET 125 154 154 MET MET A . n 
A 1 126 ASN 126 155 155 ASN ASN A . n 
A 1 127 LYS 127 156 156 LYS LYS A . n 
A 1 128 GLU 128 157 157 GLU GLU A . n 
A 1 129 LEU 129 158 158 LEU LEU A . n 
A 1 130 LYS 130 159 159 LYS LYS A . n 
A 1 131 LYS 131 160 160 LYS LYS A . n 
A 1 132 ILE 132 161 161 ILE ILE A . n 
A 1 133 ILE 133 162 162 ILE ILE A . n 
A 1 134 GLY 134 163 163 GLY GLY A . n 
A 1 135 GLN 135 164 164 GLN GLN A . n 
A 1 136 VAL 136 165 165 VAL VAL A . n 
A 1 137 ARG 137 166 166 ARG ARG A . n 
A 1 138 ASP 138 167 167 ASP ASP A . n 
A 1 139 GLN 139 168 168 GLN GLN A . n 
A 1 140 ALA 140 169 169 ALA ALA A . n 
A 1 141 GLU 141 170 170 GLU GLU A . n 
A 1 142 HIS 142 171 171 HIS HIS A . n 
A 1 143 LEU 143 172 172 LEU LEU A . n 
A 1 144 LYS 144 173 173 LYS LYS A . n 
A 1 145 THR 145 174 174 THR THR A . n 
A 1 146 ALA 146 175 175 ALA ALA A . n 
A 1 147 VAL 147 176 176 VAL VAL A . n 
A 1 148 GLN 148 177 177 GLN GLN A . n 
A 1 149 MET 149 178 178 MET MET A . n 
A 1 150 ALA 150 179 179 ALA ALA A . n 
A 1 151 VAL 151 180 180 VAL VAL A . n 
A 1 152 PHE 152 181 181 PHE PHE A . n 
A 1 153 ILE 153 182 182 ILE ILE A . n 
A 1 154 HIS 154 183 183 HIS HIS A . n 
A 1 155 ASN 155 184 184 ASN ASN A . n 
A 1 156 HIS 156 185 185 HIS HIS A . n 
A 1 157 LYS 157 186 186 LYS LYS A . n 
A 1 158 ARG 158 187 187 ARG ARG A . n 
A 1 159 LYS 159 188 188 LYS LYS A . n 
A 1 160 GLY 160 189 ?   ?   ?   A . n 
A 1 161 GLY 161 190 ?   ?   ?   A . n 
A 1 162 ILE 162 191 ?   ?   ?   A . n 
A 1 163 GLY 163 192 ?   ?   ?   A . n 
A 1 164 GLY 164 193 193 GLY GLY A . n 
A 1 165 TYR 165 194 194 TYR TYR A . n 
A 1 166 SER 166 195 195 SER SER A . n 
A 1 167 ALA 167 196 196 ALA ALA A . n 
A 1 168 GLY 168 197 197 GLY GLY A . n 
A 1 169 GLU 169 198 198 GLU GLU A . n 
A 1 170 ARG 170 199 199 ARG ARG A . n 
A 1 171 ILE 171 200 200 ILE ILE A . n 
A 1 172 VAL 172 201 201 VAL VAL A . n 
A 1 173 ASP 173 202 202 ASP ASP A . n 
A 1 174 ILE 174 203 203 ILE ILE A . n 
A 1 175 ILE 175 204 204 ILE ILE A . n 
A 1 176 ALA 176 205 205 ALA ALA A . n 
A 1 177 THR 177 206 206 THR THR A . n 
A 1 178 ASP 178 207 207 ASP ASP A . n 
A 1 179 ILE 179 208 208 ILE ILE A . n 
A 1 180 GLN 180 209 ?   ?   ?   A . n 
# 
_pdbx_contact_author.id                 2 
_pdbx_contact_author.email              javed.khan@bms.com 
_pdbx_contact_author.name_first         Javed 
_pdbx_contact_author.name_last          Khan 
_pdbx_contact_author.name_mi            ? 
_pdbx_contact_author.role               'principal investigator/group leader' 
_pdbx_contact_author.identifier_ORCID   0000-0002-7486-857X 
# 
loop_
_pdbx_nonpoly_scheme.asym_id 
_pdbx_nonpoly_scheme.entity_id 
_pdbx_nonpoly_scheme.mon_id 
_pdbx_nonpoly_scheme.ndb_seq_num 
_pdbx_nonpoly_scheme.pdb_seq_num 
_pdbx_nonpoly_scheme.auth_seq_num 
_pdbx_nonpoly_scheme.pdb_mon_id 
_pdbx_nonpoly_scheme.auth_mon_id 
_pdbx_nonpoly_scheme.pdb_strand_id 
_pdbx_nonpoly_scheme.pdb_ins_code 
B 2 KZD 1  301 1  KZD LG1 A . 
C 3 SO4 1  302 1  SO4 SO4 A . 
D 3 SO4 1  303 2  SO4 SO4 A . 
E 3 SO4 1  304 3  SO4 SO4 A . 
F 4 HOH 1  401 41 HOH HOH A . 
F 4 HOH 2  402 47 HOH HOH A . 
F 4 HOH 3  403 11 HOH HOH A . 
F 4 HOH 4  404 9  HOH HOH A . 
F 4 HOH 5  405 6  HOH HOH A . 
F 4 HOH 6  406 4  HOH HOH A . 
F 4 HOH 7  407 24 HOH HOH A . 
F 4 HOH 8  408 10 HOH HOH A . 
F 4 HOH 9  409 8  HOH HOH A . 
F 4 HOH 10 410 48 HOH HOH A . 
F 4 HOH 11 411 16 HOH HOH A . 
F 4 HOH 12 412 25 HOH HOH A . 
F 4 HOH 13 413 21 HOH HOH A . 
F 4 HOH 14 414 19 HOH HOH A . 
F 4 HOH 15 415 7  HOH HOH A . 
F 4 HOH 16 416 44 HOH HOH A . 
F 4 HOH 17 417 22 HOH HOH A . 
F 4 HOH 18 418 3  HOH HOH A . 
F 4 HOH 19 419 34 HOH HOH A . 
F 4 HOH 20 420 13 HOH HOH A . 
F 4 HOH 21 421 5  HOH HOH A . 
F 4 HOH 22 422 2  HOH HOH A . 
F 4 HOH 23 423 14 HOH HOH A . 
F 4 HOH 24 424 37 HOH HOH A . 
F 4 HOH 25 425 23 HOH HOH A . 
F 4 HOH 26 426 28 HOH HOH A . 
F 4 HOH 27 427 20 HOH HOH A . 
F 4 HOH 28 428 15 HOH HOH A . 
F 4 HOH 29 429 1  HOH HOH A . 
F 4 HOH 30 430 12 HOH HOH A . 
F 4 HOH 31 431 30 HOH HOH A . 
F 4 HOH 32 432 36 HOH HOH A . 
F 4 HOH 33 433 39 HOH HOH A . 
F 4 HOH 34 434 17 HOH HOH A . 
F 4 HOH 35 435 38 HOH HOH A . 
F 4 HOH 36 436 35 HOH HOH A . 
F 4 HOH 37 437 26 HOH HOH A . 
F 4 HOH 38 438 45 HOH HOH A . 
F 4 HOH 39 439 50 HOH HOH A . 
F 4 HOH 40 440 29 HOH HOH A . 
F 4 HOH 41 441 46 HOH HOH A . 
F 4 HOH 42 442 40 HOH HOH A . 
F 4 HOH 43 443 43 HOH HOH A . 
F 4 HOH 44 444 27 HOH HOH A . 
F 4 HOH 45 445 49 HOH HOH A . 
F 4 HOH 46 446 51 HOH HOH A . 
F 4 HOH 47 447 42 HOH HOH A . 
F 4 HOH 48 448 33 HOH HOH A . 
F 4 HOH 49 449 31 HOH HOH A . 
F 4 HOH 50 450 32 HOH HOH A . 
F 4 HOH 51 451 18 HOH HOH A . 
# 
_pdbx_struct_assembly.id                   1 
_pdbx_struct_assembly.details              author_and_software_defined_assembly 
_pdbx_struct_assembly.method_details       PISA 
_pdbx_struct_assembly.oligomeric_details   dimeric 
_pdbx_struct_assembly.oligomeric_count     2 
# 
_pdbx_struct_assembly_gen.assembly_id       1 
_pdbx_struct_assembly_gen.oper_expression   1,2 
_pdbx_struct_assembly_gen.asym_id_list      A,B,C,D,E,F 
# 
loop_
_pdbx_struct_assembly_prop.biol_id 
_pdbx_struct_assembly_prop.type 
_pdbx_struct_assembly_prop.value 
_pdbx_struct_assembly_prop.details 
1 'ABSA (A^2)' 4250  ? 
1 MORE         -90   ? 
1 'SSA (A^2)'  12230 ? 
# 
loop_
_pdbx_struct_oper_list.id 
_pdbx_struct_oper_list.type 
_pdbx_struct_oper_list.name 
_pdbx_struct_oper_list.symmetry_operation 
_pdbx_struct_oper_list.matrix[1][1] 
_pdbx_struct_oper_list.matrix[1][2] 
_pdbx_struct_oper_list.matrix[1][3] 
_pdbx_struct_oper_list.vector[1] 
_pdbx_struct_oper_list.matrix[2][1] 
_pdbx_struct_oper_list.matrix[2][2] 
_pdbx_struct_oper_list.matrix[2][3] 
_pdbx_struct_oper_list.vector[2] 
_pdbx_struct_oper_list.matrix[3][1] 
_pdbx_struct_oper_list.matrix[3][2] 
_pdbx_struct_oper_list.matrix[3][3] 
_pdbx_struct_oper_list.vector[3] 
1 'identity operation'         1_555 x,y,z          1.0000000000 0.0000000000  0.0000000000  0.0000000000 0.0000000000  1.0000000000  0.0000000000 0.0000000000  0.0000000000  0.0000000000 1.0000000000  0.0000000000  
2 'crystal symmetry operation' 6_555 -x,-x+y,-z+1/3 0.7268168042 -0.1172571728 -0.6767481722 0.1833766096 -0.1172571728 -0.9920378094 0.0459536745 19.7236941707 -0.6767481722 0.0459536745 -0.7347789948 -2.9495267028 
# 
loop_
_pdbx_audit_revision_history.ordinal 
_pdbx_audit_revision_history.data_content_type 
_pdbx_audit_revision_history.major_revision 
_pdbx_audit_revision_history.minor_revision 
_pdbx_audit_revision_history.revision_date 
1 'Structure model' 1 0 2022-06-08 
2 'Structure model' 1 1 2022-10-12 
3 'Structure model' 1 2 2023-10-18 
# 
_pdbx_audit_revision_details.ordinal             1 
_pdbx_audit_revision_details.revision_ordinal    1 
_pdbx_audit_revision_details.data_content_type   'Structure model' 
_pdbx_audit_revision_details.provider            repository 
_pdbx_audit_revision_details.type                'Initial release' 
_pdbx_audit_revision_details.description         ? 
_pdbx_audit_revision_details.details             ? 
# 
loop_
_pdbx_audit_revision_group.ordinal 
_pdbx_audit_revision_group.revision_ordinal 
_pdbx_audit_revision_group.data_content_type 
_pdbx_audit_revision_group.group 
1 2 'Structure model' 'Data collection'        
2 2 'Structure model' 'Source and taxonomy'    
3 3 'Structure model' 'Data collection'        
4 3 'Structure model' 'Refinement description' 
# 
loop_
_pdbx_audit_revision_category.ordinal 
_pdbx_audit_revision_category.revision_ordinal 
_pdbx_audit_revision_category.data_content_type 
_pdbx_audit_revision_category.category 
1 2 'Structure model' entity_src_gen                
2 2 'Structure model' reflns_shell                  
3 3 'Structure model' chem_comp_atom                
4 3 'Structure model' chem_comp_bond                
5 3 'Structure model' pdbx_initial_refinement_model 
# 
loop_
_pdbx_audit_revision_item.ordinal 
_pdbx_audit_revision_item.revision_ordinal 
_pdbx_audit_revision_item.data_content_type 
_pdbx_audit_revision_item.item 
1  2 'Structure model' '_entity_src_gen.gene_src_common_name'           
2  2 'Structure model' '_entity_src_gen.pdbx_gene_src_ncbi_taxonomy_id' 
3  2 'Structure model' '_entity_src_gen.pdbx_gene_src_scientific_name'  
4  2 'Structure model' '_reflns_shell.Rmerge_I_obs'                     
5  2 'Structure model' '_reflns_shell.d_res_high'                       
6  2 'Structure model' '_reflns_shell.d_res_low'                        
7  2 'Structure model' '_reflns_shell.meanI_over_sigI_obs'              
8  2 'Structure model' '_reflns_shell.number_unique_obs'                
9  2 'Structure model' '_reflns_shell.pdbx_redundancy'                  
10 2 'Structure model' '_reflns_shell.percent_possible_all'             
# 
loop_
_software.citation_id 
_software.classification 
_software.compiler_name 
_software.compiler_version 
_software.contact_author 
_software.contact_author_email 
_software.date 
_software.description 
_software.dependencies 
_software.hardware 
_software.language 
_software.location 
_software.mods 
_software.name 
_software.os 
_software.os_version 
_software.type 
_software.version 
_software.pdbx_ordinal 
? refinement        ? ? ? ? ? ? ? ? ? ? ? BUSTER      ? ? ? '2.11.7 (17-DEC-2019)' 1 
? 'data extraction' ? ? ? ? ? ? ? ? ? ? ? PDB_EXTRACT ? ? ? 3.27                   2 
? 'data reduction'  ? ? ? ? ? ? ? ? ? ? ? XDS         ? ? ? .                      3 
? 'data scaling'    ? ? ? ? ? ? ? ? ? ? ? Aimless     ? ? ? .                      4 
? phasing           ? ? ? ? ? ? ? ? ? ? ? PHASER      ? ? ? .                      5 
# 
_pdbx_entry_details.entry_id                 7U2U 
_pdbx_entry_details.has_ligand_of_interest   Y 
_pdbx_entry_details.compound_details         ? 
_pdbx_entry_details.source_details           ? 
_pdbx_entry_details.nonpolymer_details       ? 
_pdbx_entry_details.sequence_details         ? 
# 
_pdbx_validate_torsion.id              1 
_pdbx_validate_torsion.PDB_model_num   1 
_pdbx_validate_torsion.auth_comp_id    ASP 
_pdbx_validate_torsion.auth_asym_id    A 
_pdbx_validate_torsion.auth_seq_id     139 
_pdbx_validate_torsion.PDB_ins_code    ? 
_pdbx_validate_torsion.label_alt_id    ? 
_pdbx_validate_torsion.phi             -82.07 
_pdbx_validate_torsion.psi             -145.80 
# 
loop_
_pdbx_unobs_or_zero_occ_atoms.id 
_pdbx_unobs_or_zero_occ_atoms.PDB_model_num 
_pdbx_unobs_or_zero_occ_atoms.polymer_flag 
_pdbx_unobs_or_zero_occ_atoms.occupancy_flag 
_pdbx_unobs_or_zero_occ_atoms.auth_asym_id 
_pdbx_unobs_or_zero_occ_atoms.auth_comp_id 
_pdbx_unobs_or_zero_occ_atoms.auth_seq_id 
_pdbx_unobs_or_zero_occ_atoms.PDB_ins_code 
_pdbx_unobs_or_zero_occ_atoms.auth_atom_id 
_pdbx_unobs_or_zero_occ_atoms.label_alt_id 
_pdbx_unobs_or_zero_occ_atoms.label_asym_id 
_pdbx_unobs_or_zero_occ_atoms.label_comp_id 
_pdbx_unobs_or_zero_occ_atoms.label_seq_id 
_pdbx_unobs_or_zero_occ_atoms.label_atom_id 
1  1 Y 1 A SER 57  ? OG  ? A SER 28  OG  
2  1 Y 1 A LYS 71  ? NZ  ? A LYS 42  NZ  
3  1 Y 1 A LYS 111 ? CG  ? A LYS 82  CG  
4  1 Y 1 A LYS 111 ? CD  ? A LYS 82  CD  
5  1 Y 1 A LYS 111 ? CE  ? A LYS 82  CE  
6  1 Y 1 A LYS 111 ? NZ  ? A LYS 82  NZ  
7  1 Y 1 A LYS 136 ? CD  ? A LYS 107 CD  
8  1 Y 1 A LYS 136 ? CE  ? A LYS 107 CE  
9  1 Y 1 A LYS 136 ? NZ  ? A LYS 107 NZ  
10 1 Y 1 A VAL 150 ? CG1 ? A VAL 121 CG1 
11 1 Y 1 A VAL 150 ? CG2 ? A VAL 121 CG2 
12 1 Y 1 A GLU 152 ? CG  ? A GLU 123 CG  
13 1 Y 1 A GLU 152 ? CD  ? A GLU 123 CD  
14 1 Y 1 A GLU 152 ? OE1 ? A GLU 123 OE1 
15 1 Y 1 A GLU 152 ? OE2 ? A GLU 123 OE2 
16 1 Y 1 A SER 153 ? OG  ? A SER 124 OG  
17 1 Y 1 A LYS 156 ? CG  ? A LYS 127 CG  
18 1 Y 1 A LYS 156 ? CD  ? A LYS 127 CD  
19 1 Y 1 A LYS 156 ? CE  ? A LYS 127 CE  
20 1 Y 1 A LYS 156 ? NZ  ? A LYS 127 NZ  
21 1 Y 1 A LYS 160 ? CD  ? A LYS 131 CD  
22 1 Y 1 A LYS 160 ? CE  ? A LYS 131 CE  
23 1 Y 1 A LYS 160 ? NZ  ? A LYS 131 NZ  
24 1 Y 1 A LYS 186 ? CD  ? A LYS 157 CD  
25 1 Y 1 A LYS 186 ? CE  ? A LYS 157 CE  
26 1 Y 1 A LYS 186 ? NZ  ? A LYS 157 NZ  
27 1 Y 1 A LYS 188 ? CG  ? A LYS 159 CG  
28 1 Y 1 A LYS 188 ? CD  ? A LYS 159 CD  
29 1 Y 1 A LYS 188 ? CE  ? A LYS 159 CE  
30 1 Y 1 A LYS 188 ? NZ  ? A LYS 159 NZ  
# 
loop_
_pdbx_unobs_or_zero_occ_residues.id 
_pdbx_unobs_or_zero_occ_residues.PDB_model_num 
_pdbx_unobs_or_zero_occ_residues.polymer_flag 
_pdbx_unobs_or_zero_occ_residues.occupancy_flag 
_pdbx_unobs_or_zero_occ_residues.auth_asym_id 
_pdbx_unobs_or_zero_occ_residues.auth_comp_id 
_pdbx_unobs_or_zero_occ_residues.auth_seq_id 
_pdbx_unobs_or_zero_occ_residues.PDB_ins_code 
_pdbx_unobs_or_zero_occ_residues.label_asym_id 
_pdbx_unobs_or_zero_occ_residues.label_comp_id 
_pdbx_unobs_or_zero_occ_residues.label_seq_id 
1  1 Y 1 A MET 30  ? A MET 1   
2  1 Y 1 A GLY 31  ? A GLY 2   
3  1 Y 1 A SER 32  ? A SER 3   
4  1 Y 1 A SER 33  ? A SER 4   
5  1 Y 1 A HIS 34  ? A HIS 5   
6  1 Y 1 A HIS 35  ? A HIS 6   
7  1 Y 1 A HIS 36  ? A HIS 7   
8  1 Y 1 A HIS 37  ? A HIS 8   
9  1 Y 1 A HIS 38  ? A HIS 9   
10 1 Y 1 A HIS 39  ? A HIS 10  
11 1 Y 1 A SER 40  ? A SER 11  
12 1 Y 1 A SER 41  ? A SER 12  
13 1 Y 1 A GLY 42  ? A GLY 13  
14 1 Y 1 A LEU 43  ? A LEU 14  
15 1 Y 1 A VAL 44  ? A VAL 15  
16 1 Y 1 A PRO 45  ? A PRO 16  
17 1 Y 1 A ARG 46  ? A ARG 17  
18 1 Y 1 A GLY 47  ? A GLY 18  
19 1 Y 1 A SER 48  ? A SER 19  
20 1 Y 1 A HIS 49  ? A HIS 20  
21 1 Y 1 A MET 50  ? A MET 21  
22 1 Y 1 A HIS 51  ? A HIS 22  
23 1 Y 1 A GLY 52  ? A GLY 23  
24 1 Y 1 A GLN 53  ? A GLN 24  
25 1 Y 1 A VAL 54  ? A VAL 25  
26 1 Y 1 A ASP 55  ? A ASP 26  
27 1 Y 1 A SER 56  ? A SER 27  
28 1 Y 1 A ILE 141 ? A ILE 112 
29 1 Y 1 A PRO 142 ? A PRO 113 
30 1 Y 1 A TYR 143 ? A TYR 114 
31 1 Y 1 A ASN 144 ? A ASN 115 
32 1 Y 1 A PRO 145 ? A PRO 116 
33 1 Y 1 A GLN 146 ? A GLN 117 
34 1 Y 1 A SER 147 ? A SER 118 
35 1 Y 1 A GLN 148 ? A GLN 119 
36 1 Y 1 A GLY 189 ? A GLY 160 
37 1 Y 1 A GLY 190 ? A GLY 161 
38 1 Y 1 A ILE 191 ? A ILE 162 
39 1 Y 1 A GLY 192 ? A GLY 163 
40 1 Y 1 A GLN 209 ? A GLN 180 
# 
loop_
_chem_comp_atom.comp_id 
_chem_comp_atom.atom_id 
_chem_comp_atom.type_symbol 
_chem_comp_atom.pdbx_aromatic_flag 
_chem_comp_atom.pdbx_stereo_config 
_chem_comp_atom.pdbx_ordinal 
ALA N    N N N 1   
ALA CA   C N S 2   
ALA C    C N N 3   
ALA O    O N N 4   
ALA CB   C N N 5   
ALA OXT  O N N 6   
ALA H    H N N 7   
ALA H2   H N N 8   
ALA HA   H N N 9   
ALA HB1  H N N 10  
ALA HB2  H N N 11  
ALA HB3  H N N 12  
ALA HXT  H N N 13  
ARG N    N N N 14  
ARG CA   C N S 15  
ARG C    C N N 16  
ARG O    O N N 17  
ARG CB   C N N 18  
ARG CG   C N N 19  
ARG CD   C N N 20  
ARG NE   N N N 21  
ARG CZ   C N N 22  
ARG NH1  N N N 23  
ARG NH2  N N N 24  
ARG OXT  O N N 25  
ARG H    H N N 26  
ARG H2   H N N 27  
ARG HA   H N N 28  
ARG HB2  H N N 29  
ARG HB3  H N N 30  
ARG HG2  H N N 31  
ARG HG3  H N N 32  
ARG HD2  H N N 33  
ARG HD3  H N N 34  
ARG HE   H N N 35  
ARG HH11 H N N 36  
ARG HH12 H N N 37  
ARG HH21 H N N 38  
ARG HH22 H N N 39  
ARG HXT  H N N 40  
ASN N    N N N 41  
ASN CA   C N S 42  
ASN C    C N N 43  
ASN O    O N N 44  
ASN CB   C N N 45  
ASN CG   C N N 46  
ASN OD1  O N N 47  
ASN ND2  N N N 48  
ASN OXT  O N N 49  
ASN H    H N N 50  
ASN H2   H N N 51  
ASN HA   H N N 52  
ASN HB2  H N N 53  
ASN HB3  H N N 54  
ASN HD21 H N N 55  
ASN HD22 H N N 56  
ASN HXT  H N N 57  
ASP N    N N N 58  
ASP CA   C N S 59  
ASP C    C N N 60  
ASP O    O N N 61  
ASP CB   C N N 62  
ASP CG   C N N 63  
ASP OD1  O N N 64  
ASP OD2  O N N 65  
ASP OXT  O N N 66  
ASP H    H N N 67  
ASP H2   H N N 68  
ASP HA   H N N 69  
ASP HB2  H N N 70  
ASP HB3  H N N 71  
ASP HD2  H N N 72  
ASP HXT  H N N 73  
CYS N    N N N 74  
CYS CA   C N R 75  
CYS C    C N N 76  
CYS O    O N N 77  
CYS CB   C N N 78  
CYS SG   S N N 79  
CYS OXT  O N N 80  
CYS H    H N N 81  
CYS H2   H N N 82  
CYS HA   H N N 83  
CYS HB2  H N N 84  
CYS HB3  H N N 85  
CYS HG   H N N 86  
CYS HXT  H N N 87  
GLN N    N N N 88  
GLN CA   C N S 89  
GLN C    C N N 90  
GLN O    O N N 91  
GLN CB   C N N 92  
GLN CG   C N N 93  
GLN CD   C N N 94  
GLN OE1  O N N 95  
GLN NE2  N N N 96  
GLN OXT  O N N 97  
GLN H    H N N 98  
GLN H2   H N N 99  
GLN HA   H N N 100 
GLN HB2  H N N 101 
GLN HB3  H N N 102 
GLN HG2  H N N 103 
GLN HG3  H N N 104 
GLN HE21 H N N 105 
GLN HE22 H N N 106 
GLN HXT  H N N 107 
GLU N    N N N 108 
GLU CA   C N S 109 
GLU C    C N N 110 
GLU O    O N N 111 
GLU CB   C N N 112 
GLU CG   C N N 113 
GLU CD   C N N 114 
GLU OE1  O N N 115 
GLU OE2  O N N 116 
GLU OXT  O N N 117 
GLU H    H N N 118 
GLU H2   H N N 119 
GLU HA   H N N 120 
GLU HB2  H N N 121 
GLU HB3  H N N 122 
GLU HG2  H N N 123 
GLU HG3  H N N 124 
GLU HE2  H N N 125 
GLU HXT  H N N 126 
GLY N    N N N 127 
GLY CA   C N N 128 
GLY C    C N N 129 
GLY O    O N N 130 
GLY OXT  O N N 131 
GLY H    H N N 132 
GLY H2   H N N 133 
GLY HA2  H N N 134 
GLY HA3  H N N 135 
GLY HXT  H N N 136 
HIS N    N N N 137 
HIS CA   C N S 138 
HIS C    C N N 139 
HIS O    O N N 140 
HIS CB   C N N 141 
HIS CG   C Y N 142 
HIS ND1  N Y N 143 
HIS CD2  C Y N 144 
HIS CE1  C Y N 145 
HIS NE2  N Y N 146 
HIS OXT  O N N 147 
HIS H    H N N 148 
HIS H2   H N N 149 
HIS HA   H N N 150 
HIS HB2  H N N 151 
HIS HB3  H N N 152 
HIS HD1  H N N 153 
HIS HD2  H N N 154 
HIS HE1  H N N 155 
HIS HE2  H N N 156 
HIS HXT  H N N 157 
HOH O    O N N 158 
HOH H1   H N N 159 
HOH H2   H N N 160 
ILE N    N N N 161 
ILE CA   C N S 162 
ILE C    C N N 163 
ILE O    O N N 164 
ILE CB   C N S 165 
ILE CG1  C N N 166 
ILE CG2  C N N 167 
ILE CD1  C N N 168 
ILE OXT  O N N 169 
ILE H    H N N 170 
ILE H2   H N N 171 
ILE HA   H N N 172 
ILE HB   H N N 173 
ILE HG12 H N N 174 
ILE HG13 H N N 175 
ILE HG21 H N N 176 
ILE HG22 H N N 177 
ILE HG23 H N N 178 
ILE HD11 H N N 179 
ILE HD12 H N N 180 
ILE HD13 H N N 181 
ILE HXT  H N N 182 
KZD C13  C N N 183 
KZD C17  C N N 184 
KZD C16  C N S 185 
KZD C15  C Y N 186 
KZD C21  C N N 187 
KZD C22  C N N 188 
KZD C23  C N N 189 
KZD C24  C N N 190 
KZD C11  C Y N 191 
KZD C12  C Y N 192 
KZD C34  C Y N 193 
KZD C27  C Y N 194 
KZD C33  C N N 195 
KZD C1   C N N 196 
KZD C2   C N N 197 
KZD N3   N N N 198 
KZD C4   C N N 199 
KZD C5   C N N 200 
KZD C6   C N N 201 
KZD C7   C Y N 202 
KZD C8   C Y N 203 
KZD C9   C Y N 204 
KZD N10  N Y N 205 
KZD C14  C N N 206 
KZD O18  O N N 207 
KZD O19  O N N 208 
KZD O20  O N N 209 
KZD C25  C N N 210 
KZD C26  C Y N 211 
KZD C28  C Y N 212 
KZD C29  C Y N 213 
KZD C30  C Y N 214 
KZD O31  O N N 215 
KZD C32  C N N 216 
KZD C35  C Y N 217 
KZD C36  C Y N 218 
KZD C37  C Y N 219 
KZD C38  C Y N 220 
KZD C39  C Y N 221 
KZD N41  N Y N 222 
KZD C42  C Y N 223 
KZD C43  C Y N 224 
KZD C44  C N N 225 
KZD F40  F N N 226 
KZD H1   H N N 227 
KZD H2   H N N 228 
KZD H3   H N N 229 
KZD H4   H N N 230 
KZD H5   H N N 231 
KZD H6   H N N 232 
KZD H7   H N N 233 
KZD H8   H N N 234 
KZD H9   H N N 235 
KZD H10  H N N 236 
KZD H11  H N N 237 
KZD H12  H N N 238 
KZD H13  H N N 239 
KZD H14  H N N 240 
KZD H15  H N N 241 
KZD H16  H N N 242 
KZD H17  H N N 243 
KZD H18  H N N 244 
KZD H19  H N N 245 
KZD H20  H N N 246 
KZD H21  H N N 247 
KZD H22  H N N 248 
KZD H23  H N N 249 
KZD H24  H N N 250 
KZD H25  H N N 251 
KZD H26  H N N 252 
KZD H27  H N N 253 
KZD H28  H N N 254 
KZD H29  H N N 255 
KZD H30  H N N 256 
KZD H31  H N N 257 
KZD H32  H N N 258 
KZD H33  H N N 259 
KZD H34  H N N 260 
KZD H35  H N N 261 
KZD H36  H N N 262 
KZD H37  H N N 263 
KZD H38  H N N 264 
KZD H39  H N N 265 
KZD H40  H N N 266 
KZD H41  H N N 267 
KZD H42  H N N 268 
KZD H43  H N N 269 
KZD H44  H N N 270 
LEU N    N N N 271 
LEU CA   C N S 272 
LEU C    C N N 273 
LEU O    O N N 274 
LEU CB   C N N 275 
LEU CG   C N N 276 
LEU CD1  C N N 277 
LEU CD2  C N N 278 
LEU OXT  O N N 279 
LEU H    H N N 280 
LEU H2   H N N 281 
LEU HA   H N N 282 
LEU HB2  H N N 283 
LEU HB3  H N N 284 
LEU HG   H N N 285 
LEU HD11 H N N 286 
LEU HD12 H N N 287 
LEU HD13 H N N 288 
LEU HD21 H N N 289 
LEU HD22 H N N 290 
LEU HD23 H N N 291 
LEU HXT  H N N 292 
LYS N    N N N 293 
LYS CA   C N S 294 
LYS C    C N N 295 
LYS O    O N N 296 
LYS CB   C N N 297 
LYS CG   C N N 298 
LYS CD   C N N 299 
LYS CE   C N N 300 
LYS NZ   N N N 301 
LYS OXT  O N N 302 
LYS H    H N N 303 
LYS H2   H N N 304 
LYS HA   H N N 305 
LYS HB2  H N N 306 
LYS HB3  H N N 307 
LYS HG2  H N N 308 
LYS HG3  H N N 309 
LYS HD2  H N N 310 
LYS HD3  H N N 311 
LYS HE2  H N N 312 
LYS HE3  H N N 313 
LYS HZ1  H N N 314 
LYS HZ2  H N N 315 
LYS HZ3  H N N 316 
LYS HXT  H N N 317 
MET N    N N N 318 
MET CA   C N S 319 
MET C    C N N 320 
MET O    O N N 321 
MET CB   C N N 322 
MET CG   C N N 323 
MET SD   S N N 324 
MET CE   C N N 325 
MET OXT  O N N 326 
MET H    H N N 327 
MET H2   H N N 328 
MET HA   H N N 329 
MET HB2  H N N 330 
MET HB3  H N N 331 
MET HG2  H N N 332 
MET HG3  H N N 333 
MET HE1  H N N 334 
MET HE2  H N N 335 
MET HE3  H N N 336 
MET HXT  H N N 337 
PHE N    N N N 338 
PHE CA   C N S 339 
PHE C    C N N 340 
PHE O    O N N 341 
PHE CB   C N N 342 
PHE CG   C Y N 343 
PHE CD1  C Y N 344 
PHE CD2  C Y N 345 
PHE CE1  C Y N 346 
PHE CE2  C Y N 347 
PHE CZ   C Y N 348 
PHE OXT  O N N 349 
PHE H    H N N 350 
PHE H2   H N N 351 
PHE HA   H N N 352 
PHE HB2  H N N 353 
PHE HB3  H N N 354 
PHE HD1  H N N 355 
PHE HD2  H N N 356 
PHE HE1  H N N 357 
PHE HE2  H N N 358 
PHE HZ   H N N 359 
PHE HXT  H N N 360 
PRO N    N N N 361 
PRO CA   C N S 362 
PRO C    C N N 363 
PRO O    O N N 364 
PRO CB   C N N 365 
PRO CG   C N N 366 
PRO CD   C N N 367 
PRO OXT  O N N 368 
PRO H    H N N 369 
PRO HA   H N N 370 
PRO HB2  H N N 371 
PRO HB3  H N N 372 
PRO HG2  H N N 373 
PRO HG3  H N N 374 
PRO HD2  H N N 375 
PRO HD3  H N N 376 
PRO HXT  H N N 377 
SER N    N N N 378 
SER CA   C N S 379 
SER C    C N N 380 
SER O    O N N 381 
SER CB   C N N 382 
SER OG   O N N 383 
SER OXT  O N N 384 
SER H    H N N 385 
SER H2   H N N 386 
SER HA   H N N 387 
SER HB2  H N N 388 
SER HB3  H N N 389 
SER HG   H N N 390 
SER HXT  H N N 391 
SO4 S    S N N 392 
SO4 O1   O N N 393 
SO4 O2   O N N 394 
SO4 O3   O N N 395 
SO4 O4   O N N 396 
THR N    N N N 397 
THR CA   C N S 398 
THR C    C N N 399 
THR O    O N N 400 
THR CB   C N R 401 
THR OG1  O N N 402 
THR CG2  C N N 403 
THR OXT  O N N 404 
THR H    H N N 405 
THR H2   H N N 406 
THR HA   H N N 407 
THR HB   H N N 408 
THR HG1  H N N 409 
THR HG21 H N N 410 
THR HG22 H N N 411 
THR HG23 H N N 412 
THR HXT  H N N 413 
TRP N    N N N 414 
TRP CA   C N S 415 
TRP C    C N N 416 
TRP O    O N N 417 
TRP CB   C N N 418 
TRP CG   C Y N 419 
TRP CD1  C Y N 420 
TRP CD2  C Y N 421 
TRP NE1  N Y N 422 
TRP CE2  C Y N 423 
TRP CE3  C Y N 424 
TRP CZ2  C Y N 425 
TRP CZ3  C Y N 426 
TRP CH2  C Y N 427 
TRP OXT  O N N 428 
TRP H    H N N 429 
TRP H2   H N N 430 
TRP HA   H N N 431 
TRP HB2  H N N 432 
TRP HB3  H N N 433 
TRP HD1  H N N 434 
TRP HE1  H N N 435 
TRP HE3  H N N 436 
TRP HZ2  H N N 437 
TRP HZ3  H N N 438 
TRP HH2  H N N 439 
TRP HXT  H N N 440 
TYR N    N N N 441 
TYR CA   C N S 442 
TYR C    C N N 443 
TYR O    O N N 444 
TYR CB   C N N 445 
TYR CG   C Y N 446 
TYR CD1  C Y N 447 
TYR CD2  C Y N 448 
TYR CE1  C Y N 449 
TYR CE2  C Y N 450 
TYR CZ   C Y N 451 
TYR OH   O N N 452 
TYR OXT  O N N 453 
TYR H    H N N 454 
TYR H2   H N N 455 
TYR HA   H N N 456 
TYR HB2  H N N 457 
TYR HB3  H N N 458 
TYR HD1  H N N 459 
TYR HD2  H N N 460 
TYR HE1  H N N 461 
TYR HE2  H N N 462 
TYR HH   H N N 463 
TYR HXT  H N N 464 
VAL N    N N N 465 
VAL CA   C N S 466 
VAL C    C N N 467 
VAL O    O N N 468 
VAL CB   C N N 469 
VAL CG1  C N N 470 
VAL CG2  C N N 471 
VAL OXT  O N N 472 
VAL H    H N N 473 
VAL H2   H N N 474 
VAL HA   H N N 475 
VAL HB   H N N 476 
VAL HG11 H N N 477 
VAL HG12 H N N 478 
VAL HG13 H N N 479 
VAL HG21 H N N 480 
VAL HG22 H N N 481 
VAL HG23 H N N 482 
VAL HXT  H N N 483 
# 
loop_
_chem_comp_bond.comp_id 
_chem_comp_bond.atom_id_1 
_chem_comp_bond.atom_id_2 
_chem_comp_bond.value_order 
_chem_comp_bond.pdbx_aromatic_flag 
_chem_comp_bond.pdbx_stereo_config 
_chem_comp_bond.pdbx_ordinal 
ALA N   CA   sing N N 1   
ALA N   H    sing N N 2   
ALA N   H2   sing N N 3   
ALA CA  C    sing N N 4   
ALA CA  CB   sing N N 5   
ALA CA  HA   sing N N 6   
ALA C   O    doub N N 7   
ALA C   OXT  sing N N 8   
ALA CB  HB1  sing N N 9   
ALA CB  HB2  sing N N 10  
ALA CB  HB3  sing N N 11  
ALA OXT HXT  sing N N 12  
ARG N   CA   sing N N 13  
ARG N   H    sing N N 14  
ARG N   H2   sing N N 15  
ARG CA  C    sing N N 16  
ARG CA  CB   sing N N 17  
ARG CA  HA   sing N N 18  
ARG C   O    doub N N 19  
ARG C   OXT  sing N N 20  
ARG CB  CG   sing N N 21  
ARG CB  HB2  sing N N 22  
ARG CB  HB3  sing N N 23  
ARG CG  CD   sing N N 24  
ARG CG  HG2  sing N N 25  
ARG CG  HG3  sing N N 26  
ARG CD  NE   sing N N 27  
ARG CD  HD2  sing N N 28  
ARG CD  HD3  sing N N 29  
ARG NE  CZ   sing N N 30  
ARG NE  HE   sing N N 31  
ARG CZ  NH1  sing N N 32  
ARG CZ  NH2  doub N N 33  
ARG NH1 HH11 sing N N 34  
ARG NH1 HH12 sing N N 35  
ARG NH2 HH21 sing N N 36  
ARG NH2 HH22 sing N N 37  
ARG OXT HXT  sing N N 38  
ASN N   CA   sing N N 39  
ASN N   H    sing N N 40  
ASN N   H2   sing N N 41  
ASN CA  C    sing N N 42  
ASN CA  CB   sing N N 43  
ASN CA  HA   sing N N 44  
ASN C   O    doub N N 45  
ASN C   OXT  sing N N 46  
ASN CB  CG   sing N N 47  
ASN CB  HB2  sing N N 48  
ASN CB  HB3  sing N N 49  
ASN CG  OD1  doub N N 50  
ASN CG  ND2  sing N N 51  
ASN ND2 HD21 sing N N 52  
ASN ND2 HD22 sing N N 53  
ASN OXT HXT  sing N N 54  
ASP N   CA   sing N N 55  
ASP N   H    sing N N 56  
ASP N   H2   sing N N 57  
ASP CA  C    sing N N 58  
ASP CA  CB   sing N N 59  
ASP CA  HA   sing N N 60  
ASP C   O    doub N N 61  
ASP C   OXT  sing N N 62  
ASP CB  CG   sing N N 63  
ASP CB  HB2  sing N N 64  
ASP CB  HB3  sing N N 65  
ASP CG  OD1  doub N N 66  
ASP CG  OD2  sing N N 67  
ASP OD2 HD2  sing N N 68  
ASP OXT HXT  sing N N 69  
CYS N   CA   sing N N 70  
CYS N   H    sing N N 71  
CYS N   H2   sing N N 72  
CYS CA  C    sing N N 73  
CYS CA  CB   sing N N 74  
CYS CA  HA   sing N N 75  
CYS C   O    doub N N 76  
CYS C   OXT  sing N N 77  
CYS CB  SG   sing N N 78  
CYS CB  HB2  sing N N 79  
CYS CB  HB3  sing N N 80  
CYS SG  HG   sing N N 81  
CYS OXT HXT  sing N N 82  
GLN N   CA   sing N N 83  
GLN N   H    sing N N 84  
GLN N   H2   sing N N 85  
GLN CA  C    sing N N 86  
GLN CA  CB   sing N N 87  
GLN CA  HA   sing N N 88  
GLN C   O    doub N N 89  
GLN C   OXT  sing N N 90  
GLN CB  CG   sing N N 91  
GLN CB  HB2  sing N N 92  
GLN CB  HB3  sing N N 93  
GLN CG  CD   sing N N 94  
GLN CG  HG2  sing N N 95  
GLN CG  HG3  sing N N 96  
GLN CD  OE1  doub N N 97  
GLN CD  NE2  sing N N 98  
GLN NE2 HE21 sing N N 99  
GLN NE2 HE22 sing N N 100 
GLN OXT HXT  sing N N 101 
GLU N   CA   sing N N 102 
GLU N   H    sing N N 103 
GLU N   H2   sing N N 104 
GLU CA  C    sing N N 105 
GLU CA  CB   sing N N 106 
GLU CA  HA   sing N N 107 
GLU C   O    doub N N 108 
GLU C   OXT  sing N N 109 
GLU CB  CG   sing N N 110 
GLU CB  HB2  sing N N 111 
GLU CB  HB3  sing N N 112 
GLU CG  CD   sing N N 113 
GLU CG  HG2  sing N N 114 
GLU CG  HG3  sing N N 115 
GLU CD  OE1  doub N N 116 
GLU CD  OE2  sing N N 117 
GLU OE2 HE2  sing N N 118 
GLU OXT HXT  sing N N 119 
GLY N   CA   sing N N 120 
GLY N   H    sing N N 121 
GLY N   H2   sing N N 122 
GLY CA  C    sing N N 123 
GLY CA  HA2  sing N N 124 
GLY CA  HA3  sing N N 125 
GLY C   O    doub N N 126 
GLY C   OXT  sing N N 127 
GLY OXT HXT  sing N N 128 
HIS N   CA   sing N N 129 
HIS N   H    sing N N 130 
HIS N   H2   sing N N 131 
HIS CA  C    sing N N 132 
HIS CA  CB   sing N N 133 
HIS CA  HA   sing N N 134 
HIS C   O    doub N N 135 
HIS C   OXT  sing N N 136 
HIS CB  CG   sing N N 137 
HIS CB  HB2  sing N N 138 
HIS CB  HB3  sing N N 139 
HIS CG  ND1  sing Y N 140 
HIS CG  CD2  doub Y N 141 
HIS ND1 CE1  doub Y N 142 
HIS ND1 HD1  sing N N 143 
HIS CD2 NE2  sing Y N 144 
HIS CD2 HD2  sing N N 145 
HIS CE1 NE2  sing Y N 146 
HIS CE1 HE1  sing N N 147 
HIS NE2 HE2  sing N N 148 
HIS OXT HXT  sing N N 149 
HOH O   H1   sing N N 150 
HOH O   H2   sing N N 151 
ILE N   CA   sing N N 152 
ILE N   H    sing N N 153 
ILE N   H2   sing N N 154 
ILE CA  C    sing N N 155 
ILE CA  CB   sing N N 156 
ILE CA  HA   sing N N 157 
ILE C   O    doub N N 158 
ILE C   OXT  sing N N 159 
ILE CB  CG1  sing N N 160 
ILE CB  CG2  sing N N 161 
ILE CB  HB   sing N N 162 
ILE CG1 CD1  sing N N 163 
ILE CG1 HG12 sing N N 164 
ILE CG1 HG13 sing N N 165 
ILE CG2 HG21 sing N N 166 
ILE CG2 HG22 sing N N 167 
ILE CG2 HG23 sing N N 168 
ILE CD1 HD11 sing N N 169 
ILE CD1 HD12 sing N N 170 
ILE CD1 HD13 sing N N 171 
ILE OXT HXT  sing N N 172 
KZD O18 C17  doub N N 173 
KZD O19 C17  sing N N 174 
KZD C32 C33  sing N N 175 
KZD C32 O31  sing N N 176 
KZD C2  C1   sing N N 177 
KZD C2  N3   sing N N 178 
KZD C33 C34  sing N N 179 
KZD C17 C16  sing N N 180 
KZD C1  C6   sing N N 181 
KZD C29 C30  doub Y N 182 
KZD C29 C28  sing Y N 183 
KZD C14 C6   sing N N 184 
KZD C30 C15  sing Y N 185 
KZD C35 C34  doub Y N 186 
KZD C35 C36  sing Y N 187 
KZD C6  C13  sing N N 188 
KZD C6  C5   sing N N 189 
KZD C34 C39  sing Y N 190 
KZD O31 C28  sing N N 191 
KZD C28 C27  doub Y N 192 
KZD C36 C37  doub Y N 193 
KZD C16 C12  sing N N 194 
KZD C16 O20  sing N N 195 
KZD N3  C7   sing N N 196 
KZD N3  C4   sing N N 197 
KZD C7  C12  sing Y N 198 
KZD C7  C8   doub Y N 199 
KZD C12 C11  doub Y N 200 
KZD C15 C8   sing N N 201 
KZD C15 C26  doub Y N 202 
KZD C8  C9   sing Y N 203 
KZD C11 C25  sing N N 204 
KZD C11 N10  sing Y N 205 
KZD C9  N10  sing Y N 206 
KZD C9  N41  doub Y N 207 
KZD N10 C43  sing Y N 208 
KZD C4  C5   sing N N 209 
KZD C39 C38  doub Y N 210 
KZD N41 C42  sing Y N 211 
KZD O20 C21  sing N N 212 
KZD C43 C42  doub Y N 213 
KZD C27 C26  sing Y N 214 
KZD C37 C38  sing Y N 215 
KZD C37 F40  sing N N 216 
KZD C42 C44  sing N N 217 
KZD C23 C21  sing N N 218 
KZD C21 C22  sing N N 219 
KZD C21 C24  sing N N 220 
KZD C13 H1   sing N N 221 
KZD C13 H2   sing N N 222 
KZD C13 H3   sing N N 223 
KZD C16 H4   sing N N 224 
KZD C22 H5   sing N N 225 
KZD C22 H6   sing N N 226 
KZD C22 H7   sing N N 227 
KZD C23 H8   sing N N 228 
KZD C23 H9   sing N N 229 
KZD C23 H10  sing N N 230 
KZD C24 H11  sing N N 231 
KZD C24 H12  sing N N 232 
KZD C24 H13  sing N N 233 
KZD C27 H14  sing N N 234 
KZD C33 H15  sing N N 235 
KZD C33 H16  sing N N 236 
KZD C1  H17  sing N N 237 
KZD C1  H18  sing N N 238 
KZD C2  H19  sing N N 239 
KZD C2  H20  sing N N 240 
KZD C4  H21  sing N N 241 
KZD C4  H22  sing N N 242 
KZD C5  H23  sing N N 243 
KZD C5  H24  sing N N 244 
KZD C14 H25  sing N N 245 
KZD C14 H26  sing N N 246 
KZD C14 H27  sing N N 247 
KZD O19 H28  sing N N 248 
KZD C25 H29  sing N N 249 
KZD C25 H30  sing N N 250 
KZD C25 H31  sing N N 251 
KZD C26 H32  sing N N 252 
KZD C29 H33  sing N N 253 
KZD C30 H34  sing N N 254 
KZD C32 H35  sing N N 255 
KZD C32 H36  sing N N 256 
KZD C35 H37  sing N N 257 
KZD C36 H38  sing N N 258 
KZD C38 H39  sing N N 259 
KZD C39 H40  sing N N 260 
KZD C43 H41  sing N N 261 
KZD C44 H42  sing N N 262 
KZD C44 H43  sing N N 263 
KZD C44 H44  sing N N 264 
LEU N   CA   sing N N 265 
LEU N   H    sing N N 266 
LEU N   H2   sing N N 267 
LEU CA  C    sing N N 268 
LEU CA  CB   sing N N 269 
LEU CA  HA   sing N N 270 
LEU C   O    doub N N 271 
LEU C   OXT  sing N N 272 
LEU CB  CG   sing N N 273 
LEU CB  HB2  sing N N 274 
LEU CB  HB3  sing N N 275 
LEU CG  CD1  sing N N 276 
LEU CG  CD2  sing N N 277 
LEU CG  HG   sing N N 278 
LEU CD1 HD11 sing N N 279 
LEU CD1 HD12 sing N N 280 
LEU CD1 HD13 sing N N 281 
LEU CD2 HD21 sing N N 282 
LEU CD2 HD22 sing N N 283 
LEU CD2 HD23 sing N N 284 
LEU OXT HXT  sing N N 285 
LYS N   CA   sing N N 286 
LYS N   H    sing N N 287 
LYS N   H2   sing N N 288 
LYS CA  C    sing N N 289 
LYS CA  CB   sing N N 290 
LYS CA  HA   sing N N 291 
LYS C   O    doub N N 292 
LYS C   OXT  sing N N 293 
LYS CB  CG   sing N N 294 
LYS CB  HB2  sing N N 295 
LYS CB  HB3  sing N N 296 
LYS CG  CD   sing N N 297 
LYS CG  HG2  sing N N 298 
LYS CG  HG3  sing N N 299 
LYS CD  CE   sing N N 300 
LYS CD  HD2  sing N N 301 
LYS CD  HD3  sing N N 302 
LYS CE  NZ   sing N N 303 
LYS CE  HE2  sing N N 304 
LYS CE  HE3  sing N N 305 
LYS NZ  HZ1  sing N N 306 
LYS NZ  HZ2  sing N N 307 
LYS NZ  HZ3  sing N N 308 
LYS OXT HXT  sing N N 309 
MET N   CA   sing N N 310 
MET N   H    sing N N 311 
MET N   H2   sing N N 312 
MET CA  C    sing N N 313 
MET CA  CB   sing N N 314 
MET CA  HA   sing N N 315 
MET C   O    doub N N 316 
MET C   OXT  sing N N 317 
MET CB  CG   sing N N 318 
MET CB  HB2  sing N N 319 
MET CB  HB3  sing N N 320 
MET CG  SD   sing N N 321 
MET CG  HG2  sing N N 322 
MET CG  HG3  sing N N 323 
MET SD  CE   sing N N 324 
MET CE  HE1  sing N N 325 
MET CE  HE2  sing N N 326 
MET CE  HE3  sing N N 327 
MET OXT HXT  sing N N 328 
PHE N   CA   sing N N 329 
PHE N   H    sing N N 330 
PHE N   H2   sing N N 331 
PHE CA  C    sing N N 332 
PHE CA  CB   sing N N 333 
PHE CA  HA   sing N N 334 
PHE C   O    doub N N 335 
PHE C   OXT  sing N N 336 
PHE CB  CG   sing N N 337 
PHE CB  HB2  sing N N 338 
PHE CB  HB3  sing N N 339 
PHE CG  CD1  doub Y N 340 
PHE CG  CD2  sing Y N 341 
PHE CD1 CE1  sing Y N 342 
PHE CD1 HD1  sing N N 343 
PHE CD2 CE2  doub Y N 344 
PHE CD2 HD2  sing N N 345 
PHE CE1 CZ   doub Y N 346 
PHE CE1 HE1  sing N N 347 
PHE CE2 CZ   sing Y N 348 
PHE CE2 HE2  sing N N 349 
PHE CZ  HZ   sing N N 350 
PHE OXT HXT  sing N N 351 
PRO N   CA   sing N N 352 
PRO N   CD   sing N N 353 
PRO N   H    sing N N 354 
PRO CA  C    sing N N 355 
PRO CA  CB   sing N N 356 
PRO CA  HA   sing N N 357 
PRO C   O    doub N N 358 
PRO C   OXT  sing N N 359 
PRO CB  CG   sing N N 360 
PRO CB  HB2  sing N N 361 
PRO CB  HB3  sing N N 362 
PRO CG  CD   sing N N 363 
PRO CG  HG2  sing N N 364 
PRO CG  HG3  sing N N 365 
PRO CD  HD2  sing N N 366 
PRO CD  HD3  sing N N 367 
PRO OXT HXT  sing N N 368 
SER N   CA   sing N N 369 
SER N   H    sing N N 370 
SER N   H2   sing N N 371 
SER CA  C    sing N N 372 
SER CA  CB   sing N N 373 
SER CA  HA   sing N N 374 
SER C   O    doub N N 375 
SER C   OXT  sing N N 376 
SER CB  OG   sing N N 377 
SER CB  HB2  sing N N 378 
SER CB  HB3  sing N N 379 
SER OG  HG   sing N N 380 
SER OXT HXT  sing N N 381 
SO4 S   O1   doub N N 382 
SO4 S   O2   doub N N 383 
SO4 S   O3   sing N N 384 
SO4 S   O4   sing N N 385 
THR N   CA   sing N N 386 
THR N   H    sing N N 387 
THR N   H2   sing N N 388 
THR CA  C    sing N N 389 
THR CA  CB   sing N N 390 
THR CA  HA   sing N N 391 
THR C   O    doub N N 392 
THR C   OXT  sing N N 393 
THR CB  OG1  sing N N 394 
THR CB  CG2  sing N N 395 
THR CB  HB   sing N N 396 
THR OG1 HG1  sing N N 397 
THR CG2 HG21 sing N N 398 
THR CG2 HG22 sing N N 399 
THR CG2 HG23 sing N N 400 
THR OXT HXT  sing N N 401 
TRP N   CA   sing N N 402 
TRP N   H    sing N N 403 
TRP N   H2   sing N N 404 
TRP CA  C    sing N N 405 
TRP CA  CB   sing N N 406 
TRP CA  HA   sing N N 407 
TRP C   O    doub N N 408 
TRP C   OXT  sing N N 409 
TRP CB  CG   sing N N 410 
TRP CB  HB2  sing N N 411 
TRP CB  HB3  sing N N 412 
TRP CG  CD1  doub Y N 413 
TRP CG  CD2  sing Y N 414 
TRP CD1 NE1  sing Y N 415 
TRP CD1 HD1  sing N N 416 
TRP CD2 CE2  doub Y N 417 
TRP CD2 CE3  sing Y N 418 
TRP NE1 CE2  sing Y N 419 
TRP NE1 HE1  sing N N 420 
TRP CE2 CZ2  sing Y N 421 
TRP CE3 CZ3  doub Y N 422 
TRP CE3 HE3  sing N N 423 
TRP CZ2 CH2  doub Y N 424 
TRP CZ2 HZ2  sing N N 425 
TRP CZ3 CH2  sing Y N 426 
TRP CZ3 HZ3  sing N N 427 
TRP CH2 HH2  sing N N 428 
TRP OXT HXT  sing N N 429 
TYR N   CA   sing N N 430 
TYR N   H    sing N N 431 
TYR N   H2   sing N N 432 
TYR CA  C    sing N N 433 
TYR CA  CB   sing N N 434 
TYR CA  HA   sing N N 435 
TYR C   O    doub N N 436 
TYR C   OXT  sing N N 437 
TYR CB  CG   sing N N 438 
TYR CB  HB2  sing N N 439 
TYR CB  HB3  sing N N 440 
TYR CG  CD1  doub Y N 441 
TYR CG  CD2  sing Y N 442 
TYR CD1 CE1  sing Y N 443 
TYR CD1 HD1  sing N N 444 
TYR CD2 CE2  doub Y N 445 
TYR CD2 HD2  sing N N 446 
TYR CE1 CZ   doub Y N 447 
TYR CE1 HE1  sing N N 448 
TYR CE2 CZ   sing Y N 449 
TYR CE2 HE2  sing N N 450 
TYR CZ  OH   sing N N 451 
TYR OH  HH   sing N N 452 
TYR OXT HXT  sing N N 453 
VAL N   CA   sing N N 454 
VAL N   H    sing N N 455 
VAL N   H2   sing N N 456 
VAL CA  C    sing N N 457 
VAL CA  CB   sing N N 458 
VAL CA  HA   sing N N 459 
VAL C   O    doub N N 460 
VAL C   OXT  sing N N 461 
VAL CB  CG1  sing N N 462 
VAL CB  CG2  sing N N 463 
VAL CB  HB   sing N N 464 
VAL CG1 HG11 sing N N 465 
VAL CG1 HG12 sing N N 466 
VAL CG1 HG13 sing N N 467 
VAL CG2 HG21 sing N N 468 
VAL CG2 HG22 sing N N 469 
VAL CG2 HG23 sing N N 470 
VAL OXT HXT  sing N N 471 
# 
_pdbx_audit_support.funding_organization   'Not funded' 
_pdbx_audit_support.country                ? 
_pdbx_audit_support.grant_number           ? 
_pdbx_audit_support.ordinal                1 
# 
_pdbx_entity_instance_feature.ordinal        1 
_pdbx_entity_instance_feature.comp_id        KZD 
_pdbx_entity_instance_feature.asym_id        ? 
_pdbx_entity_instance_feature.seq_num        ? 
_pdbx_entity_instance_feature.auth_comp_id   KZD 
_pdbx_entity_instance_feature.auth_asym_id   ? 
_pdbx_entity_instance_feature.auth_seq_num   ? 
_pdbx_entity_instance_feature.feature_type   'SUBJECT OF INVESTIGATION' 
_pdbx_entity_instance_feature.details        ? 
# 
loop_
_pdbx_entity_nonpoly.entity_id 
_pdbx_entity_nonpoly.name 
_pdbx_entity_nonpoly.comp_id 
2 
;(2S)-tert-butoxy[(4S)-7-(4,4-dimethylpiperidin-1-yl)-8-{4-[2-(4-fluorophenyl)ethoxy]phenyl}-2,5-dimethylimidazo[1,2-a]pyridin-6-yl]acetic acid
;
KZD 
3 'SULFATE ION' SO4 
4 water HOH 
# 
_pdbx_initial_refinement_model.id               1 
_pdbx_initial_refinement_model.entity_id_list   ? 
_pdbx_initial_refinement_model.type             'experimental model' 
_pdbx_initial_refinement_model.source_name      PDB 
_pdbx_initial_refinement_model.accession_code   6UM8 
_pdbx_initial_refinement_model.details          ? 
# 
_pdbx_struct_assembly_auth_evidence.id                     1 
_pdbx_struct_assembly_auth_evidence.assembly_id            1 
_pdbx_struct_assembly_auth_evidence.experimental_support   none 
_pdbx_struct_assembly_auth_evidence.details                ? 
# 
